data_8T7J
#
_entry.id   8T7J
#
_cell.length_a   142.590
_cell.length_b   220.986
_cell.length_c   96.735
_cell.angle_alpha   90.000
_cell.angle_beta   90.000
_cell.angle_gamma   90.000
#
_symmetry.space_group_name_H-M   'C 2 2 21'
#
loop_
_entity.id
_entity.type
_entity.pdbx_description
1 polymer 'Putative selenocysteine synthase'
2 non-polymer 1,2-ETHANEDIOL
3 non-polymer 'PHOSPHATE ION'
4 water water
#
_entity_poly.entity_id   1
_entity_poly.type   'polypeptide(L)'
_entity_poly.pdbx_seq_one_letter_code
;MNELEFHPHADRRTGSHTMEYQHLGVVPVVSAQANSTPLGGCTLSDGVIRAMGDAARFHVDMEQLWQAAGSFLAEATGSE
DACPVTGAAAGMAIAVAACVAGTDGLRVQRLPDPGDQPNEIVLQKGHSISYGGAPLAQMIALGGGRAVEVGAVNETPRSH
VASAVTRRTAALVYVTSRTHAVHRKGVPLDELVAIGREHGVPVIVDAAGEGGLRRWVASGADLVIYSGP(LLP)MLGAPT
SGFICGRGDLVAACRAQYSGIARPMKVGKENLLGLLQAVREYTAVPEEQRAAEQLERMTKLAARLDKIPGLSARTAQDDS
GRTIYRVLLTVDPAAAGRSAATLAEEMRAGIPSIYLRDFKLHLGQLEVDPRALSPDGEESVVRRLEELLLDHGGAPTGME
DAR
;
_entity_poly.pdbx_strand_id   A,B,C,D
#
# COMPACT_ATOMS: atom_id res chain seq x y z
N SER A 16 10.02 -34.68 35.14
CA SER A 16 9.84 -34.16 33.80
C SER A 16 8.92 -35.06 32.98
N HIS A 17 7.63 -34.98 33.25
CA HIS A 17 6.63 -35.77 32.54
C HIS A 17 6.09 -34.97 31.36
N THR A 18 6.00 -35.62 30.21
CA THR A 18 5.52 -34.95 29.00
C THR A 18 4.02 -34.70 29.07
N MET A 19 3.54 -33.86 28.17
CA MET A 19 2.13 -33.48 28.15
C MET A 19 1.28 -34.62 27.61
N GLU A 20 0.21 -34.95 28.34
CA GLU A 20 -0.72 -36.01 27.95
C GLU A 20 -2.14 -35.48 28.05
N TYR A 21 -3.07 -36.23 27.46
CA TYR A 21 -4.48 -35.85 27.49
C TYR A 21 -4.98 -35.70 28.93
N GLN A 22 -4.53 -36.57 29.83
CA GLN A 22 -5.01 -36.51 31.21
C GLN A 22 -4.56 -35.25 31.92
N HIS A 23 -3.40 -34.70 31.56
CA HIS A 23 -2.93 -33.47 32.18
C HIS A 23 -3.86 -32.30 31.86
N LEU A 24 -4.54 -32.36 30.73
CA LEU A 24 -5.47 -31.31 30.32
C LEU A 24 -6.90 -31.58 30.77
N GLY A 25 -7.17 -32.73 31.38
CA GLY A 25 -8.51 -33.09 31.75
C GLY A 25 -9.33 -33.71 30.64
N VAL A 26 -8.71 -34.04 29.51
CA VAL A 26 -9.40 -34.65 28.38
C VAL A 26 -9.28 -36.16 28.50
N VAL A 27 -10.42 -36.84 28.55
CA VAL A 27 -10.44 -38.30 28.63
C VAL A 27 -10.66 -38.84 27.22
N PRO A 28 -9.94 -39.88 26.81
CA PRO A 28 -10.17 -40.46 25.49
C PRO A 28 -11.59 -40.99 25.35
N VAL A 29 -12.07 -41.02 24.12
CA VAL A 29 -13.42 -41.49 23.81
C VAL A 29 -13.31 -42.73 22.94
N VAL A 30 -14.41 -43.46 22.88
CA VAL A 30 -14.53 -44.64 22.02
C VAL A 30 -15.37 -44.24 20.81
N SER A 31 -14.82 -44.42 19.62
CA SER A 31 -15.50 -44.10 18.39
C SER A 31 -16.06 -45.37 17.78
N ALA A 32 -17.39 -45.50 17.80
CA ALA A 32 -18.10 -46.49 17.00
C ALA A 32 -18.74 -45.86 15.76
N GLN A 33 -18.20 -44.72 15.31
CA GLN A 33 -18.70 -44.00 14.14
C GLN A 33 -17.56 -43.62 13.21
N ALA A 34 -16.53 -44.47 13.12
CA ALA A 34 -15.39 -44.30 12.22
C ALA A 34 -14.55 -43.08 12.60
N ASN A 35 -13.79 -42.56 11.64
CA ASN A 35 -12.74 -41.57 11.91
C ASN A 35 -13.29 -40.17 11.70
N SER A 36 -14.06 -39.71 12.68
CA SER A 36 -14.68 -38.39 12.61
C SER A 36 -13.68 -37.30 12.96
N THR A 37 -13.71 -36.23 12.19
CA THR A 37 -12.91 -35.05 12.52
C THR A 37 -13.17 -34.54 13.94
N PRO A 38 -14.42 -34.38 14.41
CA PRO A 38 -14.62 -33.89 15.78
C PRO A 38 -14.06 -34.81 16.85
N LEU A 39 -13.76 -36.07 16.52
CA LEU A 39 -13.18 -36.99 17.47
C LEU A 39 -11.67 -37.15 17.29
N GLY A 40 -11.05 -36.31 16.46
CA GLY A 40 -9.62 -36.34 16.26
C GLY A 40 -9.14 -37.10 15.04
N GLY A 41 -10.03 -37.39 14.09
CA GLY A 41 -9.65 -38.16 12.93
C GLY A 41 -9.47 -39.63 13.27
N CYS A 42 -8.26 -40.14 13.11
CA CYS A 42 -7.96 -41.54 13.38
C CYS A 42 -6.78 -41.65 14.32
N THR A 43 -6.68 -42.79 15.00
CA THR A 43 -5.47 -43.12 15.73
C THR A 43 -4.45 -43.71 14.76
N LEU A 44 -3.17 -43.52 15.09
CA LEU A 44 -2.08 -43.88 14.20
C LEU A 44 -1.38 -45.13 14.70
N SER A 45 -0.84 -45.90 13.75
CA SER A 45 -0.06 -47.08 14.08
C SER A 45 1.32 -46.67 14.59
N ASP A 46 2.04 -47.64 15.16
CA ASP A 46 3.39 -47.37 15.64
C ASP A 46 4.32 -46.95 14.52
N GLY A 47 4.12 -47.49 13.31
CA GLY A 47 4.95 -47.10 12.19
C GLY A 47 4.74 -45.67 11.77
N VAL A 48 3.48 -45.24 11.70
CA VAL A 48 3.18 -43.85 11.36
C VAL A 48 3.72 -42.91 12.42
N ILE A 49 3.53 -43.27 13.70
CA ILE A 49 4.04 -42.45 14.80
C ILE A 49 5.56 -42.31 14.70
N ARG A 50 6.25 -43.41 14.35
CA ARG A 50 7.70 -43.34 14.21
C ARG A 50 8.12 -42.43 13.07
N ALA A 51 7.36 -42.45 11.97
CA ALA A 51 7.71 -41.61 10.82
C ALA A 51 7.58 -40.14 11.14
N MET A 52 6.57 -39.77 11.93
CA MET A 52 6.41 -38.37 12.33
C MET A 52 7.56 -37.92 13.23
N GLY A 53 8.03 -38.82 14.10
CA GLY A 53 9.09 -38.45 15.02
C GLY A 53 10.44 -38.32 14.33
N ASP A 54 10.70 -39.18 13.34
CA ASP A 54 11.97 -39.10 12.62
C ASP A 54 12.03 -37.84 11.74
N ALA A 55 10.90 -37.47 11.14
CA ALA A 55 10.87 -36.27 10.31
C ALA A 55 11.05 -35.00 11.13
N ALA A 56 10.82 -35.07 12.44
CA ALA A 56 10.92 -33.91 13.31
C ALA A 56 12.34 -33.61 13.78
N ARG A 57 13.33 -34.39 13.35
CA ARG A 57 14.68 -34.27 13.86
C ARG A 57 15.66 -33.67 12.86
N PHE A 58 15.17 -33.17 11.72
CA PHE A 58 16.05 -32.58 10.72
C PHE A 58 15.32 -31.47 9.98
N HIS A 59 16.08 -30.48 9.54
CA HIS A 59 15.59 -29.49 8.59
C HIS A 59 15.80 -30.01 7.18
N VAL A 60 14.82 -29.76 6.31
CA VAL A 60 14.87 -30.21 4.93
C VAL A 60 14.39 -29.08 4.03
N ASP A 61 14.82 -29.11 2.78
CA ASP A 61 14.26 -28.24 1.76
C ASP A 61 12.82 -28.66 1.52
N MET A 62 11.87 -27.84 1.98
CA MET A 62 10.46 -28.19 1.88
C MET A 62 9.99 -28.27 0.44
N GLU A 63 10.57 -27.48 -0.45
CA GLU A 63 10.26 -27.61 -1.87
C GLU A 63 10.71 -28.96 -2.40
N GLN A 64 11.92 -29.40 -2.01
CA GLN A 64 12.40 -30.71 -2.42
C GLN A 64 11.55 -31.82 -1.82
N LEU A 65 11.15 -31.67 -0.55
CA LEU A 65 10.33 -32.70 0.09
C LEU A 65 8.96 -32.79 -0.57
N TRP A 66 8.41 -31.66 -1.02
CA TRP A 66 7.10 -31.68 -1.67
C TRP A 66 7.17 -32.34 -3.04
N GLN A 67 8.29 -32.19 -3.75
CA GLN A 67 8.45 -32.87 -5.02
C GLN A 67 8.58 -34.39 -4.83
N ALA A 68 9.40 -34.80 -3.86
CA ALA A 68 9.58 -36.22 -3.60
C ALA A 68 8.28 -36.86 -3.11
N ALA A 69 7.60 -36.20 -2.17
CA ALA A 69 6.33 -36.72 -1.68
C ALA A 69 5.30 -36.75 -2.80
N GLY A 70 5.35 -35.76 -3.71
CA GLY A 70 4.43 -35.76 -4.83
C GLY A 70 4.61 -36.97 -5.73
N SER A 71 5.85 -37.30 -6.07
CA SER A 71 6.11 -38.49 -6.88
C SER A 71 5.67 -39.75 -6.16
N PHE A 72 5.86 -39.82 -4.84
CA PHE A 72 5.41 -40.97 -4.07
C PHE A 72 3.90 -41.14 -4.18
N LEU A 73 3.15 -40.07 -3.87
CA LEU A 73 1.70 -40.17 -3.89
C LEU A 73 1.14 -40.34 -5.29
N ALA A 74 1.84 -39.80 -6.30
CA ALA A 74 1.41 -39.98 -7.68
C ALA A 74 1.56 -41.44 -8.12
N GLU A 75 2.61 -42.12 -7.64
CA GLU A 75 2.81 -43.51 -8.00
CA GLU A 75 2.80 -43.51 -8.00
C GLU A 75 1.74 -44.40 -7.35
N ALA A 76 1.44 -44.15 -6.08
CA ALA A 76 0.46 -44.98 -5.37
C ALA A 76 -0.93 -44.81 -5.95
N THR A 77 -1.23 -43.67 -6.57
CA THR A 77 -2.53 -43.40 -7.15
C THR A 77 -2.54 -43.50 -8.67
N GLY A 78 -1.39 -43.76 -9.29
CA GLY A 78 -1.33 -43.90 -10.72
C GLY A 78 -1.63 -42.63 -11.49
N SER A 79 -1.26 -41.47 -10.95
CA SER A 79 -1.50 -40.18 -11.57
C SER A 79 -0.17 -39.54 -11.96
N GLU A 80 -0.27 -38.41 -12.66
CA GLU A 80 0.95 -37.76 -13.17
C GLU A 80 1.75 -37.12 -12.04
N ASP A 81 1.08 -36.47 -11.09
CA ASP A 81 1.76 -35.83 -9.97
C ASP A 81 0.78 -35.71 -8.81
N ALA A 82 1.28 -35.25 -7.66
CA ALA A 82 0.43 -35.04 -6.50
C ALA A 82 1.00 -33.92 -5.64
N CYS A 83 0.11 -33.29 -4.87
CA CYS A 83 0.46 -32.16 -4.02
C CYS A 83 -0.16 -32.36 -2.64
N PRO A 84 0.65 -32.51 -1.59
CA PRO A 84 0.09 -32.68 -0.24
C PRO A 84 -0.70 -31.44 0.20
N VAL A 85 -1.70 -31.68 1.05
CA VAL A 85 -2.53 -30.64 1.65
C VAL A 85 -2.86 -31.06 3.09
N THR A 86 -3.56 -30.18 3.82
CA THR A 86 -3.95 -30.51 5.18
C THR A 86 -5.14 -31.46 5.23
N GLY A 87 -5.92 -31.53 4.17
CA GLY A 87 -7.12 -32.36 4.17
C GLY A 87 -7.97 -32.02 2.98
N ALA A 88 -9.16 -32.65 2.95
CA ALA A 88 -10.02 -32.53 1.78
C ALA A 88 -10.65 -31.14 1.65
N ALA A 89 -10.90 -30.46 2.77
CA ALA A 89 -11.43 -29.10 2.70
C ALA A 89 -10.42 -28.15 2.07
N ALA A 90 -9.18 -28.20 2.54
CA ALA A 90 -8.11 -27.42 1.91
C ALA A 90 -7.90 -27.84 0.47
N GLY A 91 -8.01 -29.14 0.19
CA GLY A 91 -7.80 -29.63 -1.16
C GLY A 91 -8.79 -29.07 -2.15
N MET A 92 -10.04 -28.86 -1.73
CA MET A 92 -11.02 -28.25 -2.61
C MET A 92 -10.68 -26.79 -2.89
N ALA A 93 -10.36 -26.04 -1.84
CA ALA A 93 -10.02 -24.62 -2.02
C ALA A 93 -8.78 -24.45 -2.88
N ILE A 94 -7.78 -25.32 -2.68
CA ILE A 94 -6.54 -25.20 -3.45
C ILE A 94 -6.77 -25.63 -4.90
N ALA A 95 -7.50 -26.74 -5.11
CA ALA A 95 -7.79 -27.19 -6.47
C ALA A 95 -8.55 -26.12 -7.24
N VAL A 96 -9.52 -25.46 -6.59
CA VAL A 96 -10.26 -24.40 -7.25
C VAL A 96 -9.34 -23.24 -7.58
N ALA A 97 -8.51 -22.84 -6.61
CA ALA A 97 -7.53 -21.78 -6.85
C ALA A 97 -6.61 -22.13 -8.00
N ALA A 98 -6.23 -23.40 -8.12
CA ALA A 98 -5.35 -23.82 -9.20
C ALA A 98 -6.02 -23.61 -10.56
N CYS A 99 -7.31 -23.89 -10.66
CA CYS A 99 -8.01 -23.74 -11.93
C CYS A 99 -8.37 -22.28 -12.23
N VAL A 100 -8.39 -21.42 -11.23
CA VAL A 100 -8.79 -20.03 -11.41
C VAL A 100 -7.55 -19.17 -11.65
N ALA A 101 -6.59 -19.21 -10.72
CA ALA A 101 -5.41 -18.36 -10.79
C ALA A 101 -4.26 -19.01 -11.57
N GLY A 102 -4.15 -20.33 -11.54
CA GLY A 102 -3.04 -20.97 -12.24
C GLY A 102 -1.75 -20.81 -11.47
N THR A 103 -0.65 -20.65 -12.20
CA THR A 103 0.68 -20.54 -11.62
C THR A 103 1.20 -19.11 -11.53
N ASP A 104 0.42 -18.13 -11.97
CA ASP A 104 0.88 -16.75 -11.97
C ASP A 104 0.97 -16.23 -10.53
N GLY A 105 2.18 -15.83 -10.13
CA GLY A 105 2.41 -15.48 -8.74
C GLY A 105 1.57 -14.32 -8.25
N LEU A 106 1.40 -13.30 -9.09
CA LEU A 106 0.57 -12.16 -8.69
C LEU A 106 -0.89 -12.57 -8.60
N ARG A 107 -1.38 -13.31 -9.60
CA ARG A 107 -2.74 -13.85 -9.54
C ARG A 107 -2.94 -14.69 -8.29
N VAL A 108 -1.94 -15.51 -7.95
CA VAL A 108 -2.01 -16.31 -6.73
C VAL A 108 -2.10 -15.40 -5.50
N GLN A 109 -1.36 -14.29 -5.51
CA GLN A 109 -1.36 -13.39 -4.38
C GLN A 109 -2.65 -12.60 -4.24
N ARG A 110 -3.46 -12.53 -5.30
CA ARG A 110 -4.64 -11.67 -5.30
C ARG A 110 -5.94 -12.39 -5.01
N LEU A 111 -5.94 -13.72 -5.03
CA LEU A 111 -7.11 -14.47 -4.61
C LEU A 111 -7.46 -14.09 -3.17
N PRO A 112 -8.75 -14.14 -2.79
CA PRO A 112 -9.92 -14.68 -3.50
C PRO A 112 -10.46 -13.80 -4.63
N ASP A 113 -9.82 -12.67 -4.93
CA ASP A 113 -10.23 -11.89 -6.09
C ASP A 113 -9.78 -12.60 -7.35
N PRO A 114 -10.70 -12.99 -8.24
CA PRO A 114 -10.30 -13.71 -9.45
C PRO A 114 -9.71 -12.83 -10.54
N GLY A 115 -9.86 -11.51 -10.43
CA GLY A 115 -9.39 -10.62 -11.48
C GLY A 115 -10.14 -10.82 -12.77
N ASP A 116 -9.42 -11.11 -13.85
CA ASP A 116 -10.02 -11.32 -15.16
C ASP A 116 -10.12 -12.78 -15.55
N GLN A 117 -9.82 -13.70 -14.62
CA GLN A 117 -9.87 -15.11 -15.02
C GLN A 117 -11.27 -15.66 -14.83
N PRO A 118 -11.71 -16.57 -15.71
CA PRO A 118 -12.95 -17.31 -15.45
C PRO A 118 -12.89 -17.98 -14.09
N ASN A 119 -14.01 -17.92 -13.35
CA ASN A 119 -14.02 -18.44 -12.00
C ASN A 119 -15.31 -19.15 -11.63
N GLU A 120 -16.18 -19.45 -12.59
CA GLU A 120 -17.41 -20.17 -12.29
C GLU A 120 -17.11 -21.65 -12.12
N ILE A 121 -17.61 -22.22 -11.03
CA ILE A 121 -17.36 -23.61 -10.66
C ILE A 121 -18.70 -24.34 -10.66
N VAL A 122 -18.88 -25.25 -11.60
CA VAL A 122 -20.16 -25.92 -11.82
C VAL A 122 -20.19 -27.23 -11.05
N LEU A 123 -21.27 -27.45 -10.30
CA LEU A 123 -21.48 -28.69 -9.57
C LEU A 123 -22.97 -28.98 -9.50
N GLN A 124 -23.30 -30.26 -9.31
CA GLN A 124 -24.69 -30.65 -9.17
C GLN A 124 -25.23 -30.22 -7.80
N LYS A 125 -26.52 -29.87 -7.77
CA LYS A 125 -27.16 -29.44 -6.54
C LYS A 125 -26.96 -30.47 -5.42
N GLY A 126 -27.12 -31.75 -5.74
CA GLY A 126 -26.99 -32.79 -4.74
C GLY A 126 -25.61 -32.92 -4.12
N HIS A 127 -24.60 -32.34 -4.75
CA HIS A 127 -23.23 -32.42 -4.26
C HIS A 127 -22.81 -31.20 -3.46
N SER A 128 -23.75 -30.33 -3.09
CA SER A 128 -23.41 -29.10 -2.35
C SER A 128 -23.40 -29.42 -0.86
N ILE A 129 -22.31 -30.06 -0.44
CA ILE A 129 -22.16 -30.53 0.94
C ILE A 129 -21.38 -29.50 1.75
N SER A 130 -21.18 -29.80 3.04
CA SER A 130 -20.34 -28.98 3.91
C SER A 130 -19.33 -29.87 4.62
N TYR A 131 -18.16 -29.30 4.89
CA TYR A 131 -17.06 -29.97 5.57
C TYR A 131 -17.07 -29.53 7.02
N GLY A 132 -17.87 -30.21 7.84
CA GLY A 132 -17.99 -29.85 9.23
C GLY A 132 -18.46 -28.43 9.45
N GLY A 133 -19.55 -28.06 8.76
CA GLY A 133 -20.09 -26.72 8.86
C GLY A 133 -19.71 -25.83 7.70
N ALA A 134 -18.48 -25.97 7.21
CA ALA A 134 -17.97 -25.09 6.15
C ALA A 134 -18.39 -25.64 4.79
N PRO A 135 -19.32 -24.98 4.08
CA PRO A 135 -19.83 -25.54 2.83
C PRO A 135 -18.73 -25.67 1.77
N LEU A 136 -18.98 -26.55 0.80
CA LEU A 136 -18.09 -26.66 -0.34
C LEU A 136 -18.06 -25.36 -1.13
N ALA A 137 -19.20 -24.66 -1.19
CA ALA A 137 -19.23 -23.36 -1.88
C ALA A 137 -18.35 -22.33 -1.20
N GLN A 138 -18.17 -22.45 0.12
CA GLN A 138 -17.26 -21.55 0.81
C GLN A 138 -15.81 -21.84 0.42
N MET A 139 -15.44 -23.13 0.39
CA MET A 139 -14.11 -23.51 -0.08
C MET A 139 -13.88 -23.04 -1.50
N ILE A 140 -14.93 -23.08 -2.33
CA ILE A 140 -14.83 -22.57 -3.70
C ILE A 140 -14.51 -21.09 -3.69
N ALA A 141 -15.18 -20.32 -2.81
CA ALA A 141 -14.97 -18.88 -2.75
C ALA A 141 -13.58 -18.52 -2.22
N LEU A 142 -13.03 -19.33 -1.30
CA LEU A 142 -11.68 -19.07 -0.82
C LEU A 142 -10.67 -19.21 -1.95
N GLY A 143 -10.90 -20.16 -2.86
CA GLY A 143 -10.06 -20.33 -4.03
C GLY A 143 -10.34 -19.36 -5.16
N GLY A 144 -11.13 -18.32 -4.91
CA GLY A 144 -11.41 -17.32 -5.92
C GLY A 144 -12.53 -17.67 -6.88
N GLY A 145 -13.20 -18.79 -6.69
CA GLY A 145 -14.27 -19.20 -7.57
C GLY A 145 -15.64 -18.79 -7.07
N ARG A 146 -16.65 -19.04 -7.92
CA ARG A 146 -18.05 -18.80 -7.59
C ARG A 146 -18.83 -20.06 -7.93
N ALA A 147 -19.54 -20.60 -6.95
CA ALA A 147 -20.26 -21.86 -7.14
C ALA A 147 -21.51 -21.65 -7.98
N VAL A 148 -21.63 -22.43 -9.05
CA VAL A 148 -22.80 -22.43 -9.91
C VAL A 148 -23.45 -23.81 -9.77
N GLU A 149 -24.48 -23.89 -8.93
CA GLU A 149 -25.17 -25.15 -8.69
C GLU A 149 -26.25 -25.37 -9.73
N VAL A 150 -26.28 -26.56 -10.32
CA VAL A 150 -27.16 -26.89 -11.43
C VAL A 150 -28.10 -28.01 -10.98
N GLY A 151 -29.34 -27.96 -11.46
CA GLY A 151 -30.29 -29.02 -11.19
C GLY A 151 -30.87 -28.95 -9.78
N ALA A 152 -31.39 -30.10 -9.34
CA ALA A 152 -32.04 -30.23 -8.05
C ALA A 152 -31.45 -31.41 -7.28
N VAL A 153 -31.80 -31.47 -6.00
CA VAL A 153 -31.26 -32.52 -5.12
C VAL A 153 -31.69 -33.90 -5.60
N ASN A 154 -32.91 -34.02 -6.14
CA ASN A 154 -33.45 -35.30 -6.57
C ASN A 154 -33.27 -35.57 -8.06
N GLU A 155 -32.70 -34.63 -8.82
CA GLU A 155 -32.53 -34.81 -10.27
C GLU A 155 -31.66 -33.72 -10.88
N THR A 156 -30.72 -34.11 -11.74
CA THR A 156 -29.89 -33.16 -12.48
C THR A 156 -29.57 -33.78 -13.83
N PRO A 157 -30.22 -33.32 -14.90
CA PRO A 157 -29.98 -33.91 -16.21
C PRO A 157 -28.61 -33.54 -16.76
N ARG A 158 -28.05 -34.45 -17.56
CA ARG A 158 -26.73 -34.22 -18.14
C ARG A 158 -26.72 -32.94 -18.98
N SER A 159 -27.79 -32.70 -19.76
CA SER A 159 -27.85 -31.53 -20.61
C SER A 159 -27.78 -30.24 -19.80
N HIS A 160 -28.34 -30.23 -18.60
CA HIS A 160 -28.28 -29.04 -17.76
C HIS A 160 -26.84 -28.68 -17.41
N VAL A 161 -26.03 -29.68 -17.04
CA VAL A 161 -24.65 -29.42 -16.68
C VAL A 161 -23.86 -28.92 -17.88
N ALA A 162 -24.08 -29.51 -19.06
CA ALA A 162 -23.37 -29.09 -20.25
C ALA A 162 -23.77 -27.68 -20.69
N SER A 163 -25.04 -27.32 -20.51
CA SER A 163 -25.48 -25.99 -20.90
C SER A 163 -25.00 -24.91 -19.94
N ALA A 164 -24.56 -25.30 -18.74
CA ALA A 164 -24.04 -24.35 -17.76
C ALA A 164 -22.56 -24.05 -17.94
N VAL A 165 -21.86 -24.82 -18.78
CA VAL A 165 -20.44 -24.60 -19.02
C VAL A 165 -20.29 -23.57 -20.12
N THR A 166 -19.69 -22.43 -19.79
CA THR A 166 -19.40 -21.40 -20.77
C THR A 166 -17.93 -21.03 -20.74
N ARG A 167 -17.56 -19.95 -21.44
CA ARG A 167 -16.19 -19.47 -21.38
C ARG A 167 -15.82 -18.97 -19.99
N ARG A 168 -16.81 -18.68 -19.15
CA ARG A 168 -16.57 -18.20 -17.79
C ARG A 168 -16.43 -19.33 -16.79
N THR A 169 -16.50 -20.59 -17.21
CA THR A 169 -16.39 -21.73 -16.33
C THR A 169 -14.94 -22.13 -16.17
N ALA A 170 -14.49 -22.24 -14.92
CA ALA A 170 -13.11 -22.60 -14.61
C ALA A 170 -12.93 -24.08 -14.28
N ALA A 171 -13.95 -24.73 -13.71
CA ALA A 171 -13.81 -26.14 -13.34
C ALA A 171 -15.18 -26.73 -13.09
N LEU A 172 -15.25 -28.06 -13.20
CA LEU A 172 -16.38 -28.85 -12.77
C LEU A 172 -16.00 -29.61 -11.50
N VAL A 173 -16.92 -29.68 -10.55
CA VAL A 173 -16.69 -30.33 -9.27
C VAL A 173 -17.63 -31.53 -9.15
N TYR A 174 -17.08 -32.64 -8.66
CA TYR A 174 -17.84 -33.86 -8.41
C TYR A 174 -17.48 -34.40 -7.04
N VAL A 175 -18.49 -34.80 -6.27
CA VAL A 175 -18.33 -35.34 -4.93
C VAL A 175 -18.76 -36.80 -4.94
N THR A 176 -17.85 -37.69 -4.53
CA THR A 176 -18.10 -39.12 -4.64
C THR A 176 -18.93 -39.67 -3.49
N SER A 177 -18.82 -39.09 -2.30
CA SER A 177 -19.41 -39.67 -1.10
C SER A 177 -20.92 -39.82 -1.26
N ARG A 178 -21.40 -41.06 -1.15
CA ARG A 178 -22.82 -41.34 -1.15
C ARG A 178 -23.43 -41.22 0.23
N THR A 179 -22.63 -40.90 1.25
CA THR A 179 -23.13 -40.60 2.58
C THR A 179 -23.51 -39.13 2.75
N HIS A 180 -22.66 -38.22 2.27
CA HIS A 180 -22.88 -36.79 2.43
C HIS A 180 -23.53 -36.13 1.22
N ALA A 181 -23.21 -36.59 0.02
CA ALA A 181 -23.83 -36.06 -1.20
C ALA A 181 -24.97 -36.96 -1.65
N VAL A 182 -25.70 -36.50 -2.66
CA VAL A 182 -26.84 -37.21 -3.21
C VAL A 182 -26.61 -37.41 -4.70
N HIS A 183 -26.93 -38.61 -5.20
CA HIS A 183 -26.66 -38.96 -6.59
C HIS A 183 -27.92 -39.43 -7.31
N ARG A 184 -29.09 -39.22 -6.73
CA ARG A 184 -30.34 -39.70 -7.31
C ARG A 184 -30.61 -38.97 -8.63
N LYS A 185 -30.59 -39.72 -9.74
CA LYS A 185 -30.89 -39.19 -11.07
C LYS A 185 -29.97 -38.01 -11.42
N GLY A 186 -28.73 -38.09 -10.98
CA GLY A 186 -27.74 -37.08 -11.25
C GLY A 186 -26.89 -37.38 -12.47
N VAL A 187 -25.72 -36.78 -12.50
CA VAL A 187 -24.78 -36.92 -13.61
C VAL A 187 -23.57 -37.70 -13.10
N PRO A 188 -23.31 -38.91 -13.62
CA PRO A 188 -22.16 -39.69 -13.14
C PRO A 188 -20.84 -39.04 -13.53
N LEU A 189 -19.77 -39.52 -12.87
CA LEU A 189 -18.45 -38.91 -13.05
C LEU A 189 -17.98 -39.00 -14.50
N ASP A 190 -18.18 -40.16 -15.14
CA ASP A 190 -17.69 -40.32 -16.50
C ASP A 190 -18.38 -39.36 -17.47
N GLU A 191 -19.61 -38.96 -17.17
CA GLU A 191 -20.27 -37.95 -18.00
C GLU A 191 -19.75 -36.55 -17.74
N LEU A 192 -19.39 -36.24 -16.49
CA LEU A 192 -18.75 -34.96 -16.20
C LEU A 192 -17.40 -34.84 -16.90
N VAL A 193 -16.63 -35.93 -16.90
CA VAL A 193 -15.34 -35.93 -17.60
C VAL A 193 -15.55 -35.64 -19.08
N ALA A 194 -16.55 -36.29 -19.69
CA ALA A 194 -16.82 -36.08 -21.11
C ALA A 194 -17.25 -34.63 -21.38
N ILE A 195 -18.02 -34.04 -20.47
CA ILE A 195 -18.38 -32.64 -20.62
C ILE A 195 -17.15 -31.75 -20.47
N GLY A 196 -16.33 -32.03 -19.45
CA GLY A 196 -15.10 -31.26 -19.29
C GLY A 196 -14.19 -31.35 -20.50
N ARG A 197 -14.10 -32.54 -21.10
CA ARG A 197 -13.24 -32.71 -22.27
C ARG A 197 -13.79 -31.97 -23.48
N GLU A 198 -15.11 -31.87 -23.59
CA GLU A 198 -15.70 -31.18 -24.75
C GLU A 198 -15.48 -29.67 -24.67
N HIS A 199 -15.48 -29.11 -23.47
CA HIS A 199 -15.32 -27.67 -23.29
C HIS A 199 -13.91 -27.27 -22.87
N GLY A 200 -12.99 -28.22 -22.71
CA GLY A 200 -11.67 -27.89 -22.22
C GLY A 200 -11.66 -27.35 -20.81
N VAL A 201 -12.55 -27.85 -19.96
CA VAL A 201 -12.71 -27.38 -18.59
C VAL A 201 -12.28 -28.52 -17.65
N PRO A 202 -11.40 -28.26 -16.69
CA PRO A 202 -10.94 -29.33 -15.80
C PRO A 202 -12.06 -29.83 -14.90
N VAL A 203 -11.87 -31.05 -14.40
CA VAL A 203 -12.81 -31.70 -13.49
C VAL A 203 -12.11 -31.94 -12.17
N ILE A 204 -12.73 -31.51 -11.08
CA ILE A 204 -12.20 -31.64 -9.72
C ILE A 204 -13.07 -32.64 -8.96
N VAL A 205 -12.44 -33.65 -8.38
CA VAL A 205 -13.14 -34.72 -7.67
C VAL A 205 -12.79 -34.67 -6.20
N ASP A 206 -13.81 -34.51 -5.36
CA ASP A 206 -13.69 -34.72 -3.92
C ASP A 206 -13.91 -36.21 -3.65
N ALA A 207 -12.83 -36.94 -3.42
CA ALA A 207 -12.89 -38.34 -3.06
C ALA A 207 -12.35 -38.54 -1.64
N ALA A 208 -12.82 -37.70 -0.71
CA ALA A 208 -12.16 -37.56 0.59
C ALA A 208 -11.99 -38.89 1.30
N GLY A 209 -13.08 -39.64 1.48
CA GLY A 209 -13.03 -40.87 2.23
C GLY A 209 -13.04 -42.13 1.38
N GLU A 210 -12.64 -42.02 0.12
CA GLU A 210 -12.63 -43.18 -0.76
C GLU A 210 -11.48 -44.12 -0.39
N GLY A 211 -11.73 -45.42 -0.53
CA GLY A 211 -10.71 -46.42 -0.25
C GLY A 211 -9.88 -46.75 -1.47
N GLY A 212 -10.45 -46.58 -2.66
CA GLY A 212 -9.73 -46.85 -3.89
C GLY A 212 -8.78 -45.73 -4.26
N LEU A 213 -7.49 -46.05 -4.39
CA LEU A 213 -6.48 -45.05 -4.69
C LEU A 213 -6.30 -44.81 -6.18
N ARG A 214 -6.82 -45.67 -7.04
CA ARG A 214 -6.55 -45.58 -8.47
C ARG A 214 -7.78 -45.31 -9.32
N ARG A 215 -8.94 -45.88 -8.95
CA ARG A 215 -10.11 -45.82 -9.83
C ARG A 215 -10.57 -44.39 -10.09
N TRP A 216 -10.33 -43.48 -9.16
CA TRP A 216 -10.84 -42.12 -9.34
C TRP A 216 -9.97 -41.30 -10.28
N VAL A 217 -8.64 -41.47 -10.18
CA VAL A 217 -7.75 -40.91 -11.19
C VAL A 217 -8.04 -41.51 -12.56
N ALA A 218 -8.33 -42.82 -12.60
CA ALA A 218 -8.52 -43.52 -13.87
C ALA A 218 -9.74 -43.02 -14.64
N SER A 219 -10.65 -42.31 -13.99
CA SER A 219 -11.81 -41.76 -14.69
C SER A 219 -11.45 -40.66 -15.67
N GLY A 220 -10.24 -40.12 -15.59
CA GLY A 220 -9.84 -38.98 -16.41
C GLY A 220 -9.98 -37.65 -15.72
N ALA A 221 -10.46 -37.64 -14.48
CA ALA A 221 -10.56 -36.38 -13.73
C ALA A 221 -9.18 -35.78 -13.55
N ASP A 222 -9.12 -34.45 -13.60
CA ASP A 222 -7.85 -33.74 -13.61
C ASP A 222 -7.25 -33.58 -12.22
N LEU A 223 -8.09 -33.42 -11.20
CA LEU A 223 -7.64 -33.27 -9.82
C LEU A 223 -8.53 -34.11 -8.92
N VAL A 224 -7.92 -34.96 -8.09
CA VAL A 224 -8.64 -35.85 -7.17
C VAL A 224 -8.10 -35.63 -5.77
N ILE A 225 -9.01 -35.51 -4.80
CA ILE A 225 -8.70 -35.04 -3.46
C ILE A 225 -8.96 -36.15 -2.45
N TYR A 226 -7.96 -36.47 -1.65
CA TYR A 226 -8.05 -37.48 -0.60
C TYR A 226 -7.74 -36.85 0.76
N SER A 227 -8.46 -37.28 1.78
CA SER A 227 -8.18 -36.91 3.16
C SER A 227 -7.49 -38.08 3.88
N GLY A 228 -6.41 -37.77 4.59
CA GLY A 228 -5.60 -38.77 5.24
C GLY A 228 -6.26 -39.56 6.35
N PRO A 229 -6.77 -38.87 7.39
CA PRO A 229 -7.28 -39.57 8.58
C PRO A 229 -8.49 -40.49 8.34
N MET A 231 -9.46 -43.01 5.82
CA MET A 231 -9.30 -44.43 5.53
C MET A 231 -7.85 -44.88 5.59
N LEU A 232 -6.95 -43.96 5.22
CA LEU A 232 -5.53 -44.27 5.10
C LEU A 232 -4.80 -44.31 6.44
N GLY A 233 -5.48 -44.01 7.54
CA GLY A 233 -4.84 -44.05 8.84
C GLY A 233 -3.75 -43.02 9.03
N ALA A 234 -3.81 -41.92 8.30
CA ALA A 234 -2.79 -40.90 8.37
C ALA A 234 -3.11 -39.86 9.44
N PRO A 235 -2.12 -39.14 9.93
CA PRO A 235 -2.41 -37.96 10.74
C PRO A 235 -3.13 -36.91 9.89
N THR A 236 -3.57 -35.84 10.55
CA THR A 236 -4.21 -34.74 9.85
C THR A 236 -3.35 -34.36 8.64
N SER A 237 -3.87 -34.63 7.45
CA SER A 237 -3.15 -34.44 6.19
C SER A 237 -4.05 -34.84 5.03
N GLY A 238 -3.51 -34.72 3.82
CA GLY A 238 -4.23 -35.11 2.62
C GLY A 238 -3.37 -34.82 1.41
N PHE A 239 -3.95 -35.04 0.24
CA PHE A 239 -3.21 -34.70 -0.97
C PHE A 239 -4.17 -34.53 -2.14
N ILE A 240 -3.70 -33.81 -3.15
CA ILE A 240 -4.37 -33.66 -4.43
C ILE A 240 -3.48 -34.32 -5.48
N CYS A 241 -4.05 -35.23 -6.27
CA CYS A 241 -3.30 -35.91 -7.32
C CYS A 241 -4.03 -35.76 -8.65
N GLY A 242 -3.28 -35.96 -9.73
CA GLY A 242 -3.85 -35.85 -11.06
C GLY A 242 -2.89 -35.26 -12.08
N ARG A 243 -3.43 -34.41 -12.97
CA ARG A 243 -2.67 -33.90 -14.09
C ARG A 243 -1.50 -33.04 -13.63
N GLY A 244 -0.34 -33.25 -14.26
CA GLY A 244 0.88 -32.61 -13.79
C GLY A 244 0.83 -31.10 -13.84
N ASP A 245 0.17 -30.54 -14.85
CA ASP A 245 0.16 -29.08 -14.98
C ASP A 245 -0.73 -28.45 -13.91
N LEU A 246 -1.87 -29.07 -13.59
CA LEU A 246 -2.74 -28.54 -12.55
C LEU A 246 -2.22 -28.84 -11.15
N VAL A 247 -1.45 -29.92 -10.99
CA VAL A 247 -0.84 -30.18 -9.69
C VAL A 247 0.23 -29.13 -9.40
N ALA A 248 0.97 -28.70 -10.43
CA ALA A 248 1.92 -27.61 -10.26
C ALA A 248 1.20 -26.33 -9.85
N ALA A 249 0.04 -26.06 -10.44
CA ALA A 249 -0.74 -24.89 -10.05
C ALA A 249 -1.21 -24.99 -8.61
N CYS A 250 -1.42 -26.21 -8.10
CA CYS A 250 -1.78 -26.37 -6.69
C CYS A 250 -0.61 -25.97 -5.78
N ARG A 251 0.59 -26.45 -6.09
CA ARG A 251 1.76 -26.08 -5.30
C ARG A 251 1.97 -24.58 -5.27
N ALA A 252 1.66 -23.89 -6.38
CA ALA A 252 1.85 -22.44 -6.44
C ALA A 252 0.94 -21.71 -5.45
N GLN A 253 -0.19 -22.30 -5.07
CA GLN A 253 -1.11 -21.63 -4.16
C GLN A 253 -0.55 -21.53 -2.75
N TYR A 254 0.52 -22.27 -2.44
CA TYR A 254 1.14 -22.14 -1.13
C TYR A 254 1.86 -20.81 -0.94
N SER A 255 2.04 -20.05 -2.02
CA SER A 255 2.39 -18.64 -1.93
C SER A 255 1.16 -17.75 -1.85
N GLY A 256 -0.03 -18.33 -1.74
CA GLY A 256 -1.26 -17.57 -1.68
C GLY A 256 -2.23 -18.09 -0.64
N ILE A 257 -3.43 -18.46 -1.07
CA ILE A 257 -4.47 -18.84 -0.11
C ILE A 257 -4.13 -20.12 0.64
N ALA A 258 -3.19 -20.92 0.14
CA ALA A 258 -2.78 -22.13 0.83
C ALA A 258 -1.71 -21.89 1.90
N ARG A 259 -1.14 -20.68 1.95
CA ARG A 259 -0.12 -20.40 2.96
C ARG A 259 -0.62 -20.60 4.39
N PRO A 260 -1.82 -20.15 4.78
CA PRO A 260 -2.32 -20.49 6.13
C PRO A 260 -2.70 -21.95 6.30
N MET A 261 -2.82 -22.71 5.21
CA MET A 261 -3.16 -24.13 5.28
C MET A 261 -1.89 -24.96 5.36
N LYS A 262 -1.11 -24.72 6.42
CA LYS A 262 0.23 -25.27 6.54
C LYS A 262 0.20 -26.77 6.78
N VAL A 263 1.13 -27.47 6.12
CA VAL A 263 1.33 -28.90 6.30
C VAL A 263 2.71 -29.09 6.91
N GLY A 264 2.74 -29.54 8.17
CA GLY A 264 4.01 -29.82 8.81
C GLY A 264 4.75 -30.96 8.15
N LYS A 265 6.08 -30.93 8.27
CA LYS A 265 6.89 -32.02 7.73
C LYS A 265 6.61 -33.33 8.46
N GLU A 266 6.17 -33.25 9.71
CA GLU A 266 5.84 -34.46 10.45
C GLU A 266 4.53 -35.07 9.97
N ASN A 267 3.53 -34.23 9.71
CA ASN A 267 2.25 -34.73 9.20
C ASN A 267 2.42 -35.37 7.84
N LEU A 268 3.30 -34.82 7.00
CA LEU A 268 3.48 -35.34 5.66
C LEU A 268 4.16 -36.69 5.67
N LEU A 269 5.22 -36.84 6.48
CA LEU A 269 5.89 -38.13 6.56
C LEU A 269 4.99 -39.18 7.20
N GLY A 270 4.17 -38.78 8.17
CA GLY A 270 3.16 -39.68 8.68
C GLY A 270 2.19 -40.13 7.60
N LEU A 271 1.81 -39.21 6.71
CA LEU A 271 0.91 -39.57 5.62
C LEU A 271 1.57 -40.55 4.65
N LEU A 272 2.84 -40.34 4.33
CA LEU A 272 3.53 -41.23 3.41
C LEU A 272 3.67 -42.63 3.99
N GLN A 273 4.01 -42.73 5.27
CA GLN A 273 4.09 -44.03 5.92
C GLN A 273 2.72 -44.68 6.03
N ALA A 274 1.66 -43.88 6.16
CA ALA A 274 0.31 -44.44 6.22
C ALA A 274 -0.08 -45.05 4.88
N VAL A 275 0.27 -44.39 3.78
CA VAL A 275 -0.02 -44.93 2.46
C VAL A 275 0.81 -46.18 2.20
N ARG A 276 2.05 -46.18 2.68
CA ARG A 276 2.91 -47.36 2.53
C ARG A 276 2.30 -48.57 3.23
N GLU A 277 1.72 -48.38 4.41
CA GLU A 277 1.10 -49.48 5.13
C GLU A 277 -0.26 -49.85 4.53
N TYR A 278 -0.97 -48.89 3.96
CA TYR A 278 -2.30 -49.16 3.41
C TYR A 278 -2.22 -50.01 2.15
N THR A 279 -1.22 -49.75 1.30
CA THR A 279 -1.09 -50.47 0.04
C THR A 279 -0.52 -51.86 0.21
N ALA A 280 -0.05 -52.23 1.40
CA ALA A 280 0.50 -53.56 1.63
C ALA A 280 -0.56 -54.57 2.04
N VAL A 281 -1.71 -54.13 2.53
CA VAL A 281 -2.80 -55.00 2.94
C VAL A 281 -3.86 -54.98 1.85
N PRO A 282 -4.16 -56.12 1.22
CA PRO A 282 -5.19 -56.12 0.17
C PRO A 282 -6.55 -55.78 0.72
N GLU A 283 -7.37 -55.13 -0.11
CA GLU A 283 -8.73 -54.79 0.29
C GLU A 283 -9.57 -56.03 0.58
N GLU A 284 -9.23 -57.17 -0.02
CA GLU A 284 -9.99 -58.40 0.25
C GLU A 284 -9.67 -58.95 1.62
N GLN A 285 -8.50 -58.63 2.18
CA GLN A 285 -8.14 -59.10 3.51
C GLN A 285 -8.70 -58.19 4.59
N ARG A 286 -8.74 -56.88 4.33
CA ARG A 286 -9.32 -55.94 5.29
C ARG A 286 -10.82 -56.17 5.43
N ALA A 287 -11.51 -56.49 4.33
CA ALA A 287 -12.95 -56.70 4.38
C ALA A 287 -13.28 -58.02 5.06
N ALA A 288 -12.51 -59.07 4.79
CA ALA A 288 -12.78 -60.38 5.38
C ALA A 288 -12.64 -60.34 6.89
N GLU A 289 -11.55 -59.76 7.39
CA GLU A 289 -11.35 -59.66 8.84
C GLU A 289 -12.42 -58.79 9.47
N GLN A 290 -12.86 -57.74 8.77
CA GLN A 290 -13.90 -56.86 9.31
C GLN A 290 -15.26 -57.57 9.34
N LEU A 291 -15.54 -58.40 8.33
CA LEU A 291 -16.82 -59.10 8.31
C LEU A 291 -16.93 -60.11 9.44
N GLU A 292 -15.85 -60.87 9.69
CA GLU A 292 -15.88 -61.84 10.78
C GLU A 292 -15.87 -61.16 12.14
N ARG A 293 -15.24 -59.99 12.25
CA ARG A 293 -15.21 -59.28 13.52
C ARG A 293 -16.59 -58.73 13.88
N MET A 294 -17.35 -58.28 12.88
CA MET A 294 -18.68 -57.75 13.13
C MET A 294 -19.71 -58.87 13.26
N THR A 295 -19.50 -60.00 12.58
CA THR A 295 -20.41 -61.13 12.73
C THR A 295 -20.37 -61.67 14.15
N LYS A 296 -19.18 -61.81 14.71
CA LYS A 296 -19.06 -62.26 16.10
C LYS A 296 -19.55 -61.19 17.07
N LEU A 297 -19.36 -59.91 16.74
CA LEU A 297 -19.85 -58.85 17.61
C LEU A 297 -21.37 -58.73 17.54
N ALA A 298 -21.96 -58.92 16.35
CA ALA A 298 -23.40 -58.84 16.22
C ALA A 298 -24.10 -59.94 17.00
N ALA A 299 -23.49 -61.12 17.08
CA ALA A 299 -24.09 -62.20 17.87
C ALA A 299 -24.06 -61.88 19.36
N ARG A 300 -22.96 -61.30 19.84
CA ARG A 300 -22.86 -60.96 21.25
C ARG A 300 -23.85 -59.87 21.64
N LEU A 301 -24.20 -58.99 20.71
CA LEU A 301 -25.14 -57.92 21.03
C LEU A 301 -26.60 -58.37 20.89
N ASP A 302 -26.87 -59.27 19.94
CA ASP A 302 -28.24 -59.74 19.74
C ASP A 302 -28.76 -60.47 20.98
N LYS A 303 -27.86 -61.04 21.78
CA LYS A 303 -28.26 -61.73 23.01
C LYS A 303 -28.70 -60.77 24.11
N ILE A 304 -28.45 -59.47 23.96
CA ILE A 304 -28.86 -58.51 24.99
C ILE A 304 -30.38 -58.38 24.97
N PRO A 305 -31.03 -58.28 26.12
CA PRO A 305 -32.50 -58.19 26.13
C PRO A 305 -32.98 -56.86 25.55
N GLY A 306 -33.92 -56.95 24.62
CA GLY A 306 -34.51 -55.77 24.00
C GLY A 306 -33.79 -55.28 22.76
N LEU A 307 -32.53 -55.68 22.56
CA LEU A 307 -31.74 -55.23 21.42
C LEU A 307 -31.66 -56.33 20.38
N SER A 308 -31.83 -55.94 19.11
CA SER A 308 -31.69 -56.85 17.98
C SER A 308 -30.55 -56.36 17.11
N ALA A 309 -29.49 -57.16 17.01
CA ALA A 309 -28.29 -56.80 16.27
C ALA A 309 -28.08 -57.76 15.11
N ARG A 310 -27.69 -57.21 13.96
CA ARG A 310 -27.42 -58.03 12.78
C ARG A 310 -26.29 -57.37 11.99
N THR A 311 -25.50 -58.21 11.33
CA THR A 311 -24.46 -57.70 10.45
C THR A 311 -25.08 -57.14 9.17
N ALA A 312 -24.76 -55.89 8.85
CA ALA A 312 -25.35 -55.20 7.71
C ALA A 312 -24.25 -54.62 6.85
N GLN A 313 -24.28 -54.92 5.55
CA GLN A 313 -23.38 -54.28 4.61
C GLN A 313 -23.76 -52.81 4.45
N ASP A 314 -22.79 -52.03 4.00
CA ASP A 314 -23.01 -50.59 3.82
C ASP A 314 -24.11 -50.35 2.79
N ASP A 315 -25.05 -49.47 3.14
CA ASP A 315 -26.20 -49.22 2.27
C ASP A 315 -25.76 -48.65 0.92
N SER A 316 -24.72 -47.82 0.91
CA SER A 316 -24.24 -47.22 -0.33
C SER A 316 -23.57 -48.23 -1.26
N GLY A 317 -23.31 -49.45 -0.79
CA GLY A 317 -22.72 -50.49 -1.62
C GLY A 317 -21.26 -50.77 -1.37
N ARG A 318 -20.63 -50.08 -0.42
CA ARG A 318 -19.21 -50.28 -0.15
C ARG A 318 -18.99 -51.59 0.61
N THR A 319 -17.75 -52.08 0.54
CA THR A 319 -17.36 -53.31 1.24
C THR A 319 -16.98 -53.00 2.70
N ILE A 320 -17.90 -52.35 3.40
CA ILE A 320 -17.77 -52.04 4.81
C ILE A 320 -18.91 -52.72 5.55
N TYR A 321 -18.61 -53.28 6.70
CA TYR A 321 -19.57 -54.06 7.47
C TYR A 321 -19.71 -53.48 8.87
N ARG A 322 -20.95 -53.24 9.27
CA ARG A 322 -21.29 -52.71 10.58
C ARG A 322 -22.33 -53.62 11.22
N VAL A 323 -22.71 -53.28 12.45
CA VAL A 323 -23.75 -54.01 13.18
C VAL A 323 -24.94 -53.06 13.33
N LEU A 324 -26.03 -53.38 12.64
CA LEU A 324 -27.25 -52.58 12.73
C LEU A 324 -28.02 -52.99 13.98
N LEU A 325 -28.14 -52.06 14.92
CA LEU A 325 -28.81 -52.31 16.19
C LEU A 325 -30.25 -51.82 16.12
N THR A 326 -31.20 -52.73 16.33
CA THR A 326 -32.61 -52.40 16.29
C THR A 326 -33.14 -52.29 17.71
N VAL A 327 -33.62 -51.09 18.06
CA VAL A 327 -34.16 -50.80 19.39
C VAL A 327 -35.68 -50.76 19.31
N ASP A 328 -36.34 -51.31 20.32
CA ASP A 328 -37.80 -51.35 20.33
C ASP A 328 -38.39 -51.07 21.72
N PRO A 329 -37.80 -51.56 22.82
CA PRO A 329 -38.30 -51.17 24.15
C PRO A 329 -38.51 -49.68 24.33
N SER A 335 -36.00 -46.67 23.29
CA SER A 335 -35.73 -45.43 22.58
C SER A 335 -34.34 -45.44 21.96
N ALA A 336 -34.29 -45.48 20.62
CA ALA A 336 -33.00 -45.50 19.94
C ALA A 336 -32.28 -44.16 20.07
N ALA A 337 -33.02 -43.06 20.07
CA ALA A 337 -32.39 -41.75 20.23
C ALA A 337 -31.82 -41.58 21.64
N THR A 338 -32.58 -41.97 22.67
CA THR A 338 -32.09 -41.86 24.03
C THR A 338 -30.95 -42.84 24.31
N LEU A 339 -30.91 -43.96 23.59
CA LEU A 339 -29.86 -44.94 23.81
C LEU A 339 -28.50 -44.42 23.35
N ALA A 340 -28.48 -43.64 22.26
CA ALA A 340 -27.21 -43.09 21.78
C ALA A 340 -26.68 -42.03 22.72
N GLU A 341 -27.57 -41.18 23.27
CA GLU A 341 -27.14 -40.21 24.26
C GLU A 341 -26.64 -40.88 25.52
N GLU A 342 -27.25 -42.02 25.91
CA GLU A 342 -26.78 -42.77 27.05
C GLU A 342 -25.39 -43.36 26.81
N MET A 343 -25.09 -43.74 25.56
CA MET A 343 -23.79 -44.31 25.25
C MET A 343 -22.69 -43.25 25.25
N ARG A 344 -23.01 -42.02 24.84
CA ARG A 344 -22.01 -40.96 24.83
C ARG A 344 -21.74 -40.39 26.21
N ALA A 345 -22.64 -40.60 27.16
CA ALA A 345 -22.51 -40.04 28.50
C ALA A 345 -21.97 -41.03 29.52
N GLY A 346 -21.66 -42.26 29.10
CA GLY A 346 -21.11 -43.24 30.02
C GLY A 346 -19.70 -42.89 30.46
N ILE A 347 -19.18 -43.70 31.39
CA ILE A 347 -17.81 -43.49 31.86
C ILE A 347 -16.80 -43.64 30.73
N PRO A 348 -16.88 -44.68 29.88
CA PRO A 348 -16.19 -44.59 28.59
C PRO A 348 -17.12 -44.00 27.54
N SER A 349 -16.84 -42.77 27.11
CA SER A 349 -17.71 -42.11 26.15
C SER A 349 -17.65 -42.85 24.82
N ILE A 350 -18.80 -43.32 24.35
CA ILE A 350 -18.91 -44.14 23.14
C ILE A 350 -19.85 -43.44 22.17
N TYR A 351 -19.36 -43.18 20.95
CA TYR A 351 -20.12 -42.48 19.92
C TYR A 351 -20.56 -43.50 18.87
N LEU A 352 -21.86 -43.79 18.84
CA LEU A 352 -22.43 -44.66 17.83
C LEU A 352 -22.78 -43.88 16.57
N ARG A 353 -22.97 -44.62 15.48
CA ARG A 353 -23.34 -44.04 14.18
C ARG A 353 -24.86 -43.91 14.14
N ASP A 354 -25.36 -42.70 14.36
CA ASP A 354 -26.78 -42.44 14.50
C ASP A 354 -27.41 -41.92 13.21
N PHE A 355 -26.95 -42.39 12.05
CA PHE A 355 -27.54 -41.96 10.78
C PHE A 355 -28.93 -42.55 10.57
N LYS A 356 -29.28 -43.61 11.29
CA LYS A 356 -30.58 -44.26 11.16
C LYS A 356 -31.44 -44.09 12.41
N LEU A 357 -31.30 -42.95 13.09
CA LEU A 357 -32.12 -42.72 14.28
C LEU A 357 -33.58 -42.54 13.95
N HIS A 358 -33.90 -41.95 12.78
CA HIS A 358 -35.29 -41.78 12.39
C HIS A 358 -35.97 -43.11 12.11
N LEU A 359 -35.20 -44.12 11.70
CA LEU A 359 -35.72 -45.46 11.55
C LEU A 359 -35.76 -46.23 12.87
N GLY A 360 -35.30 -45.61 13.96
CA GLY A 360 -35.24 -46.31 15.24
C GLY A 360 -34.09 -47.30 15.33
N GLN A 361 -32.95 -46.97 14.73
CA GLN A 361 -31.82 -47.89 14.67
C GLN A 361 -30.53 -47.14 14.97
N LEU A 362 -29.50 -47.92 15.31
CA LEU A 362 -28.15 -47.41 15.49
C LEU A 362 -27.17 -48.37 14.83
N GLU A 363 -25.94 -47.91 14.63
CA GLU A 363 -24.93 -48.69 13.94
C GLU A 363 -23.60 -48.61 14.67
N VAL A 364 -22.91 -49.75 14.74
CA VAL A 364 -21.58 -49.84 15.36
C VAL A 364 -20.57 -49.94 14.22
N ASP A 365 -19.86 -48.84 13.95
CA ASP A 365 -18.86 -48.79 12.89
C ASP A 365 -17.51 -49.27 13.43
N PRO A 366 -16.82 -50.17 12.71
CA PRO A 366 -15.54 -50.70 13.22
C PRO A 366 -14.30 -49.96 12.75
N ARG A 367 -14.43 -48.99 11.84
CA ARG A 367 -13.25 -48.43 11.19
C ARG A 367 -12.33 -47.73 12.19
N ALA A 368 -12.86 -47.27 13.32
CA ALA A 368 -12.07 -46.63 14.35
C ALA A 368 -12.19 -47.33 15.70
N LEU A 369 -12.71 -48.56 15.71
CA LEU A 369 -13.03 -49.28 16.94
C LEU A 369 -11.92 -50.31 17.21
N SER A 370 -11.16 -50.07 18.28
CA SER A 370 -10.13 -51.00 18.67
C SER A 370 -10.76 -52.28 19.24
N PRO A 371 -9.98 -53.37 19.34
CA PRO A 371 -10.53 -54.57 20.01
C PRO A 371 -11.01 -54.29 21.42
N ASP A 372 -10.23 -53.54 22.20
CA ASP A 372 -10.71 -53.11 23.51
C ASP A 372 -11.92 -52.17 23.39
N GLY A 373 -12.01 -51.45 22.28
CA GLY A 373 -13.19 -50.61 22.06
C GLY A 373 -14.46 -51.42 21.85
N GLU A 374 -14.34 -52.61 21.25
CA GLU A 374 -15.50 -53.47 21.09
C GLU A 374 -16.03 -53.92 22.45
N GLU A 375 -15.13 -54.31 23.35
CA GLU A 375 -15.56 -54.75 24.69
C GLU A 375 -16.24 -53.62 25.45
N SER A 376 -15.79 -52.38 25.24
CA SER A 376 -16.44 -51.25 25.89
C SER A 376 -17.88 -51.09 25.41
N VAL A 377 -18.11 -51.31 24.12
CA VAL A 377 -19.47 -51.22 23.57
C VAL A 377 -20.36 -52.29 24.18
N VAL A 378 -19.85 -53.52 24.29
CA VAL A 378 -20.64 -54.61 24.85
C VAL A 378 -20.87 -54.38 26.35
N ARG A 379 -19.84 -53.91 27.06
CA ARG A 379 -19.97 -53.71 28.50
C ARG A 379 -20.93 -52.58 28.82
N ARG A 380 -20.83 -51.46 28.08
CA ARG A 380 -21.72 -50.33 28.33
C ARG A 380 -23.16 -50.65 27.93
N LEU A 381 -23.34 -51.36 26.82
CA LEU A 381 -24.69 -51.75 26.41
C LEU A 381 -25.30 -52.76 27.38
N GLU A 382 -24.48 -53.66 27.95
CA GLU A 382 -25.01 -54.62 28.90
C GLU A 382 -25.41 -53.93 30.20
N GLU A 383 -24.64 -52.93 30.63
CA GLU A 383 -24.93 -52.19 31.85
C GLU A 383 -26.08 -51.20 31.69
N LEU A 384 -26.80 -51.24 30.56
CA LEU A 384 -27.91 -50.33 30.35
C LEU A 384 -29.13 -51.03 29.75
N LEU A 385 -29.23 -52.34 29.88
CA LEU A 385 -30.36 -53.08 29.32
C LEU A 385 -30.70 -54.29 30.18
N HIS B 17 28.84 34.38 -18.40
CA HIS B 17 28.33 35.08 -17.22
C HIS B 17 26.96 34.57 -16.83
N THR B 18 26.19 35.39 -16.11
CA THR B 18 24.85 35.02 -15.71
C THR B 18 23.93 34.92 -16.92
N MET B 19 23.13 33.86 -16.95
CA MET B 19 22.28 33.59 -18.10
C MET B 19 21.09 34.54 -18.13
N GLU B 20 20.79 35.06 -19.33
CA GLU B 20 19.68 35.96 -19.56
C GLU B 20 18.88 35.47 -20.77
N TYR B 21 17.79 36.16 -21.08
CA TYR B 21 16.91 35.75 -22.16
C TYR B 21 17.66 35.65 -23.48
N GLN B 22 18.54 36.63 -23.77
CA GLN B 22 19.26 36.64 -25.04
C GLN B 22 20.14 35.40 -25.20
N HIS B 23 20.62 34.83 -24.09
CA HIS B 23 21.42 33.62 -24.18
C HIS B 23 20.61 32.43 -24.66
N LEU B 24 19.32 32.39 -24.33
CA LEU B 24 18.44 31.31 -24.76
C LEU B 24 17.76 31.61 -26.09
N GLY B 25 18.08 32.73 -26.74
CA GLY B 25 17.41 33.09 -27.97
C GLY B 25 16.00 33.59 -27.79
N VAL B 26 15.58 33.91 -26.56
CA VAL B 26 14.25 34.45 -26.30
C VAL B 26 14.36 35.96 -26.31
N VAL B 27 13.82 36.59 -27.35
CA VAL B 27 13.82 38.05 -27.45
C VAL B 27 12.60 38.58 -26.70
N PRO B 28 12.74 39.64 -25.91
CA PRO B 28 11.59 40.16 -25.17
C PRO B 28 10.51 40.68 -26.11
N VAL B 29 9.31 40.82 -25.57
CA VAL B 29 8.14 41.24 -26.32
C VAL B 29 7.54 42.47 -25.65
N VAL B 30 6.68 43.18 -26.40
CA VAL B 30 6.02 44.38 -25.93
C VAL B 30 4.58 44.02 -25.59
N SER B 31 4.18 44.22 -24.34
CA SER B 31 2.86 43.84 -23.86
C SER B 31 1.95 45.06 -23.84
N ALA B 32 1.09 45.16 -24.84
CA ALA B 32 0.00 46.14 -24.85
C ALA B 32 -1.35 45.49 -24.56
N GLN B 33 -1.34 44.32 -23.93
CA GLN B 33 -2.56 43.61 -23.54
C GLN B 33 -2.51 43.28 -22.05
N ALA B 34 -1.91 44.18 -21.26
CA ALA B 34 -1.81 44.07 -19.81
C ALA B 34 -0.95 42.88 -19.40
N ASN B 35 -1.12 42.43 -18.15
CA ASN B 35 -0.22 41.44 -17.55
C ASN B 35 -0.74 40.03 -17.83
N SER B 36 -0.51 39.58 -19.05
CA SER B 36 -0.96 38.26 -19.47
C SER B 36 -0.01 37.19 -18.93
N THR B 37 -0.59 36.13 -18.38
CA THR B 37 0.22 34.99 -17.93
C THR B 37 1.11 34.42 -19.03
N PRO B 38 0.61 34.15 -20.25
CA PRO B 38 1.50 33.63 -21.30
C PRO B 38 2.67 34.55 -21.65
N LEU B 39 2.63 35.82 -21.24
CA LEU B 39 3.69 36.77 -21.52
C LEU B 39 4.61 36.97 -20.32
N GLY B 40 4.61 36.05 -19.37
CA GLY B 40 5.42 36.17 -18.18
C GLY B 40 4.76 36.91 -17.03
N GLY B 41 3.47 37.19 -17.13
CA GLY B 41 2.80 37.95 -16.10
C GLY B 41 3.13 39.43 -16.18
N CYS B 42 3.95 39.93 -15.27
CA CYS B 42 4.31 41.34 -15.23
C CYS B 42 5.79 41.47 -14.93
N THR B 43 6.35 42.63 -15.26
CA THR B 43 7.70 42.96 -14.83
C THR B 43 7.67 43.53 -13.43
N LEU B 44 8.77 43.32 -12.71
CA LEU B 44 8.87 43.75 -11.32
C LEU B 44 9.66 45.03 -11.21
N SER B 45 9.31 45.84 -10.21
CA SER B 45 10.10 47.02 -9.89
C SER B 45 11.42 46.61 -9.25
N ASP B 46 12.31 47.59 -9.10
CA ASP B 46 13.61 47.31 -8.50
C ASP B 46 13.49 46.84 -7.06
N GLY B 47 12.46 47.27 -6.36
CA GLY B 47 12.25 46.86 -4.98
C GLY B 47 11.75 45.44 -4.87
N VAL B 48 10.86 45.05 -5.77
CA VAL B 48 10.38 43.66 -5.79
C VAL B 48 11.52 42.72 -6.15
N ILE B 49 12.35 43.10 -7.12
CA ILE B 49 13.50 42.27 -7.49
C ILE B 49 14.45 42.12 -6.32
N ARG B 50 14.73 43.23 -5.61
CA ARG B 50 15.64 43.17 -4.48
C ARG B 50 15.07 42.35 -3.33
N ALA B 51 13.74 42.35 -3.15
CA ALA B 51 13.14 41.55 -2.09
C ALA B 51 13.29 40.07 -2.38
N MET B 52 13.18 39.67 -3.65
CA MET B 52 13.38 38.28 -4.02
C MET B 52 14.82 37.85 -3.80
N GLY B 53 15.77 38.75 -4.01
CA GLY B 53 17.17 38.39 -3.84
C GLY B 53 17.56 38.26 -2.38
N ASP B 54 17.03 39.14 -1.53
CA ASP B 54 17.37 39.08 -0.11
C ASP B 54 16.76 37.85 0.57
N ALA B 55 15.58 37.43 0.13
CA ALA B 55 14.96 36.24 0.71
C ALA B 55 15.66 34.96 0.31
N ALA B 56 16.44 34.99 -0.78
CA ALA B 56 17.11 33.81 -1.31
C ALA B 56 18.45 33.53 -0.64
N ARG B 57 18.77 34.23 0.45
CA ARG B 57 20.08 34.09 1.09
C ARG B 57 20.01 33.49 2.48
N PHE B 58 18.82 33.19 3.01
CA PHE B 58 18.70 32.66 4.35
C PHE B 58 17.65 31.56 4.39
N HIS B 59 17.86 30.60 5.28
CA HIS B 59 16.87 29.57 5.57
C HIS B 59 15.95 30.05 6.67
N VAL B 60 14.64 29.92 6.44
CA VAL B 60 13.63 30.36 7.38
C VAL B 60 12.62 29.25 7.58
N ASP B 61 12.06 29.17 8.78
CA ASP B 61 10.92 28.29 9.02
C ASP B 61 9.76 28.71 8.13
N MET B 62 9.37 27.86 7.19
CA MET B 62 8.32 28.23 6.23
C MET B 62 6.96 28.34 6.91
N GLU B 63 6.74 27.60 8.00
CA GLU B 63 5.50 27.76 8.75
C GLU B 63 5.44 29.12 9.43
N GLN B 64 6.58 29.59 9.96
CA GLN B 64 6.63 30.92 10.56
C GLN B 64 6.53 32.01 9.49
N LEU B 65 7.12 31.78 8.32
CA LEU B 65 7.02 32.75 7.24
C LEU B 65 5.59 32.82 6.69
N TRP B 66 4.90 31.68 6.63
CA TRP B 66 3.53 31.68 6.13
C TRP B 66 2.59 32.34 7.12
N GLN B 67 2.81 32.14 8.42
CA GLN B 67 1.99 32.81 9.43
C GLN B 67 2.21 34.31 9.40
N ALA B 68 3.47 34.74 9.22
CA ALA B 68 3.77 36.16 9.18
C ALA B 68 3.27 36.80 7.89
N ALA B 69 3.45 36.12 6.75
CA ALA B 69 2.97 36.66 5.50
C ALA B 69 1.46 36.71 5.45
N GLY B 70 0.78 35.77 6.11
CA GLY B 70 -0.67 35.80 6.14
C GLY B 70 -1.22 36.99 6.89
N SER B 71 -0.64 37.29 8.06
CA SER B 71 -1.08 38.45 8.82
C SER B 71 -0.81 39.76 8.09
N PHE B 72 0.29 39.82 7.33
CA PHE B 72 0.58 41.00 6.52
C PHE B 72 -0.46 41.16 5.42
N LEU B 73 -0.76 40.08 4.71
CA LEU B 73 -1.73 40.14 3.62
C LEU B 73 -3.16 40.30 4.11
N ALA B 74 -3.45 39.87 5.34
CA ALA B 74 -4.79 40.06 5.90
C ALA B 74 -5.01 41.51 6.31
N GLU B 75 -3.97 42.18 6.80
CA GLU B 75 -4.11 43.58 7.19
C GLU B 75 -4.33 44.47 5.97
N ALA B 76 -3.62 44.19 4.87
CA ALA B 76 -3.79 44.97 3.65
C ALA B 76 -5.14 44.74 3.00
N THR B 77 -5.84 43.66 3.35
CA THR B 77 -7.15 43.35 2.80
C THR B 77 -8.27 43.47 3.82
N GLY B 78 -7.96 43.80 5.08
CA GLY B 78 -8.98 43.92 6.09
C GLY B 78 -9.68 42.62 6.45
N SER B 79 -9.04 41.48 6.20
CA SER B 79 -9.61 40.18 6.49
C SER B 79 -9.00 39.62 7.78
N GLU B 80 -9.45 38.42 8.16
CA GLU B 80 -8.97 37.81 9.40
C GLU B 80 -7.60 37.16 9.22
N ASP B 81 -7.40 36.46 8.10
CA ASP B 81 -6.15 35.76 7.86
C ASP B 81 -5.96 35.64 6.35
N ALA B 82 -4.79 35.15 5.95
CA ALA B 82 -4.47 35.00 4.53
C ALA B 82 -3.53 33.83 4.35
N CYS B 83 -3.57 33.25 3.16
CA CYS B 83 -2.74 32.10 2.81
C CYS B 83 -2.17 32.27 1.41
N PRO B 84 -0.86 32.41 1.27
CA PRO B 84 -0.27 32.60 -0.06
C PRO B 84 -0.40 31.35 -0.92
N VAL B 85 -0.53 31.57 -2.23
CA VAL B 85 -0.66 30.52 -3.23
C VAL B 85 0.20 30.91 -4.43
N THR B 86 0.24 30.03 -5.43
CA THR B 86 0.95 30.35 -6.66
C THR B 86 0.19 31.33 -7.55
N GLY B 87 -1.12 31.43 -7.38
CA GLY B 87 -1.91 32.30 -8.21
C GLY B 87 -3.38 31.99 -8.06
N ALA B 88 -4.18 32.60 -8.94
CA ALA B 88 -5.63 32.51 -8.82
C ALA B 88 -6.13 31.10 -9.12
N ALA B 89 -5.54 30.43 -10.11
CA ALA B 89 -5.97 29.07 -10.45
C ALA B 89 -5.75 28.13 -9.27
N ALA B 90 -4.56 28.17 -8.67
CA ALA B 90 -4.30 27.36 -7.50
C ALA B 90 -5.13 27.81 -6.31
N GLY B 91 -5.46 29.11 -6.25
CA GLY B 91 -6.31 29.59 -5.17
C GLY B 91 -7.68 28.93 -5.16
N MET B 92 -8.26 28.73 -6.34
CA MET B 92 -9.59 28.12 -6.40
C MET B 92 -9.54 26.66 -5.97
N ALA B 93 -8.50 25.93 -6.39
CA ALA B 93 -8.39 24.52 -6.01
C ALA B 93 -8.21 24.36 -4.50
N ILE B 94 -7.37 25.21 -3.90
CA ILE B 94 -7.11 25.10 -2.46
C ILE B 94 -8.32 25.55 -1.66
N ALA B 95 -8.98 26.62 -2.10
CA ALA B 95 -10.17 27.10 -1.40
C ALA B 95 -11.28 26.05 -1.41
N VAL B 96 -11.47 25.37 -2.55
CA VAL B 96 -12.46 24.31 -2.62
C VAL B 96 -12.06 23.16 -1.69
N ALA B 97 -10.79 22.77 -1.74
CA ALA B 97 -10.31 21.69 -0.87
C ALA B 97 -10.49 22.05 0.60
N ALA B 98 -10.29 23.34 0.95
CA ALA B 98 -10.48 23.77 2.33
C ALA B 98 -11.94 23.63 2.75
N CYS B 99 -12.88 23.83 1.84
CA CYS B 99 -14.30 23.66 2.15
C CYS B 99 -14.74 22.21 2.13
N VAL B 100 -14.01 21.34 1.45
CA VAL B 100 -14.40 19.93 1.33
C VAL B 100 -13.71 19.12 2.42
N ALA B 101 -12.38 19.11 2.42
CA ALA B 101 -11.65 18.27 3.37
C ALA B 101 -11.47 18.92 4.73
N GLY B 102 -11.48 20.25 4.80
CA GLY B 102 -11.23 20.90 6.07
C GLY B 102 -9.77 20.74 6.50
N THR B 103 -9.56 20.56 7.80
CA THR B 103 -8.21 20.47 8.35
C THR B 103 -7.82 19.06 8.73
N ASP B 104 -8.65 18.06 8.45
CA ASP B 104 -8.30 16.68 8.76
C ASP B 104 -7.17 16.20 7.88
N GLY B 105 -6.03 15.87 8.49
CA GLY B 105 -4.85 15.51 7.72
C GLY B 105 -5.07 14.31 6.80
N LEU B 106 -5.90 13.36 7.24
CA LEU B 106 -6.14 12.18 6.40
C LEU B 106 -7.03 12.52 5.21
N ARG B 107 -8.11 13.29 5.44
CA ARG B 107 -8.96 13.71 4.34
C ARG B 107 -8.19 14.61 3.36
N VAL B 108 -7.30 15.44 3.89
CA VAL B 108 -6.46 16.28 3.02
C VAL B 108 -5.62 15.42 2.09
N GLN B 109 -5.00 14.38 2.63
CA GLN B 109 -4.12 13.55 1.81
C GLN B 109 -4.87 12.57 0.93
N ARG B 110 -6.20 12.46 1.07
CA ARG B 110 -6.98 11.57 0.25
C ARG B 110 -7.65 12.27 -0.93
N LEU B 111 -7.67 13.60 -0.95
CA LEU B 111 -8.21 14.33 -2.08
C LEU B 111 -7.43 14.00 -3.35
N PRO B 112 -8.07 14.10 -4.53
CA PRO B 112 -9.40 14.62 -4.82
C PRO B 112 -10.57 13.68 -4.52
N ASP B 113 -10.34 12.62 -3.76
CA ASP B 113 -11.44 11.80 -3.27
C ASP B 113 -12.11 12.51 -2.09
N PRO B 114 -13.40 12.84 -2.19
CA PRO B 114 -14.04 13.60 -1.09
C PRO B 114 -14.39 12.75 0.10
N GLY B 115 -14.43 11.42 -0.03
CA GLY B 115 -14.82 10.58 1.09
C GLY B 115 -16.30 10.77 1.37
N ASP B 116 -16.62 11.03 2.64
CA ASP B 116 -18.00 11.21 3.08
C ASP B 116 -18.37 12.66 3.30
N GLN B 117 -17.59 13.61 2.75
CA GLN B 117 -17.87 15.02 2.96
C GLN B 117 -18.70 15.59 1.82
N PRO B 118 -19.55 16.57 2.10
CA PRO B 118 -20.23 17.28 1.01
C PRO B 118 -19.21 17.97 0.11
N ASN B 119 -19.40 17.84 -1.20
CA ASN B 119 -18.42 18.36 -2.14
C ASN B 119 -19.06 19.04 -3.35
N GLU B 120 -20.36 19.34 -3.32
CA GLU B 120 -20.98 20.06 -4.40
C GLU B 120 -20.62 21.54 -4.30
N ILE B 121 -20.13 22.10 -5.40
CA ILE B 121 -19.70 23.49 -5.47
C ILE B 121 -20.61 24.19 -6.47
N VAL B 122 -21.43 25.10 -5.98
CA VAL B 122 -22.47 25.73 -6.78
C VAL B 122 -21.95 27.06 -7.34
N LEU B 123 -22.18 27.27 -8.64
CA LEU B 123 -21.80 28.51 -9.30
C LEU B 123 -22.75 28.75 -10.47
N GLN B 124 -22.79 30.00 -10.91
CA GLN B 124 -23.63 30.39 -12.03
C GLN B 124 -22.99 29.96 -13.36
N LYS B 125 -23.86 29.65 -14.32
CA LYS B 125 -23.39 29.19 -15.63
C LYS B 125 -22.46 30.22 -16.27
N GLY B 126 -22.77 31.51 -16.13
CA GLY B 126 -21.95 32.56 -16.72
C GLY B 126 -20.57 32.70 -16.11
N HIS B 127 -20.31 32.04 -14.98
CA HIS B 127 -19.02 32.14 -14.30
C HIS B 127 -18.15 30.90 -14.52
N SER B 128 -18.54 30.02 -15.43
CA SER B 128 -17.74 28.82 -15.73
C SER B 128 -16.61 29.23 -16.68
N ILE B 129 -15.57 29.82 -16.09
CA ILE B 129 -14.45 30.37 -16.86
C ILE B 129 -13.32 29.36 -16.93
N SER B 130 -12.26 29.70 -17.68
CA SER B 130 -11.08 28.85 -17.81
C SER B 130 -9.83 29.67 -17.50
N TYR B 131 -8.87 29.02 -16.86
CA TYR B 131 -7.59 29.65 -16.51
C TYR B 131 -6.55 29.22 -17.55
N GLY B 132 -6.47 29.98 -18.64
CA GLY B 132 -5.53 29.65 -19.70
C GLY B 132 -5.74 28.27 -20.31
N GLY B 133 -7.01 27.85 -20.43
CA GLY B 133 -7.36 26.56 -20.97
C GLY B 133 -7.83 25.56 -19.92
N ALA B 134 -7.40 25.74 -18.67
CA ALA B 134 -7.82 24.86 -17.59
C ALA B 134 -9.13 25.39 -17.01
N PRO B 135 -10.24 24.66 -17.15
CA PRO B 135 -11.53 25.17 -16.66
C PRO B 135 -11.53 25.36 -15.15
N LEU B 136 -12.35 26.32 -14.70
CA LEU B 136 -12.54 26.51 -13.26
C LEU B 136 -13.16 25.27 -12.63
N ALA B 137 -13.96 24.52 -13.38
CA ALA B 137 -14.52 23.28 -12.86
C ALA B 137 -13.45 22.22 -12.65
N GLN B 138 -12.37 22.27 -13.45
CA GLN B 138 -11.26 21.35 -13.24
C GLN B 138 -10.52 21.67 -11.95
N MET B 139 -10.34 22.97 -11.66
CA MET B 139 -9.76 23.37 -10.38
C MET B 139 -10.64 22.95 -9.22
N ILE B 140 -11.95 22.90 -9.42
CA ILE B 140 -12.85 22.40 -8.39
C ILE B 140 -12.65 20.89 -8.20
N ALA B 141 -12.45 20.17 -9.30
CA ALA B 141 -12.24 18.72 -9.20
C ALA B 141 -10.91 18.40 -8.52
N LEU B 142 -9.89 19.22 -8.71
CA LEU B 142 -8.61 18.99 -8.04
C LEU B 142 -8.74 19.13 -6.53
N GLY B 143 -9.63 20.00 -6.07
CA GLY B 143 -9.87 20.21 -4.66
C GLY B 143 -10.88 19.27 -4.04
N GLY B 144 -11.27 18.20 -4.75
CA GLY B 144 -12.18 17.22 -4.20
C GLY B 144 -13.65 17.54 -4.35
N GLY B 145 -14.00 18.55 -5.15
CA GLY B 145 -15.37 18.97 -5.32
C GLY B 145 -15.95 18.57 -6.67
N ARG B 146 -17.24 18.83 -6.82
CA ARG B 146 -17.96 18.60 -8.07
C ARG B 146 -18.71 19.87 -8.44
N ALA B 147 -18.43 20.40 -9.63
CA ALA B 147 -19.06 21.63 -10.07
C ALA B 147 -20.52 21.39 -10.41
N VAL B 148 -21.40 22.24 -9.88
CA VAL B 148 -22.82 22.24 -10.20
C VAL B 148 -23.15 23.61 -10.76
N GLU B 149 -23.37 23.68 -12.07
CA GLU B 149 -23.63 24.94 -12.74
C GLU B 149 -25.14 25.18 -12.82
N VAL B 150 -25.57 26.36 -12.40
CA VAL B 150 -26.97 26.70 -12.27
C VAL B 150 -27.29 27.87 -13.20
N GLY B 151 -28.44 27.78 -13.87
CA GLY B 151 -28.91 28.85 -14.72
C GLY B 151 -28.38 28.81 -16.13
N ALA B 152 -28.24 29.97 -16.75
CA ALA B 152 -27.72 30.07 -18.11
C ALA B 152 -26.81 31.28 -18.19
N VAL B 153 -26.12 31.41 -19.34
CA VAL B 153 -25.15 32.49 -19.50
C VAL B 153 -25.85 33.85 -19.51
N ASN B 154 -27.09 33.90 -19.98
CA ASN B 154 -27.82 35.17 -20.08
C ASN B 154 -28.80 35.38 -18.93
N GLU B 155 -29.02 34.39 -18.08
CA GLU B 155 -29.96 34.54 -16.98
C GLU B 155 -29.73 33.45 -15.95
N THR B 156 -29.74 33.84 -14.67
CA THR B 156 -29.68 32.89 -13.55
C THR B 156 -30.45 33.51 -12.40
N PRO B 157 -31.68 33.07 -12.16
CA PRO B 157 -32.48 33.67 -11.08
C PRO B 157 -31.95 33.29 -9.71
N ARG B 158 -32.25 34.15 -8.73
CA ARG B 158 -31.75 33.92 -7.38
C ARG B 158 -32.35 32.66 -6.78
N SER B 159 -33.61 32.36 -7.11
CA SER B 159 -34.24 31.14 -6.59
C SER B 159 -33.56 29.90 -7.12
N HIS B 160 -33.06 29.94 -8.36
CA HIS B 160 -32.35 28.80 -8.91
C HIS B 160 -31.12 28.45 -8.07
N VAL B 161 -30.43 29.46 -7.56
CA VAL B 161 -29.21 29.21 -6.78
C VAL B 161 -29.56 28.67 -5.41
N ALA B 162 -30.53 29.30 -4.74
CA ALA B 162 -30.88 28.88 -3.38
C ALA B 162 -31.47 27.48 -3.35
N SER B 163 -32.21 27.09 -4.40
CA SER B 163 -32.75 25.73 -4.44
C SER B 163 -31.65 24.71 -4.70
N ALA B 164 -30.56 25.12 -5.35
CA ALA B 164 -29.46 24.21 -5.64
C ALA B 164 -28.58 23.92 -4.43
N VAL B 165 -28.72 24.69 -3.35
CA VAL B 165 -27.93 24.49 -2.14
C VAL B 165 -28.62 23.45 -1.29
N THR B 166 -27.98 22.29 -1.13
CA THR B 166 -28.50 21.20 -0.32
C THR B 166 -27.49 20.85 0.77
N ARG B 167 -27.76 19.76 1.48
CA ARG B 167 -26.83 19.27 2.50
C ARG B 167 -25.52 18.80 1.88
N ARG B 168 -25.52 18.48 0.58
CA ARG B 168 -24.33 18.04 -0.12
C ARG B 168 -23.52 19.19 -0.70
N THR B 169 -23.96 20.43 -0.50
CA THR B 169 -23.25 21.60 -1.01
C THR B 169 -22.11 21.97 -0.07
N ALA B 170 -20.92 22.15 -0.65
CA ALA B 170 -19.72 22.49 0.12
C ALA B 170 -19.40 23.97 0.12
N ALA B 171 -19.64 24.67 -0.99
CA ALA B 171 -19.30 26.08 -1.09
C ALA B 171 -19.97 26.69 -2.30
N LEU B 172 -20.00 28.01 -2.34
CA LEU B 172 -20.48 28.77 -3.49
C LEU B 172 -19.31 29.54 -4.11
N VAL B 173 -19.20 29.49 -5.42
CA VAL B 173 -18.11 30.14 -6.16
C VAL B 173 -18.68 31.32 -6.93
N TYR B 174 -17.99 32.46 -6.82
CA TYR B 174 -18.37 33.69 -7.52
C TYR B 174 -17.14 34.25 -8.21
N VAL B 175 -17.27 34.55 -9.49
CA VAL B 175 -16.20 35.15 -10.28
C VAL B 175 -16.55 36.62 -10.52
N THR B 176 -15.63 37.51 -10.14
CA THR B 176 -15.88 38.95 -10.21
C THR B 176 -15.56 39.55 -11.56
N SER B 177 -14.68 38.91 -12.34
CA SER B 177 -14.22 39.48 -13.60
C SER B 177 -15.39 39.70 -14.57
N ARG B 178 -15.61 40.95 -14.94
CA ARG B 178 -16.58 41.28 -15.97
C ARG B 178 -16.02 41.16 -17.37
N THR B 179 -14.76 40.72 -17.50
CA THR B 179 -14.12 40.49 -18.80
C THR B 179 -14.23 39.03 -19.23
N HIS B 180 -13.91 38.10 -18.34
CA HIS B 180 -13.93 36.68 -18.68
C HIS B 180 -15.25 35.99 -18.32
N ALA B 181 -15.99 36.52 -17.35
CA ALA B 181 -17.27 35.96 -16.94
C ALA B 181 -18.40 36.89 -17.35
N VAL B 182 -19.61 36.34 -17.43
CA VAL B 182 -20.81 37.08 -17.79
C VAL B 182 -21.70 37.18 -16.56
N HIS B 183 -22.30 38.35 -16.36
CA HIS B 183 -23.14 38.62 -15.21
C HIS B 183 -24.55 39.07 -15.59
N ARG B 184 -24.89 39.04 -16.88
CA ARG B 184 -26.15 39.58 -17.35
C ARG B 184 -27.34 38.84 -16.74
N LYS B 185 -28.14 39.55 -15.95
CA LYS B 185 -29.30 38.98 -15.26
C LYS B 185 -28.90 37.82 -14.36
N GLY B 186 -27.72 37.90 -13.76
CA GLY B 186 -27.22 36.88 -12.87
C GLY B 186 -27.56 37.17 -11.42
N VAL B 187 -26.76 36.58 -10.54
CA VAL B 187 -26.93 36.74 -9.10
C VAL B 187 -25.76 37.56 -8.56
N PRO B 188 -26.00 38.68 -7.91
CA PRO B 188 -24.90 39.50 -7.38
C PRO B 188 -24.24 38.82 -6.19
N LEU B 189 -23.05 39.34 -5.84
CA LEU B 189 -22.27 38.71 -4.77
C LEU B 189 -22.98 38.82 -3.42
N ASP B 190 -23.56 39.98 -3.12
CA ASP B 190 -24.24 40.15 -1.84
C ASP B 190 -25.44 39.21 -1.72
N GLU B 191 -26.02 38.80 -2.85
CA GLU B 191 -27.09 37.81 -2.80
C GLU B 191 -26.54 36.42 -2.51
N LEU B 192 -25.35 36.10 -3.03
CA LEU B 192 -24.72 34.82 -2.72
C LEU B 192 -24.32 34.74 -1.26
N VAL B 193 -23.81 35.84 -0.70
CA VAL B 193 -23.47 35.86 0.73
C VAL B 193 -24.72 35.65 1.57
N ALA B 194 -25.83 36.27 1.18
CA ALA B 194 -27.08 36.05 1.89
C ALA B 194 -27.55 34.61 1.76
N ILE B 195 -27.32 33.99 0.60
CA ILE B 195 -27.66 32.59 0.41
C ILE B 195 -26.73 31.70 1.23
N GLY B 196 -25.43 32.03 1.23
CA GLY B 196 -24.49 31.23 2.01
C GLY B 196 -24.78 31.28 3.50
N ARG B 197 -25.06 32.48 4.02
CA ARG B 197 -25.39 32.60 5.44
C ARG B 197 -26.69 31.90 5.79
N GLU B 198 -27.63 31.82 4.84
CA GLU B 198 -28.91 31.19 5.11
C GLU B 198 -28.76 29.68 5.31
N HIS B 199 -27.95 29.03 4.48
CA HIS B 199 -27.75 27.59 4.56
C HIS B 199 -26.47 27.20 5.29
N GLY B 200 -25.59 28.15 5.58
CA GLY B 200 -24.34 27.83 6.24
C GLY B 200 -23.28 27.24 5.33
N VAL B 201 -23.19 27.73 4.10
CA VAL B 201 -22.17 27.25 3.16
C VAL B 201 -21.22 28.40 2.84
N PRO B 202 -19.91 28.16 2.81
CA PRO B 202 -18.96 29.23 2.51
C PRO B 202 -19.13 29.76 1.09
N VAL B 203 -18.65 30.98 0.88
CA VAL B 203 -18.67 31.64 -0.42
C VAL B 203 -17.23 31.89 -0.84
N ILE B 204 -16.86 31.42 -2.03
CA ILE B 204 -15.51 31.57 -2.57
C ILE B 204 -15.56 32.57 -3.72
N VAL B 205 -14.65 33.54 -3.69
CA VAL B 205 -14.65 34.64 -4.65
C VAL B 205 -13.36 34.58 -5.47
N ASP B 206 -13.51 34.58 -6.79
CA ASP B 206 -12.39 34.70 -7.72
C ASP B 206 -12.22 36.17 -8.07
N ALA B 207 -11.29 36.84 -7.38
CA ALA B 207 -10.99 38.23 -7.67
C ALA B 207 -9.58 38.34 -8.23
N ALA B 208 -9.28 37.53 -9.26
CA ALA B 208 -7.92 37.38 -9.76
C ALA B 208 -7.27 38.72 -10.10
N GLY B 209 -7.88 39.48 -11.00
CA GLY B 209 -7.31 40.72 -11.46
C GLY B 209 -8.00 41.96 -10.93
N GLU B 210 -8.47 41.90 -9.69
CA GLU B 210 -9.15 43.04 -9.07
C GLU B 210 -8.15 43.94 -8.37
N GLY B 211 -8.35 45.25 -8.50
CA GLY B 211 -7.49 46.22 -7.87
C GLY B 211 -7.89 46.54 -6.45
N GLY B 212 -9.19 46.46 -6.16
CA GLY B 212 -9.67 46.71 -4.82
C GLY B 212 -9.24 45.60 -3.87
N LEU B 213 -8.46 45.95 -2.86
CA LEU B 213 -7.95 44.97 -1.91
C LEU B 213 -8.86 44.76 -0.71
N ARG B 214 -9.88 45.61 -0.53
CA ARG B 214 -10.76 45.51 0.62
C ARG B 214 -12.24 45.40 0.29
N ARG B 215 -12.68 45.81 -0.91
CA ARG B 215 -14.10 45.84 -1.20
C ARG B 215 -14.70 44.44 -1.31
N TRP B 216 -13.93 43.47 -1.81
CA TRP B 216 -14.47 42.13 -1.98
C TRP B 216 -14.51 41.37 -0.66
N VAL B 217 -13.53 41.59 0.22
CA VAL B 217 -13.58 41.01 1.54
C VAL B 217 -14.73 41.61 2.35
N ALA B 218 -14.98 42.91 2.17
CA ALA B 218 -16.05 43.58 2.91
C ALA B 218 -17.43 43.09 2.54
N SER B 219 -17.57 42.39 1.40
CA SER B 219 -18.85 41.84 1.00
C SER B 219 -19.35 40.73 1.92
N GLY B 220 -18.48 40.21 2.80
CA GLY B 220 -18.85 39.12 3.67
C GLY B 220 -18.45 37.75 3.19
N ALA B 221 -17.86 37.64 1.99
CA ALA B 221 -17.43 36.36 1.47
C ALA B 221 -16.38 35.74 2.39
N ASP B 222 -16.39 34.41 2.45
CA ASP B 222 -15.50 33.70 3.38
C ASP B 222 -14.07 33.63 2.85
N LEU B 223 -13.90 33.45 1.54
CA LEU B 223 -12.58 33.34 0.94
C LEU B 223 -12.53 34.17 -0.33
N VAL B 224 -11.48 34.97 -0.48
CA VAL B 224 -11.29 35.85 -1.64
C VAL B 224 -9.90 35.59 -2.20
N ILE B 225 -9.83 35.38 -3.52
CA ILE B 225 -8.61 34.95 -4.20
C ILE B 225 -8.07 36.11 -5.02
N TYR B 226 -6.78 36.40 -4.86
CA TYR B 226 -6.10 37.40 -5.67
C TYR B 226 -4.90 36.76 -6.38
N SER B 227 -4.65 37.23 -7.60
CA SER B 227 -3.47 36.82 -8.36
C SER B 227 -2.44 37.94 -8.32
N GLY B 228 -1.18 37.56 -8.14
CA GLY B 228 -0.09 38.51 -7.95
C GLY B 228 0.22 39.35 -9.18
N PRO B 229 0.69 38.72 -10.26
CA PRO B 229 1.17 39.47 -11.44
C PRO B 229 0.10 40.30 -12.16
N MET B 231 -2.32 42.76 -11.07
CA MET B 231 -2.44 44.19 -10.77
C MET B 231 -1.40 44.66 -9.76
N LEU B 232 -1.06 43.80 -8.81
CA LEU B 232 -0.15 44.16 -7.73
C LEU B 232 1.30 44.26 -8.18
N GLY B 233 1.62 43.89 -9.42
CA GLY B 233 2.99 43.93 -9.89
C GLY B 233 3.89 42.99 -9.13
N ALA B 234 3.45 41.76 -8.92
CA ALA B 234 4.19 40.77 -8.17
C ALA B 234 4.68 39.67 -9.10
N PRO B 235 5.75 38.96 -8.72
CA PRO B 235 6.14 37.75 -9.47
C PRO B 235 5.04 36.70 -9.38
N THR B 236 5.20 35.59 -10.09
CA THR B 236 4.26 34.49 -9.98
C THR B 236 3.98 34.18 -8.52
N SER B 237 2.75 34.47 -8.08
CA SER B 237 2.33 34.31 -6.69
C SER B 237 0.85 34.64 -6.57
N GLY B 238 0.38 34.76 -5.34
CA GLY B 238 -1.02 35.02 -5.08
C GLY B 238 -1.33 34.72 -3.63
N PHE B 239 -2.59 34.98 -3.26
CA PHE B 239 -2.99 34.68 -1.89
C PHE B 239 -4.50 34.51 -1.81
N ILE B 240 -4.93 33.84 -0.74
CA ILE B 240 -6.33 33.66 -0.40
C ILE B 240 -6.53 34.28 0.98
N CYS B 241 -7.43 35.26 1.06
CA CYS B 241 -7.71 35.95 2.32
C CYS B 241 -9.18 35.76 2.68
N GLY B 242 -9.45 35.82 3.97
CA GLY B 242 -10.82 35.70 4.43
C GLY B 242 -10.88 35.22 5.88
N ARG B 243 -11.91 34.43 6.15
CA ARG B 243 -12.17 33.97 7.51
C ARG B 243 -11.05 33.07 8.02
N GLY B 244 -10.78 33.17 9.33
CA GLY B 244 -9.60 32.54 9.89
C GLY B 244 -9.64 31.02 9.83
N ASP B 245 -10.79 30.43 10.14
CA ASP B 245 -10.88 28.97 10.19
C ASP B 245 -10.68 28.35 8.81
N LEU B 246 -11.26 28.97 7.76
CA LEU B 246 -11.12 28.43 6.43
C LEU B 246 -9.74 28.71 5.84
N VAL B 247 -9.15 29.87 6.16
CA VAL B 247 -7.78 30.14 5.73
C VAL B 247 -6.83 29.15 6.38
N ALA B 248 -7.11 28.75 7.62
CA ALA B 248 -6.33 27.70 8.26
C ALA B 248 -6.50 26.37 7.53
N ALA B 249 -7.71 26.10 7.03
CA ALA B 249 -7.93 24.89 6.25
C ALA B 249 -7.23 24.95 4.90
N CYS B 250 -6.99 26.16 4.39
CA CYS B 250 -6.21 26.31 3.16
C CYS B 250 -4.76 25.89 3.38
N ARG B 251 -4.15 26.36 4.47
CA ARG B 251 -2.75 26.03 4.74
C ARG B 251 -2.55 24.53 4.87
N ALA B 252 -3.53 23.82 5.45
CA ALA B 252 -3.41 22.38 5.63
C ALA B 252 -3.34 21.64 4.29
N GLN B 253 -3.85 22.24 3.22
CA GLN B 253 -3.85 21.57 1.91
C GLN B 253 -2.46 21.43 1.33
N TYR B 254 -1.48 22.20 1.84
CA TYR B 254 -0.11 22.05 1.35
C TYR B 254 0.52 20.73 1.76
N SER B 255 -0.12 19.98 2.66
CA SER B 255 0.20 18.58 2.90
C SER B 255 -0.62 17.66 2.01
N GLY B 256 -1.32 18.20 1.01
CA GLY B 256 -2.16 17.42 0.13
C GLY B 256 -2.09 17.87 -1.32
N ILE B 257 -3.23 18.31 -1.86
CA ILE B 257 -3.27 18.67 -3.28
C ILE B 257 -2.50 19.95 -3.57
N ALA B 258 -2.21 20.76 -2.56
CA ALA B 258 -1.43 21.98 -2.74
C ALA B 258 0.06 21.77 -2.58
N ARG B 259 0.50 20.55 -2.25
CA ARG B 259 1.92 20.27 -2.20
C ARG B 259 2.63 20.49 -3.53
N PRO B 260 2.10 20.07 -4.68
CA PRO B 260 2.78 20.37 -5.95
C PRO B 260 2.68 21.83 -6.36
N MET B 261 1.87 22.63 -5.69
CA MET B 261 1.71 24.04 -6.00
C MET B 261 2.62 24.89 -5.11
N LYS B 262 3.91 24.58 -5.18
CA LYS B 262 4.88 25.16 -4.28
C LYS B 262 4.99 26.67 -4.48
N VAL B 263 5.21 27.38 -3.37
CA VAL B 263 5.45 28.82 -3.40
C VAL B 263 6.81 29.04 -2.74
N GLY B 264 7.80 29.41 -3.54
CA GLY B 264 9.12 29.66 -3.01
C GLY B 264 9.16 30.91 -2.16
N LYS B 265 10.09 30.93 -1.20
CA LYS B 265 10.21 32.07 -0.31
C LYS B 265 10.62 33.35 -1.06
N GLU B 266 11.20 33.21 -2.24
CA GLU B 266 11.54 34.39 -3.05
C GLU B 266 10.29 34.99 -3.66
N ASN B 267 9.37 34.14 -4.15
CA ASN B 267 8.12 34.65 -4.73
C ASN B 267 7.25 35.30 -3.66
N LEU B 268 7.25 34.75 -2.45
CA LEU B 268 6.38 35.28 -1.40
C LEU B 268 6.88 36.63 -0.91
N LEU B 269 8.18 36.76 -0.64
CA LEU B 269 8.72 38.05 -0.25
C LEU B 269 8.55 39.08 -1.37
N GLY B 270 8.79 38.67 -2.61
CA GLY B 270 8.53 39.56 -3.73
C GLY B 270 7.07 39.96 -3.84
N LEU B 271 6.16 39.09 -3.39
CA LEU B 271 4.74 39.44 -3.38
C LEU B 271 4.43 40.46 -2.29
N LEU B 272 5.05 40.32 -1.12
CA LEU B 272 4.78 41.25 -0.02
C LEU B 272 5.32 42.64 -0.34
N GLN B 273 6.51 42.71 -0.96
CA GLN B 273 7.05 44.00 -1.38
C GLN B 273 6.17 44.64 -2.45
N ALA B 274 5.50 43.82 -3.27
CA ALA B 274 4.59 44.38 -4.27
C ALA B 274 3.35 44.97 -3.62
N VAL B 275 2.85 44.32 -2.56
CA VAL B 275 1.67 44.84 -1.87
C VAL B 275 2.01 46.10 -1.10
N ARG B 276 3.19 46.14 -0.48
CA ARG B 276 3.61 47.33 0.25
C ARG B 276 3.74 48.53 -0.68
N GLU B 277 4.25 48.31 -1.90
CA GLU B 277 4.35 49.39 -2.87
C GLU B 277 3.01 49.73 -3.49
N TYR B 278 2.09 48.76 -3.56
CA TYR B 278 0.78 49.03 -4.15
C TYR B 278 -0.08 49.86 -3.21
N THR B 279 -0.03 49.57 -1.91
CA THR B 279 -0.81 50.31 -0.92
C THR B 279 -0.24 51.69 -0.63
N ALA B 280 0.91 52.02 -1.19
CA ALA B 280 1.53 53.33 -0.96
C ALA B 280 1.07 54.36 -1.98
N VAL B 281 1.01 54.00 -3.25
CA VAL B 281 0.57 54.93 -4.29
C VAL B 281 -0.95 55.03 -4.26
N PRO B 282 -1.52 56.23 -4.13
CA PRO B 282 -2.98 56.35 -4.14
C PRO B 282 -3.55 56.02 -5.50
N GLU B 283 -4.77 55.48 -5.48
CA GLU B 283 -5.44 55.11 -6.73
C GLU B 283 -5.78 56.33 -7.59
N GLU B 284 -5.75 57.53 -7.01
CA GLU B 284 -6.02 58.73 -7.79
C GLU B 284 -4.87 59.06 -8.72
N GLN B 285 -3.62 59.00 -8.22
CA GLN B 285 -2.47 59.31 -9.05
C GLN B 285 -2.26 58.24 -10.12
N ARG B 286 -2.53 56.97 -9.79
CA ARG B 286 -2.36 55.91 -10.76
C ARG B 286 -3.41 55.98 -11.86
N ALA B 287 -4.60 56.50 -11.56
CA ALA B 287 -5.63 56.64 -12.57
C ALA B 287 -5.45 57.90 -13.39
N ALA B 288 -5.07 59.00 -12.74
CA ALA B 288 -4.86 60.25 -13.47
C ALA B 288 -3.66 60.15 -14.40
N GLU B 289 -2.55 59.57 -13.93
CA GLU B 289 -1.37 59.43 -14.77
C GLU B 289 -1.67 58.57 -16.00
N GLN B 290 -2.45 57.50 -15.82
CA GLN B 290 -2.82 56.68 -16.96
C GLN B 290 -3.79 57.41 -17.89
N LEU B 291 -4.74 58.15 -17.31
CA LEU B 291 -5.70 58.88 -18.12
C LEU B 291 -5.04 59.96 -18.96
N GLU B 292 -3.98 60.59 -18.44
CA GLU B 292 -3.28 61.61 -19.19
C GLU B 292 -2.26 61.02 -20.15
N ARG B 293 -1.69 59.85 -19.82
CA ARG B 293 -0.72 59.23 -20.71
C ARG B 293 -1.40 58.62 -21.93
N MET B 294 -2.63 58.11 -21.77
CA MET B 294 -3.35 57.56 -22.90
C MET B 294 -4.04 58.64 -23.73
N THR B 295 -4.35 59.78 -23.11
CA THR B 295 -4.85 60.92 -23.88
C THR B 295 -3.77 61.44 -24.83
N LYS B 296 -2.53 61.54 -24.35
CA LYS B 296 -1.44 61.96 -25.22
C LYS B 296 -1.08 60.87 -26.23
N LEU B 297 -1.26 59.60 -25.87
CA LEU B 297 -0.96 58.52 -26.79
C LEU B 297 -2.04 58.38 -27.86
N ALA B 298 -3.30 58.67 -27.51
CA ALA B 298 -4.38 58.57 -28.50
C ALA B 298 -4.25 59.64 -29.58
N ALA B 299 -3.63 60.78 -29.27
CA ALA B 299 -3.46 61.81 -30.27
C ALA B 299 -2.40 61.42 -31.29
N ARG B 300 -1.33 60.77 -30.84
CA ARG B 300 -0.28 60.34 -31.75
C ARG B 300 -0.77 59.25 -32.70
N LEU B 301 -1.75 58.46 -32.28
CA LEU B 301 -2.29 57.39 -33.12
C LEU B 301 -3.39 57.88 -34.05
N ASP B 302 -4.22 58.83 -33.60
CA ASP B 302 -5.30 59.32 -34.44
C ASP B 302 -4.78 60.05 -35.68
N LYS B 303 -3.55 60.56 -35.64
CA LYS B 303 -2.96 61.24 -36.78
C LYS B 303 -2.34 60.28 -37.80
N ILE B 304 -2.37 58.98 -37.54
CA ILE B 304 -1.83 57.99 -38.46
C ILE B 304 -2.77 57.85 -39.65
N PRO B 305 -2.26 57.61 -40.86
CA PRO B 305 -3.13 57.54 -42.04
C PRO B 305 -4.07 56.34 -41.96
N GLY B 306 -5.37 56.62 -41.95
CA GLY B 306 -6.36 55.57 -41.89
C GLY B 306 -6.44 54.87 -40.54
N LEU B 307 -6.39 55.64 -39.46
CA LEU B 307 -6.47 55.08 -38.12
C LEU B 307 -7.00 56.15 -37.17
N SER B 308 -8.13 55.85 -36.52
CA SER B 308 -8.71 56.73 -35.52
C SER B 308 -8.45 56.18 -34.13
N ALA B 309 -8.27 57.09 -33.17
CA ALA B 309 -7.93 56.70 -31.80
C ALA B 309 -8.53 57.69 -30.82
N ARG B 310 -8.87 57.19 -29.64
CA ARG B 310 -9.46 58.02 -28.59
C ARG B 310 -9.29 57.32 -27.26
N THR B 311 -9.23 58.12 -26.19
CA THR B 311 -9.16 57.59 -24.84
C THR B 311 -10.55 57.16 -24.38
N ALA B 312 -10.68 55.91 -23.95
CA ALA B 312 -11.95 55.33 -23.55
C ALA B 312 -11.79 54.61 -22.22
N GLN B 313 -12.73 54.86 -21.31
CA GLN B 313 -12.75 54.14 -20.05
C GLN B 313 -13.13 52.69 -20.28
N ASP B 314 -12.84 51.85 -19.27
CA ASP B 314 -13.10 50.43 -19.38
C ASP B 314 -14.59 50.16 -19.59
N ASP B 315 -14.90 49.37 -20.62
CA ASP B 315 -16.31 49.10 -20.96
C ASP B 315 -17.04 48.42 -19.80
N SER B 316 -16.32 47.69 -18.95
CA SER B 316 -16.94 47.06 -17.79
C SER B 316 -17.24 48.04 -16.68
N GLY B 317 -16.67 49.25 -16.72
CA GLY B 317 -16.95 50.25 -15.72
C GLY B 317 -15.85 50.38 -14.67
N ARG B 318 -14.60 50.26 -15.09
CA ARG B 318 -13.46 50.35 -14.19
C ARG B 318 -12.63 51.59 -14.51
N THR B 319 -11.80 51.98 -13.55
CA THR B 319 -10.94 53.16 -13.71
C THR B 319 -9.62 52.79 -14.39
N ILE B 320 -9.74 52.27 -15.60
CA ILE B 320 -8.61 51.91 -16.45
C ILE B 320 -8.87 52.44 -17.84
N TYR B 321 -7.85 53.04 -18.45
CA TYR B 321 -8.00 53.73 -19.71
C TYR B 321 -7.08 53.13 -20.77
N ARG B 322 -7.56 53.14 -22.01
CA ARG B 322 -6.82 52.59 -23.13
C ARG B 322 -7.14 53.40 -24.38
N VAL B 323 -6.56 53.00 -25.50
CA VAL B 323 -6.73 53.69 -26.78
C VAL B 323 -7.45 52.74 -27.73
N LEU B 324 -8.71 53.03 -28.01
CA LEU B 324 -9.51 52.21 -28.92
C LEU B 324 -9.13 52.56 -30.36
N LEU B 325 -8.55 51.60 -31.07
CA LEU B 325 -8.11 51.81 -32.45
C LEU B 325 -9.25 51.47 -33.40
N THR B 326 -9.45 52.34 -34.39
CA THR B 326 -10.45 52.13 -35.44
C THR B 326 -9.70 51.76 -36.72
N VAL B 327 -9.41 50.47 -36.87
CA VAL B 327 -8.68 49.97 -38.02
C VAL B 327 -9.61 49.84 -39.21
N ASP B 328 -9.87 50.95 -39.89
CA ASP B 328 -10.73 50.91 -41.06
C ASP B 328 -10.03 50.16 -42.19
N PRO B 329 -10.70 49.23 -42.87
CA PRO B 329 -10.03 48.47 -43.95
C PRO B 329 -9.54 49.34 -45.10
N ALA B 330 -9.94 50.61 -45.16
CA ALA B 330 -9.41 51.50 -46.18
C ALA B 330 -7.90 51.71 -46.05
N ALA B 331 -7.33 51.37 -44.90
CA ALA B 331 -5.90 51.45 -44.69
C ALA B 331 -5.34 50.13 -44.18
N SER B 335 -7.38 45.92 -42.87
CA SER B 335 -8.01 44.81 -42.16
C SER B 335 -7.59 44.79 -40.70
N ALA B 336 -8.58 44.81 -39.80
CA ALA B 336 -8.28 44.84 -38.37
C ALA B 336 -7.68 43.52 -37.89
N ALA B 337 -8.19 42.40 -38.40
CA ALA B 337 -7.65 41.11 -38.00
C ALA B 337 -6.25 40.90 -38.54
N THR B 338 -6.01 41.28 -39.80
CA THR B 338 -4.69 41.10 -40.40
C THR B 338 -3.66 42.02 -39.74
N LEU B 339 -4.06 43.23 -39.38
CA LEU B 339 -3.11 44.17 -38.78
C LEU B 339 -2.70 43.74 -37.37
N ALA B 340 -3.58 43.03 -36.66
CA ALA B 340 -3.23 42.55 -35.32
C ALA B 340 -2.10 41.53 -35.39
N GLU B 341 -2.16 40.62 -36.36
CA GLU B 341 -1.09 39.65 -36.53
C GLU B 341 0.20 40.31 -37.01
N GLU B 342 0.09 41.44 -37.71
CA GLU B 342 1.27 42.15 -38.18
C GLU B 342 2.08 42.73 -37.04
N MET B 343 1.42 43.13 -35.94
CA MET B 343 2.13 43.68 -34.80
C MET B 343 2.85 42.60 -33.99
N ARG B 344 2.27 41.41 -33.90
CA ARG B 344 2.86 40.34 -33.12
C ARG B 344 4.02 39.64 -33.85
N ALA B 345 4.29 40.00 -35.10
CA ALA B 345 5.33 39.34 -35.88
C ALA B 345 6.47 40.27 -36.27
N GLY B 346 6.45 41.53 -35.84
CA GLY B 346 7.52 42.45 -36.16
C GLY B 346 8.79 42.14 -35.40
N ILE B 347 9.79 42.99 -35.59
CA ILE B 347 11.09 42.83 -34.93
C ILE B 347 10.90 43.03 -33.42
N PRO B 348 10.20 44.09 -32.96
CA PRO B 348 9.75 44.08 -31.56
C PRO B 348 8.33 43.57 -31.44
N SER B 349 8.18 42.32 -31.01
CA SER B 349 6.86 41.70 -30.96
C SER B 349 5.96 42.45 -29.99
N ILE B 350 4.79 42.87 -30.48
CA ILE B 350 3.85 43.66 -29.71
C ILE B 350 2.50 42.95 -29.72
N TYR B 351 1.92 42.77 -28.53
CA TYR B 351 0.63 42.10 -28.37
C TYR B 351 -0.39 43.13 -27.90
N LEU B 352 -1.42 43.35 -28.72
CA LEU B 352 -2.52 44.25 -28.38
C LEU B 352 -3.75 43.45 -28.00
N ARG B 353 -4.73 44.14 -27.42
CA ARG B 353 -6.02 43.54 -27.09
C ARG B 353 -6.86 43.43 -28.35
N ASP B 354 -7.31 42.21 -28.66
CA ASP B 354 -8.09 41.96 -29.87
C ASP B 354 -9.50 41.47 -29.55
N PHE B 355 -9.98 41.69 -28.33
CA PHE B 355 -11.32 41.26 -27.97
C PHE B 355 -12.40 41.97 -28.77
N LYS B 356 -12.10 43.17 -29.28
CA LYS B 356 -13.02 43.92 -30.12
C LYS B 356 -12.68 43.82 -31.60
N LEU B 357 -12.02 42.73 -32.00
CA LEU B 357 -11.68 42.54 -33.41
C LEU B 357 -12.92 42.28 -34.25
N HIS B 358 -13.95 41.67 -33.67
CA HIS B 358 -15.20 41.47 -34.41
C HIS B 358 -15.86 42.80 -34.75
N LEU B 359 -15.65 43.82 -33.93
CA LEU B 359 -16.10 45.17 -34.23
C LEU B 359 -15.10 45.94 -35.08
N GLY B 360 -14.09 45.26 -35.63
CA GLY B 360 -13.08 45.93 -36.42
C GLY B 360 -12.20 46.88 -35.63
N GLN B 361 -12.03 46.62 -34.33
CA GLN B 361 -11.30 47.51 -33.45
C GLN B 361 -10.19 46.75 -32.73
N LEU B 362 -9.31 47.51 -32.09
CA LEU B 362 -8.26 46.96 -31.25
C LEU B 362 -7.98 47.96 -30.14
N GLU B 363 -7.31 47.49 -29.09
CA GLU B 363 -7.04 48.31 -27.92
C GLU B 363 -5.57 48.20 -27.53
N VAL B 364 -5.07 49.25 -26.88
CA VAL B 364 -3.70 49.32 -26.39
C VAL B 364 -3.76 49.48 -24.88
N ASP B 365 -3.45 48.40 -24.15
CA ASP B 365 -3.52 48.42 -22.69
C ASP B 365 -2.20 48.93 -22.12
N PRO B 366 -2.23 49.90 -21.20
CA PRO B 366 -0.99 50.45 -20.64
C PRO B 366 -0.51 49.81 -19.35
N ARG B 367 -1.19 48.78 -18.85
CA ARG B 367 -0.84 48.22 -17.55
C ARG B 367 0.48 47.45 -17.58
N ALA B 368 0.92 47.01 -18.77
CA ALA B 368 2.21 46.31 -18.91
C ALA B 368 3.09 46.99 -19.95
N LEU B 369 2.82 48.25 -20.28
CA LEU B 369 3.48 48.96 -21.35
C LEU B 369 4.48 49.95 -20.75
N SER B 370 5.76 49.73 -21.00
CA SER B 370 6.77 50.68 -20.57
C SER B 370 6.73 51.93 -21.45
N PRO B 371 7.31 53.04 -20.99
CA PRO B 371 7.40 54.22 -21.88
C PRO B 371 8.14 53.93 -23.17
N ASP B 372 9.20 53.11 -23.12
CA ASP B 372 9.85 52.67 -24.34
C ASP B 372 8.97 51.73 -25.14
N GLY B 373 8.08 51.00 -24.46
CA GLY B 373 7.12 50.16 -25.17
C GLY B 373 6.07 50.96 -25.91
N GLU B 374 5.68 52.12 -25.37
CA GLU B 374 4.76 52.99 -26.08
C GLU B 374 5.37 53.46 -27.40
N GLU B 375 6.63 53.88 -27.37
CA GLU B 375 7.31 54.31 -28.59
C GLU B 375 7.48 53.15 -29.56
N SER B 376 7.67 51.93 -29.05
CA SER B 376 7.81 50.77 -29.92
C SER B 376 6.51 50.43 -30.64
N VAL B 377 5.38 50.89 -30.14
CA VAL B 377 4.10 50.62 -30.78
C VAL B 377 3.76 51.68 -31.83
N VAL B 378 4.01 52.95 -31.51
CA VAL B 378 3.76 54.02 -32.47
C VAL B 378 4.69 53.89 -33.68
N ARG B 379 5.92 53.45 -33.45
CA ARG B 379 6.86 53.26 -34.56
C ARG B 379 6.48 52.05 -35.41
N ARG B 380 6.05 50.96 -34.77
CA ARG B 380 5.63 49.78 -35.53
C ARG B 380 4.33 50.03 -36.26
N LEU B 381 3.47 50.90 -35.72
CA LEU B 381 2.23 51.25 -36.42
C LEU B 381 2.49 52.21 -37.57
N GLU B 382 3.42 53.15 -37.39
CA GLU B 382 3.74 54.10 -38.45
C GLU B 382 4.44 53.43 -39.63
N GLU B 383 5.02 52.26 -39.43
CA GLU B 383 5.68 51.52 -40.50
C GLU B 383 4.72 50.72 -41.36
N LEU B 384 3.42 50.98 -41.26
CA LEU B 384 2.42 50.27 -42.05
C LEU B 384 1.35 51.22 -42.56
N HIS C 17 11.63 -51.04 6.60
CA HIS C 17 11.57 -50.08 7.70
C HIS C 17 10.54 -48.98 7.43
N THR C 18 10.33 -48.11 8.41
CA THR C 18 9.39 -47.02 8.26
C THR C 18 9.98 -45.92 7.38
N MET C 19 9.09 -45.08 6.85
CA MET C 19 9.49 -44.06 5.88
C MET C 19 10.37 -43.01 6.55
N GLU C 20 11.46 -42.64 5.88
CA GLU C 20 12.37 -41.60 6.35
C GLU C 20 12.75 -40.70 5.18
N TYR C 21 13.44 -39.61 5.50
CA TYR C 21 13.87 -38.67 4.48
C TYR C 21 14.75 -39.35 3.43
N GLN C 22 15.65 -40.25 3.87
CA GLN C 22 16.56 -40.90 2.94
C GLN C 22 15.81 -41.67 1.86
N HIS C 23 14.68 -42.28 2.22
CA HIS C 23 13.90 -43.04 1.25
C HIS C 23 13.30 -42.16 0.17
N LEU C 24 13.24 -40.85 0.39
CA LEU C 24 12.69 -39.91 -0.58
C LEU C 24 13.77 -39.19 -1.39
N GLY C 25 15.04 -39.44 -1.11
CA GLY C 25 16.10 -38.67 -1.73
C GLY C 25 16.22 -37.25 -1.20
N VAL C 26 15.69 -36.99 -0.01
CA VAL C 26 15.71 -35.67 0.59
C VAL C 26 16.84 -35.64 1.61
N VAL C 27 17.87 -34.83 1.35
CA VAL C 27 19.02 -34.73 2.23
C VAL C 27 18.77 -33.66 3.28
N PRO C 28 18.98 -33.94 4.56
CA PRO C 28 18.79 -32.91 5.58
C PRO C 28 19.75 -31.74 5.37
N VAL C 29 19.28 -30.55 5.71
CA VAL C 29 20.04 -29.32 5.52
C VAL C 29 20.43 -28.77 6.89
N VAL C 30 21.42 -27.89 6.88
CA VAL C 30 21.86 -27.17 8.07
C VAL C 30 21.29 -25.76 7.99
N SER C 31 20.68 -25.30 9.09
CA SER C 31 20.02 -24.00 9.13
C SER C 31 20.81 -23.05 10.02
N ALA C 32 21.39 -22.02 9.41
CA ALA C 32 22.00 -20.92 10.14
C ALA C 32 21.19 -19.63 10.03
N GLN C 33 19.89 -19.75 9.74
CA GLN C 33 18.99 -18.62 9.60
C GLN C 33 17.71 -18.85 10.39
N ALA C 34 17.86 -19.40 11.60
CA ALA C 34 16.73 -19.66 12.50
C ALA C 34 15.73 -20.63 11.89
N ASN C 35 14.49 -20.62 12.40
CA ASN C 35 13.51 -21.66 12.09
C ASN C 35 12.57 -21.18 10.97
N SER C 36 13.13 -21.11 9.76
CA SER C 36 12.39 -20.62 8.62
C SER C 36 11.44 -21.69 8.08
N THR C 37 10.25 -21.25 7.69
CA THR C 37 9.27 -22.17 7.11
C THR C 37 9.78 -22.94 5.90
N PRO C 38 10.49 -22.34 4.93
CA PRO C 38 10.98 -23.13 3.78
C PRO C 38 11.92 -24.27 4.17
N LEU C 39 12.40 -24.32 5.40
CA LEU C 39 13.30 -25.40 5.84
C LEU C 39 12.62 -26.36 6.80
N GLY C 40 11.32 -26.23 7.02
CA GLY C 40 10.59 -27.12 7.90
C GLY C 40 10.32 -26.58 9.28
N GLY C 41 10.55 -25.29 9.53
CA GLY C 41 10.37 -24.73 10.85
C GLY C 41 11.52 -25.07 11.77
N CYS C 42 11.23 -25.70 12.91
CA CYS C 42 12.24 -26.09 13.86
C CYS C 42 12.22 -27.60 14.07
N THR C 43 13.35 -28.11 14.57
CA THR C 43 13.43 -29.50 14.98
C THR C 43 12.89 -29.64 16.40
N LEU C 44 12.24 -30.76 16.67
CA LEU C 44 11.50 -30.97 17.91
C LEU C 44 12.32 -31.76 18.91
N SER C 45 12.18 -31.39 20.19
CA SER C 45 12.85 -32.11 21.27
C SER C 45 12.19 -33.46 21.49
N ASP C 46 12.87 -34.32 22.26
CA ASP C 46 12.33 -35.64 22.57
C ASP C 46 11.00 -35.54 23.31
N GLY C 47 10.87 -34.55 24.19
CA GLY C 47 9.63 -34.39 24.92
C GLY C 47 8.46 -34.03 24.02
N VAL C 48 8.68 -33.12 23.07
CA VAL C 48 7.62 -32.74 22.14
C VAL C 48 7.27 -33.92 21.23
N ILE C 49 8.28 -34.69 20.82
CA ILE C 49 8.02 -35.85 19.97
C ILE C 49 7.19 -36.89 20.71
N ARG C 50 7.47 -37.08 22.00
CA ARG C 50 6.66 -38.02 22.79
C ARG C 50 5.23 -37.52 22.94
N ALA C 51 5.05 -36.22 23.15
CA ALA C 51 3.69 -35.67 23.30
C ALA C 51 2.87 -35.87 22.03
N MET C 52 3.52 -35.76 20.86
CA MET C 52 2.80 -35.98 19.61
C MET C 52 2.47 -37.46 19.41
N GLY C 53 3.33 -38.35 19.91
CA GLY C 53 3.06 -39.78 19.77
C GLY C 53 1.96 -40.27 20.69
N ASP C 54 1.89 -39.71 21.90
CA ASP C 54 0.84 -40.11 22.84
C ASP C 54 -0.52 -39.61 22.38
N ALA C 55 -0.57 -38.41 21.80
CA ALA C 55 -1.84 -37.87 21.34
C ALA C 55 -2.41 -38.66 20.17
N ALA C 56 -1.55 -39.27 19.35
CA ALA C 56 -1.99 -40.01 18.18
C ALA C 56 -2.64 -41.33 18.52
N ARG C 57 -2.65 -41.74 19.79
CA ARG C 57 -3.08 -43.06 20.18
C ARG C 57 -4.52 -43.11 20.69
N PHE C 58 -5.23 -41.98 20.71
CA PHE C 58 -6.57 -41.93 21.27
C PHE C 58 -7.43 -40.95 20.47
N HIS C 59 -8.73 -41.22 20.47
CA HIS C 59 -9.72 -40.25 20.02
C HIS C 59 -10.15 -39.40 21.21
N VAL C 60 -10.35 -38.10 20.96
CA VAL C 60 -10.73 -37.16 22.01
C VAL C 60 -11.79 -36.22 21.45
N ASP C 61 -12.55 -35.63 22.36
CA ASP C 61 -13.50 -34.58 22.00
C ASP C 61 -12.70 -33.33 21.67
N MET C 62 -12.54 -33.05 20.37
CA MET C 62 -11.67 -31.95 19.95
C MET C 62 -12.13 -30.61 20.50
N GLU C 63 -13.45 -30.41 20.64
CA GLU C 63 -13.94 -29.20 21.30
C GLU C 63 -13.46 -29.14 22.75
N GLN C 64 -13.49 -30.29 23.44
CA GLN C 64 -12.96 -30.34 24.80
C GLN C 64 -11.46 -30.15 24.82
N LEU C 65 -10.76 -30.57 23.76
CA LEU C 65 -9.32 -30.36 23.70
C LEU C 65 -8.98 -28.89 23.45
N TRP C 66 -9.76 -28.21 22.59
CA TRP C 66 -9.50 -26.81 22.29
C TRP C 66 -9.74 -25.94 23.52
N GLN C 67 -10.75 -26.28 24.32
CA GLN C 67 -11.02 -25.51 25.54
C GLN C 67 -9.88 -25.66 26.53
N ALA C 68 -9.42 -26.89 26.75
CA ALA C 68 -8.30 -27.11 27.67
C ALA C 68 -7.01 -26.50 27.13
N ALA C 69 -6.78 -26.64 25.82
CA ALA C 69 -5.60 -26.01 25.22
C ALA C 69 -5.67 -24.50 25.33
N GLY C 70 -6.86 -23.94 25.15
CA GLY C 70 -7.01 -22.49 25.32
C GLY C 70 -6.66 -22.02 26.71
N SER C 71 -7.13 -22.74 27.73
CA SER C 71 -6.83 -22.37 29.11
C SER C 71 -5.33 -22.46 29.40
N PHE C 72 -4.66 -23.48 28.84
CA PHE C 72 -3.23 -23.63 29.06
C PHE C 72 -2.46 -22.47 28.47
N LEU C 73 -2.70 -22.18 27.18
CA LEU C 73 -1.99 -21.07 26.53
C LEU C 73 -2.39 -19.72 27.12
N ALA C 74 -3.61 -19.62 27.67
CA ALA C 74 -4.02 -18.37 28.30
C ALA C 74 -3.19 -18.09 29.55
N GLU C 75 -2.95 -19.12 30.37
CA GLU C 75 -2.12 -18.92 31.55
C GLU C 75 -0.68 -18.61 31.18
N ALA C 76 -0.18 -19.23 30.11
CA ALA C 76 1.20 -18.98 29.67
C ALA C 76 1.38 -17.55 29.19
N THR C 77 0.33 -16.94 28.63
CA THR C 77 0.42 -15.59 28.08
C THR C 77 -0.28 -14.55 28.93
N GLY C 78 -0.88 -14.93 30.06
CA GLY C 78 -1.58 -13.99 30.90
C GLY C 78 -2.79 -13.36 30.23
N SER C 79 -3.42 -14.07 29.30
CA SER C 79 -4.59 -13.59 28.58
C SER C 79 -5.83 -14.32 29.06
N GLU C 80 -6.99 -13.85 28.59
CA GLU C 80 -8.27 -14.42 29.04
C GLU C 80 -8.50 -15.80 28.43
N ASP C 81 -8.16 -15.97 27.16
CA ASP C 81 -8.38 -17.24 26.47
C ASP C 81 -7.42 -17.31 25.30
N ALA C 82 -7.44 -18.45 24.60
CA ALA C 82 -6.57 -18.65 23.45
C ALA C 82 -7.21 -19.68 22.53
N CYS C 83 -6.87 -19.59 21.25
CA CYS C 83 -7.41 -20.49 20.23
C CYS C 83 -6.25 -20.99 19.37
N PRO C 84 -6.01 -22.30 19.34
CA PRO C 84 -4.92 -22.83 18.50
C PRO C 84 -5.21 -22.64 17.02
N VAL C 85 -4.14 -22.39 16.26
CA VAL C 85 -4.17 -22.26 14.81
C VAL C 85 -2.95 -22.97 14.23
N THR C 86 -2.92 -23.07 12.89
CA THR C 86 -1.76 -23.68 12.23
C THR C 86 -0.54 -22.77 12.29
N GLY C 87 -0.73 -21.47 12.47
CA GLY C 87 0.38 -20.54 12.46
C GLY C 87 -0.10 -19.11 12.34
N ALA C 88 0.87 -18.21 12.22
CA ALA C 88 0.56 -16.78 12.27
C ALA C 88 -0.21 -16.33 11.03
N ALA C 89 0.10 -16.90 9.86
CA ALA C 89 -0.65 -16.55 8.66
C ALA C 89 -2.12 -16.90 8.82
N ALA C 90 -2.42 -18.09 9.35
CA ALA C 90 -3.79 -18.44 9.64
C ALA C 90 -4.34 -17.61 10.79
N GLY C 91 -3.50 -17.32 11.78
CA GLY C 91 -3.94 -16.54 12.91
C GLY C 91 -4.43 -15.15 12.52
N MET C 92 -3.79 -14.54 11.51
CA MET C 92 -4.24 -13.23 11.05
C MET C 92 -5.56 -13.33 10.31
N ALA C 93 -5.69 -14.30 9.41
CA ALA C 93 -6.95 -14.48 8.70
C ALA C 93 -8.09 -14.79 9.66
N ILE C 94 -7.84 -15.64 10.67
CA ILE C 94 -8.88 -16.03 11.60
C ILE C 94 -9.23 -14.89 12.54
N ALA C 95 -8.22 -14.15 13.01
CA ALA C 95 -8.50 -12.99 13.86
C ALA C 95 -9.28 -11.93 13.10
N VAL C 96 -8.99 -11.75 11.82
CA VAL C 96 -9.75 -10.80 11.01
C VAL C 96 -11.18 -11.28 10.83
N ALA C 97 -11.35 -12.57 10.51
CA ALA C 97 -12.68 -13.14 10.39
C ALA C 97 -13.46 -13.01 11.69
N ALA C 98 -12.80 -13.22 12.82
CA ALA C 98 -13.47 -13.11 14.11
C ALA C 98 -13.98 -11.70 14.35
N CYS C 99 -13.20 -10.69 13.95
CA CYS C 99 -13.61 -9.30 14.13
C CYS C 99 -14.65 -8.86 13.12
N VAL C 100 -14.75 -9.53 11.97
CA VAL C 100 -15.72 -9.14 10.95
C VAL C 100 -17.03 -9.90 11.12
N ALA C 101 -16.98 -11.22 11.24
CA ALA C 101 -18.19 -12.03 11.29
C ALA C 101 -18.67 -12.28 12.71
N GLY C 102 -17.78 -12.30 13.69
CA GLY C 102 -18.20 -12.62 15.04
C GLY C 102 -18.47 -14.11 15.19
N THR C 103 -19.41 -14.45 16.07
CA THR C 103 -19.77 -15.83 16.34
C THR C 103 -21.02 -16.27 15.58
N ASP C 104 -21.66 -15.38 14.85
CA ASP C 104 -22.87 -15.75 14.12
C ASP C 104 -22.55 -16.79 13.05
N GLY C 105 -23.18 -17.95 13.16
CA GLY C 105 -22.84 -19.07 12.29
C GLY C 105 -23.14 -18.80 10.83
N LEU C 106 -24.19 -18.03 10.54
CA LEU C 106 -24.49 -17.70 9.15
C LEU C 106 -23.41 -16.83 8.55
N ARG C 107 -22.99 -15.78 9.28
CA ARG C 107 -21.90 -14.94 8.79
C ARG C 107 -20.59 -15.71 8.69
N VAL C 108 -20.37 -16.67 9.59
CA VAL C 108 -19.20 -17.55 9.47
C VAL C 108 -19.24 -18.32 8.15
N GLN C 109 -20.42 -18.83 7.79
CA GLN C 109 -20.56 -19.56 6.53
C GLN C 109 -20.46 -18.65 5.31
N ARG C 110 -20.71 -17.34 5.46
CA ARG C 110 -20.73 -16.42 4.32
C ARG C 110 -19.36 -15.88 3.95
N LEU C 111 -18.42 -15.86 4.88
CA LEU C 111 -17.10 -15.31 4.60
C LEU C 111 -16.45 -16.06 3.44
N PRO C 112 -15.63 -15.38 2.62
CA PRO C 112 -15.10 -14.01 2.78
C PRO C 112 -16.05 -12.89 2.38
N ASP C 113 -17.32 -13.20 2.10
CA ASP C 113 -18.31 -12.16 1.90
C ASP C 113 -18.74 -11.62 3.25
N PRO C 114 -18.45 -10.35 3.55
CA PRO C 114 -18.77 -9.82 4.88
C PRO C 114 -20.23 -9.41 5.06
N GLY C 115 -21.04 -9.48 4.01
CA GLY C 115 -22.41 -9.00 4.14
C GLY C 115 -22.44 -7.52 4.40
N ASP C 116 -23.19 -7.11 5.42
CA ASP C 116 -23.30 -5.71 5.81
C ASP C 116 -22.50 -5.38 7.06
N GLN C 117 -21.50 -6.18 7.39
CA GLN C 117 -20.70 -5.95 8.58
C GLN C 117 -19.50 -5.07 8.27
N PRO C 118 -19.06 -4.26 9.23
CA PRO C 118 -17.81 -3.52 9.05
C PRO C 118 -16.64 -4.48 8.87
N ASN C 119 -15.83 -4.25 7.85
CA ASN C 119 -14.72 -5.15 7.56
C ASN C 119 -13.43 -4.44 7.16
N GLU C 120 -13.32 -3.13 7.39
CA GLU C 120 -12.08 -2.44 7.09
C GLU C 120 -11.05 -2.72 8.17
N ILE C 121 -9.83 -3.04 7.74
CA ILE C 121 -8.73 -3.41 8.63
C ILE C 121 -7.62 -2.40 8.42
N VAL C 122 -7.39 -1.55 9.41
CA VAL C 122 -6.47 -0.42 9.29
C VAL C 122 -5.09 -0.81 9.80
N LEU C 123 -4.06 -0.46 9.04
CA LEU C 123 -2.68 -0.69 9.45
C LEU C 123 -1.79 0.39 8.86
N GLN C 124 -0.62 0.57 9.48
CA GLN C 124 0.39 1.47 8.93
C GLN C 124 0.96 0.89 7.64
N LYS C 125 1.29 1.78 6.71
CA LYS C 125 1.86 1.35 5.44
C LYS C 125 3.14 0.56 5.65
N GLY C 126 3.94 0.92 6.66
CA GLY C 126 5.18 0.22 6.95
C GLY C 126 4.99 -1.19 7.46
N HIS C 127 3.77 -1.59 7.82
CA HIS C 127 3.50 -2.94 8.30
C HIS C 127 2.88 -3.83 7.22
N SER C 128 2.96 -3.43 5.95
CA SER C 128 2.38 -4.19 4.85
C SER C 128 3.38 -5.27 4.40
N ILE C 129 3.55 -6.27 5.27
CA ILE C 129 4.51 -7.34 5.04
C ILE C 129 3.86 -8.48 4.26
N SER C 130 4.62 -9.54 4.00
CA SER C 130 4.11 -10.72 3.30
C SER C 130 4.52 -11.98 4.05
N TYR C 131 3.64 -12.98 3.99
CA TYR C 131 3.86 -14.28 4.65
C TYR C 131 4.41 -15.26 3.62
N GLY C 132 5.73 -15.23 3.42
CA GLY C 132 6.35 -16.09 2.44
C GLY C 132 5.81 -15.88 1.04
N GLY C 133 5.82 -14.63 0.58
CA GLY C 133 5.26 -14.30 -0.71
C GLY C 133 3.75 -14.19 -0.73
N ALA C 134 3.08 -14.34 0.42
CA ALA C 134 1.65 -14.13 0.53
C ALA C 134 1.41 -12.84 1.30
N PRO C 135 0.77 -11.83 0.69
CA PRO C 135 0.61 -10.56 1.39
C PRO C 135 -0.25 -10.69 2.63
N LEU C 136 0.06 -9.88 3.64
CA LEU C 136 -0.80 -9.80 4.82
C LEU C 136 -2.22 -9.39 4.44
N ALA C 137 -2.35 -8.53 3.42
CA ALA C 137 -3.66 -8.14 2.93
C ALA C 137 -4.43 -9.35 2.39
N GLN C 138 -3.73 -10.36 1.89
CA GLN C 138 -4.42 -11.56 1.41
C GLN C 138 -5.05 -12.33 2.57
N MET C 139 -4.31 -12.49 3.67
CA MET C 139 -4.90 -13.08 4.86
C MET C 139 -6.09 -12.25 5.35
N ILE C 140 -5.96 -10.92 5.30
CA ILE C 140 -7.08 -10.05 5.64
C ILE C 140 -8.26 -10.31 4.72
N ALA C 141 -8.00 -10.46 3.42
CA ALA C 141 -9.07 -10.73 2.47
C ALA C 141 -9.71 -12.09 2.74
N LEU C 142 -8.93 -13.09 3.15
CA LEU C 142 -9.48 -14.42 3.40
C LEU C 142 -10.49 -14.42 4.54
N GLY C 143 -10.29 -13.55 5.54
CA GLY C 143 -11.22 -13.41 6.63
C GLY C 143 -12.38 -12.47 6.36
N GLY C 144 -12.56 -12.02 5.12
CA GLY C 144 -13.62 -11.11 4.79
C GLY C 144 -13.31 -9.64 5.02
N GLY C 145 -12.06 -9.31 5.38
CA GLY C 145 -11.70 -7.92 5.60
C GLY C 145 -11.10 -7.27 4.38
N ARG C 146 -11.13 -5.94 4.37
CA ARG C 146 -10.50 -5.13 3.33
C ARG C 146 -9.40 -4.31 3.97
N ALA C 147 -8.16 -4.59 3.57
CA ALA C 147 -7.02 -3.87 4.13
C ALA C 147 -7.08 -2.40 3.76
N VAL C 148 -6.90 -1.54 4.77
CA VAL C 148 -6.87 -0.08 4.58
C VAL C 148 -5.54 0.40 5.11
N GLU C 149 -4.59 0.63 4.22
CA GLU C 149 -3.24 1.06 4.61
C GLU C 149 -3.18 2.58 4.67
N VAL C 150 -2.65 3.10 5.76
CA VAL C 150 -2.61 4.53 6.02
C VAL C 150 -1.16 4.95 6.21
N GLY C 151 -0.80 6.10 5.65
CA GLY C 151 0.55 6.61 5.79
C GLY C 151 1.47 6.13 4.68
N ALA C 152 2.76 6.28 4.94
CA ALA C 152 3.79 5.94 3.97
C ALA C 152 4.77 4.96 4.61
N VAL C 153 5.63 4.39 3.76
CA VAL C 153 6.60 3.40 4.22
C VAL C 153 7.54 4.01 5.25
N ASN C 154 7.93 5.27 5.06
CA ASN C 154 8.89 5.91 5.93
C ASN C 154 8.27 6.71 7.06
N GLU C 155 6.96 6.95 7.02
CA GLU C 155 6.30 7.73 8.07
C GLU C 155 4.79 7.55 8.07
N THR C 156 4.20 7.34 9.24
CA THR C 156 2.76 7.33 9.42
C THR C 156 2.39 8.09 10.67
N PRO C 157 1.63 9.17 10.57
CA PRO C 157 1.26 9.94 11.77
C PRO C 157 0.17 9.22 12.57
N ARG C 158 0.23 9.43 13.89
CA ARG C 158 -0.77 8.84 14.77
C ARG C 158 -2.18 9.26 14.37
N SER C 159 -2.37 10.56 14.09
CA SER C 159 -3.69 11.07 13.77
C SER C 159 -4.23 10.48 12.47
N HIS C 160 -3.35 10.09 11.54
CA HIS C 160 -3.81 9.46 10.32
C HIS C 160 -4.47 8.11 10.59
N VAL C 161 -3.92 7.34 11.54
CA VAL C 161 -4.54 6.08 11.91
C VAL C 161 -5.84 6.33 12.67
N ALA C 162 -5.84 7.34 13.55
CA ALA C 162 -7.05 7.67 14.30
C ALA C 162 -8.16 8.13 13.36
N SER C 163 -7.82 8.98 12.38
CA SER C 163 -8.82 9.46 11.44
C SER C 163 -9.27 8.37 10.48
N ALA C 164 -8.52 7.27 10.36
CA ALA C 164 -8.91 6.18 9.47
C ALA C 164 -10.04 5.34 10.05
N VAL C 165 -10.21 5.33 11.37
CA VAL C 165 -11.23 4.52 12.01
C VAL C 165 -12.59 5.19 11.81
N THR C 166 -13.53 4.46 11.22
CA THR C 166 -14.89 4.95 11.05
C THR C 166 -15.89 3.87 11.47
N ARG C 167 -17.17 4.05 11.11
CA ARG C 167 -18.17 3.04 11.41
C ARG C 167 -17.94 1.76 10.63
N ARG C 168 -17.14 1.81 9.56
CA ARG C 168 -16.85 0.64 8.73
C ARG C 168 -15.63 -0.13 9.21
N THR C 169 -14.99 0.30 10.29
CA THR C 169 -13.74 -0.30 10.75
C THR C 169 -14.02 -1.52 11.61
N ALA C 170 -13.39 -2.64 11.28
CA ALA C 170 -13.55 -3.86 12.04
C ALA C 170 -12.43 -4.11 13.04
N ALA C 171 -11.20 -3.66 12.75
CA ALA C 171 -10.08 -3.93 13.62
C ALA C 171 -8.88 -3.10 13.17
N LEU C 172 -7.91 -2.99 14.06
CA LEU C 172 -6.59 -2.42 13.75
C LEU C 172 -5.56 -3.54 13.82
N VAL C 173 -4.53 -3.43 12.98
CA VAL C 173 -3.48 -4.45 12.90
C VAL C 173 -2.13 -3.80 13.16
N TYR C 174 -1.29 -4.48 13.96
CA TYR C 174 0.07 -4.06 14.26
C TYR C 174 1.00 -5.25 14.10
N VAL C 175 2.15 -5.03 13.47
CA VAL C 175 3.15 -6.06 13.23
C VAL C 175 4.37 -5.74 14.08
N THR C 176 4.74 -6.68 14.95
CA THR C 176 5.86 -6.42 15.87
C THR C 176 7.22 -6.55 15.18
N SER C 177 7.33 -7.42 14.18
CA SER C 177 8.62 -7.77 13.61
C SER C 177 9.36 -6.54 13.09
N ARG C 178 10.52 -6.26 13.68
CA ARG C 178 11.42 -5.24 13.15
C ARG C 178 12.28 -5.77 12.02
N THR C 179 12.12 -7.03 11.63
CA THR C 179 12.85 -7.61 10.52
C THR C 179 12.08 -7.47 9.21
N HIS C 180 10.76 -7.66 9.26
CA HIS C 180 9.93 -7.58 8.06
C HIS C 180 9.25 -6.22 7.89
N ALA C 181 8.95 -5.52 8.97
CA ALA C 181 8.19 -4.28 8.93
C ALA C 181 9.10 -3.09 9.22
N VAL C 182 8.64 -1.92 8.77
CA VAL C 182 9.32 -0.66 9.03
C VAL C 182 8.56 0.08 10.12
N HIS C 183 9.29 0.53 11.14
CA HIS C 183 8.68 1.22 12.27
C HIS C 183 9.14 2.66 12.42
N ARG C 184 10.03 3.15 11.55
CA ARG C 184 10.56 4.49 11.67
C ARG C 184 9.45 5.52 11.44
N LYS C 185 9.23 6.38 12.44
CA LYS C 185 8.25 7.46 12.35
C LYS C 185 6.83 6.94 12.10
N GLY C 186 6.55 5.73 12.56
CA GLY C 186 5.23 5.15 12.45
C GLY C 186 4.41 5.38 13.70
N VAL C 187 3.52 4.43 13.99
CA VAL C 187 2.65 4.50 15.16
C VAL C 187 2.95 3.31 16.06
N PRO C 188 3.48 3.53 17.26
CA PRO C 188 3.81 2.41 18.15
C PRO C 188 2.54 1.73 18.69
N LEU C 189 2.75 0.56 19.29
CA LEU C 189 1.63 -0.27 19.71
C LEU C 189 0.79 0.42 20.78
N ASP C 190 1.42 1.15 21.69
CA ASP C 190 0.66 1.79 22.76
C ASP C 190 -0.30 2.84 22.20
N GLU C 191 0.09 3.53 21.12
CA GLU C 191 -0.79 4.52 20.53
C GLU C 191 -1.93 3.88 19.75
N LEU C 192 -1.66 2.74 19.10
CA LEU C 192 -2.74 1.98 18.47
C LEU C 192 -3.75 1.49 19.49
N VAL C 193 -3.27 1.00 20.63
CA VAL C 193 -4.16 0.50 21.68
C VAL C 193 -5.06 1.63 22.19
N ALA C 194 -4.49 2.81 22.38
CA ALA C 194 -5.30 3.95 22.81
C ALA C 194 -6.33 4.32 21.76
N ILE C 195 -5.96 4.20 20.48
CA ILE C 195 -6.91 4.47 19.40
C ILE C 195 -8.04 3.45 19.43
N GLY C 196 -7.70 2.17 19.50
CA GLY C 196 -8.72 1.14 19.55
C GLY C 196 -9.63 1.27 20.75
N ARG C 197 -9.06 1.59 21.91
CA ARG C 197 -9.86 1.81 23.11
C ARG C 197 -10.70 3.08 23.02
N GLU C 198 -10.29 4.04 22.19
CA GLU C 198 -11.06 5.27 22.03
C GLU C 198 -12.28 5.05 21.16
N HIS C 199 -12.14 4.28 20.08
CA HIS C 199 -13.23 4.05 19.14
C HIS C 199 -13.92 2.71 19.35
N GLY C 200 -13.53 1.95 20.37
CA GLY C 200 -14.12 0.64 20.59
C GLY C 200 -13.85 -0.31 19.44
N VAL C 201 -12.61 -0.37 18.98
CA VAL C 201 -12.22 -1.17 17.83
C VAL C 201 -11.10 -2.10 18.27
N PRO C 202 -11.20 -3.41 18.03
CA PRO C 202 -10.16 -4.34 18.50
C PRO C 202 -8.82 -4.07 17.82
N VAL C 203 -7.75 -4.41 18.53
CA VAL C 203 -6.40 -4.30 18.03
C VAL C 203 -5.81 -5.70 17.90
N ILE C 204 -5.44 -6.06 16.67
CA ILE C 204 -4.84 -7.36 16.37
C ILE C 204 -3.33 -7.18 16.24
N VAL C 205 -2.56 -8.02 16.93
CA VAL C 205 -1.11 -7.93 16.92
C VAL C 205 -0.53 -9.20 16.32
N ASP C 206 0.37 -9.04 15.35
CA ASP C 206 1.11 -10.14 14.75
C ASP C 206 2.46 -10.21 15.48
N ALA C 207 2.55 -11.12 16.44
CA ALA C 207 3.78 -11.30 17.20
C ALA C 207 4.39 -12.66 16.88
N ALA C 208 4.51 -12.96 15.58
CA ALA C 208 4.75 -14.32 15.13
C ALA C 208 6.02 -14.92 15.73
N GLY C 209 7.13 -14.17 15.70
CA GLY C 209 8.39 -14.71 16.14
C GLY C 209 8.91 -14.12 17.43
N GLU C 210 8.01 -13.56 18.24
CA GLU C 210 8.43 -12.89 19.47
C GLU C 210 8.65 -13.91 20.58
N GLY C 211 9.76 -13.76 21.31
CA GLY C 211 10.03 -14.64 22.41
C GLY C 211 9.27 -14.33 23.68
N GLY C 212 8.70 -13.13 23.78
CA GLY C 212 7.94 -12.74 24.95
C GLY C 212 6.50 -13.19 24.90
N LEU C 213 6.08 -13.98 25.89
CA LEU C 213 4.72 -14.51 25.92
C LEU C 213 3.74 -13.61 26.66
N ARG C 214 4.21 -12.62 27.40
CA ARG C 214 3.33 -11.82 28.24
C ARG C 214 3.32 -10.33 27.91
N ARG C 215 4.42 -9.78 27.40
CA ARG C 215 4.50 -8.33 27.23
C ARG C 215 3.53 -7.81 26.17
N TRP C 216 3.22 -8.62 25.16
CA TRP C 216 2.34 -8.16 24.09
C TRP C 216 0.89 -8.16 24.51
N VAL C 217 0.48 -9.18 25.26
CA VAL C 217 -0.86 -9.18 25.86
C VAL C 217 -0.99 -8.05 26.87
N ALA C 218 0.09 -7.80 27.62
CA ALA C 218 0.07 -6.78 28.67
C ALA C 218 -0.07 -5.37 28.11
N SER C 219 0.15 -5.17 26.81
CA SER C 219 -0.04 -3.86 26.20
C SER C 219 -1.50 -3.46 26.06
N GLY C 220 -2.42 -4.37 26.36
CA GLY C 220 -3.83 -4.12 26.19
C GLY C 220 -4.40 -4.59 24.87
N ALA C 221 -3.59 -5.17 23.99
CA ALA C 221 -4.06 -5.63 22.70
C ALA C 221 -5.13 -6.71 22.88
N ASP C 222 -6.09 -6.72 21.96
CA ASP C 222 -7.22 -7.63 22.06
C ASP C 222 -6.90 -9.03 21.55
N LEU C 223 -6.06 -9.14 20.52
CA LEU C 223 -5.65 -10.43 19.97
C LEU C 223 -4.17 -10.38 19.65
N VAL C 224 -3.44 -11.41 20.08
CA VAL C 224 -2.01 -11.54 19.83
C VAL C 224 -1.76 -12.88 19.18
N ILE C 225 -0.94 -12.89 18.13
CA ILE C 225 -0.76 -14.05 17.26
C ILE C 225 0.67 -14.54 17.38
N TYR C 226 0.84 -15.83 17.69
CA TYR C 226 2.15 -16.46 17.83
C TYR C 226 2.30 -17.62 16.86
N SER C 227 3.50 -17.75 16.30
CA SER C 227 3.84 -18.89 15.46
C SER C 227 4.64 -19.90 16.28
N GLY C 228 4.18 -21.15 16.27
CA GLY C 228 4.78 -22.20 17.07
C GLY C 228 6.24 -22.50 16.80
N PRO C 229 6.58 -22.85 15.55
CA PRO C 229 7.96 -23.26 15.22
C PRO C 229 9.06 -22.20 15.41
N MET C 231 10.00 -19.77 17.70
CA MET C 231 10.77 -19.58 18.93
C MET C 231 10.43 -20.61 20.01
N LEU C 232 9.21 -21.13 19.95
CA LEU C 232 8.68 -21.99 21.00
C LEU C 232 9.08 -23.46 20.85
N GLY C 233 9.79 -23.82 19.79
CA GLY C 233 10.16 -25.21 19.61
C GLY C 233 9.01 -26.14 19.31
N ALA C 234 7.91 -25.61 18.79
CA ALA C 234 6.72 -26.41 18.50
C ALA C 234 6.74 -26.88 17.06
N PRO C 235 5.97 -27.93 16.74
CA PRO C 235 5.76 -28.26 15.33
C PRO C 235 4.87 -27.22 14.66
N THR C 236 4.56 -27.42 13.38
CA THR C 236 3.67 -26.51 12.66
C THR C 236 2.38 -26.30 13.45
N SER C 237 2.24 -25.14 14.06
CA SER C 237 1.10 -24.78 14.89
C SER C 237 1.22 -23.31 15.26
N GLY C 238 0.30 -22.85 16.10
CA GLY C 238 0.31 -21.47 16.56
C GLY C 238 -0.93 -21.23 17.40
N PHE C 239 -1.08 -19.99 17.85
CA PHE C 239 -2.27 -19.65 18.62
C PHE C 239 -2.53 -18.15 18.59
N ILE C 240 -3.81 -17.81 18.81
CA ILE C 240 -4.26 -16.45 19.03
C ILE C 240 -4.76 -16.36 20.47
N CYS C 241 -4.22 -15.41 21.23
CA CYS C 241 -4.64 -15.21 22.61
C CYS C 241 -5.09 -13.77 22.80
N GLY C 242 -5.93 -13.56 23.80
CA GLY C 242 -6.40 -12.22 24.11
C GLY C 242 -7.79 -12.27 24.71
N ARG C 243 -8.61 -11.31 24.29
CA ARG C 243 -9.93 -11.10 24.90
C ARG C 243 -10.82 -12.32 24.71
N GLY C 244 -11.61 -12.63 25.73
CA GLY C 244 -12.35 -13.88 25.74
C GLY C 244 -13.41 -13.95 24.66
N ASP C 245 -14.19 -12.88 24.49
CA ASP C 245 -15.27 -12.91 23.52
C ASP C 245 -14.75 -12.98 22.09
N LEU C 246 -13.58 -12.38 21.81
CA LEU C 246 -13.01 -12.44 20.48
C LEU C 246 -12.32 -13.77 20.20
N VAL C 247 -11.76 -14.40 21.24
CA VAL C 247 -11.18 -15.73 21.06
C VAL C 247 -12.28 -16.74 20.76
N ALA C 248 -13.42 -16.63 21.44
CA ALA C 248 -14.57 -17.46 21.10
C ALA C 248 -14.97 -17.25 19.64
N ALA C 249 -14.90 -16.00 19.17
CA ALA C 249 -15.16 -15.74 17.76
C ALA C 249 -14.12 -16.39 16.86
N CYS C 250 -12.89 -16.54 17.35
CA CYS C 250 -11.86 -17.22 16.57
C CYS C 250 -12.18 -18.70 16.42
N ARG C 251 -12.60 -19.35 17.50
CA ARG C 251 -12.97 -20.77 17.42
C ARG C 251 -14.16 -20.98 16.49
N ALA C 252 -15.08 -20.02 16.44
CA ALA C 252 -16.27 -20.17 15.62
C ALA C 252 -15.95 -20.24 14.13
N GLN C 253 -14.82 -19.69 13.69
CA GLN C 253 -14.48 -19.71 12.28
C GLN C 253 -14.03 -21.09 11.80
N TYR C 254 -13.78 -22.04 12.70
CA TYR C 254 -13.46 -23.38 12.24
C TYR C 254 -14.65 -24.08 11.60
N SER C 255 -15.86 -23.55 11.76
CA SER C 255 -17.00 -23.92 10.94
C SER C 255 -17.07 -23.10 9.65
N GLY C 256 -16.03 -22.34 9.34
CA GLY C 256 -16.03 -21.49 8.16
C GLY C 256 -14.71 -21.48 7.43
N ILE C 257 -14.08 -20.30 7.33
CA ILE C 257 -12.85 -20.19 6.55
C ILE C 257 -11.68 -20.88 7.23
N ALA C 258 -11.75 -21.09 8.54
CA ALA C 258 -10.67 -21.78 9.25
C ALA C 258 -10.75 -23.30 9.15
N ARG C 259 -11.85 -23.85 8.63
CA ARG C 259 -11.96 -25.30 8.51
C ARG C 259 -10.84 -25.93 7.67
N PRO C 260 -10.45 -25.39 6.51
CA PRO C 260 -9.30 -25.96 5.80
C PRO C 260 -7.98 -25.70 6.49
N MET C 261 -7.92 -24.77 7.44
CA MET C 261 -6.71 -24.50 8.20
C MET C 261 -6.61 -25.45 9.39
N LYS C 262 -6.49 -26.73 9.05
CA LYS C 262 -6.74 -27.81 10.00
C LYS C 262 -5.55 -27.99 10.94
N VAL C 263 -5.85 -28.06 12.25
CA VAL C 263 -4.85 -28.33 13.28
C VAL C 263 -5.11 -29.73 13.82
N GLY C 264 -4.14 -30.62 13.62
CA GLY C 264 -4.27 -31.97 14.13
C GLY C 264 -4.02 -32.05 15.63
N LYS C 265 -4.57 -33.12 16.23
CA LYS C 265 -4.40 -33.32 17.67
C LYS C 265 -2.93 -33.55 18.03
N GLU C 266 -2.15 -34.11 17.10
CA GLU C 266 -0.73 -34.33 17.38
C GLU C 266 0.02 -33.01 17.42
N ASN C 267 -0.23 -32.13 16.44
CA ASN C 267 0.44 -30.83 16.43
C ASN C 267 0.06 -29.99 17.63
N LEU C 268 -1.18 -30.08 18.11
CA LEU C 268 -1.60 -29.26 19.23
C LEU C 268 -0.92 -29.69 20.53
N LEU C 269 -0.85 -31.01 20.77
CA LEU C 269 -0.16 -31.47 21.97
C LEU C 269 1.34 -31.17 21.89
N GLY C 270 1.91 -31.26 20.69
CA GLY C 270 3.30 -30.86 20.53
C GLY C 270 3.53 -29.40 20.86
N LEU C 271 2.58 -28.53 20.50
CA LEU C 271 2.70 -27.12 20.83
C LEU C 271 2.59 -26.88 22.32
N LEU C 272 1.66 -27.56 22.99
CA LEU C 272 1.49 -27.39 24.42
C LEU C 272 2.72 -27.87 25.18
N GLN C 273 3.27 -29.02 24.78
CA GLN C 273 4.48 -29.53 25.42
C GLN C 273 5.66 -28.59 25.18
N ALA C 274 5.75 -28.01 23.98
CA ALA C 274 6.85 -27.09 23.68
C ALA C 274 6.74 -25.82 24.52
N VAL C 275 5.53 -25.33 24.76
CA VAL C 275 5.34 -24.18 25.64
C VAL C 275 5.76 -24.52 27.06
N ARG C 276 5.42 -25.73 27.52
CA ARG C 276 5.85 -26.15 28.85
C ARG C 276 7.36 -26.15 28.98
N GLU C 277 8.07 -26.61 27.95
CA GLU C 277 9.53 -26.63 28.01
C GLU C 277 10.12 -25.24 27.82
N TYR C 278 9.44 -24.38 27.06
CA TYR C 278 9.97 -23.04 26.82
C TYR C 278 9.86 -22.17 28.07
N THR C 279 8.74 -22.28 28.80
CA THR C 279 8.55 -21.47 30.00
C THR C 279 9.37 -21.98 31.19
N ALA C 280 9.94 -23.18 31.10
CA ALA C 280 10.72 -23.71 32.21
C ALA C 280 12.15 -23.18 32.22
N VAL C 281 12.68 -22.83 31.06
CA VAL C 281 14.06 -22.35 30.95
C VAL C 281 14.04 -20.84 31.13
N PRO C 282 14.80 -20.28 32.08
CA PRO C 282 14.83 -18.82 32.24
C PRO C 282 15.42 -18.15 31.01
N GLU C 283 14.82 -17.01 30.64
CA GLU C 283 15.31 -16.27 29.48
C GLU C 283 16.72 -15.72 29.70
N GLU C 284 17.16 -15.60 30.95
CA GLU C 284 18.50 -15.10 31.21
C GLU C 284 19.55 -16.16 30.88
N GLN C 285 19.23 -17.43 31.12
CA GLN C 285 20.16 -18.52 30.79
C GLN C 285 20.19 -18.80 29.30
N ARG C 286 19.15 -18.43 28.56
CA ARG C 286 19.15 -18.68 27.12
C ARG C 286 20.08 -17.72 26.38
N ALA C 287 20.23 -16.49 26.87
CA ALA C 287 21.08 -15.51 26.21
C ALA C 287 22.55 -15.72 26.54
N ALA C 288 22.86 -16.01 27.81
CA ALA C 288 24.24 -16.21 28.21
C ALA C 288 24.86 -17.40 27.50
N GLU C 289 24.13 -18.52 27.43
CA GLU C 289 24.63 -19.68 26.71
C GLU C 289 24.74 -19.42 25.21
N GLN C 290 23.88 -18.55 24.68
CA GLN C 290 23.92 -18.23 23.26
C GLN C 290 25.06 -17.25 22.95
N LEU C 291 25.32 -16.31 23.85
CA LEU C 291 26.42 -15.37 23.64
C LEU C 291 27.77 -16.08 23.75
N GLU C 292 27.92 -16.96 24.74
CA GLU C 292 29.19 -17.68 24.90
C GLU C 292 29.46 -18.63 23.75
N ARG C 293 28.41 -19.20 23.16
CA ARG C 293 28.60 -20.08 22.00
C ARG C 293 28.96 -19.27 20.75
N MET C 294 28.36 -18.09 20.59
CA MET C 294 28.64 -17.27 19.42
C MET C 294 29.93 -16.49 19.54
N THR C 295 30.32 -16.11 20.77
CA THR C 295 31.62 -15.46 20.95
C THR C 295 32.75 -16.42 20.63
N LYS C 296 32.64 -17.67 21.08
CA LYS C 296 33.65 -18.67 20.74
C LYS C 296 33.58 -19.04 19.27
N LEU C 297 32.39 -18.97 18.66
CA LEU C 297 32.27 -19.28 17.24
C LEU C 297 32.91 -18.20 16.38
N ALA C 298 32.77 -16.93 16.78
CA ALA C 298 33.39 -15.83 16.05
C ALA C 298 34.91 -15.91 16.09
N ALA C 299 35.48 -16.54 17.11
CA ALA C 299 36.93 -16.67 17.18
C ALA C 299 37.43 -17.74 16.21
N ARG C 300 36.69 -18.85 16.07
CA ARG C 300 37.09 -19.89 15.13
C ARG C 300 36.99 -19.42 13.68
N LEU C 301 36.11 -18.45 13.41
CA LEU C 301 35.92 -17.95 12.05
C LEU C 301 36.64 -16.61 11.87
N GLY C 306 41.31 -15.95 6.24
CA GLY C 306 40.76 -14.60 6.19
C GLY C 306 39.42 -14.48 6.90
N LEU C 307 38.50 -13.73 6.29
CA LEU C 307 37.15 -13.51 6.78
C LEU C 307 37.13 -12.66 8.05
N SER C 308 36.21 -11.71 8.12
CA SER C 308 36.06 -10.83 9.28
C SER C 308 34.83 -11.29 10.06
N ALA C 309 35.06 -12.07 11.11
CA ALA C 309 33.99 -12.63 11.93
C ALA C 309 33.99 -11.97 13.31
N ARG C 310 32.82 -11.45 13.70
CA ARG C 310 32.65 -10.83 15.00
C ARG C 310 31.30 -11.23 15.56
N THR C 311 31.10 -10.94 16.85
CA THR C 311 29.84 -11.23 17.53
C THR C 311 29.03 -9.94 17.66
N ALA C 312 27.78 -9.99 17.20
CA ALA C 312 26.92 -8.82 17.20
C ALA C 312 25.53 -9.21 17.66
N GLN C 313 25.01 -8.50 18.66
CA GLN C 313 23.64 -8.72 19.10
C GLN C 313 22.67 -8.24 18.01
N ASP C 314 21.39 -8.54 18.23
CA ASP C 314 20.36 -8.16 17.26
C ASP C 314 20.34 -6.65 17.07
N ASP C 315 20.49 -6.21 15.82
CA ASP C 315 20.54 -4.78 15.52
C ASP C 315 19.23 -4.07 15.87
N SER C 316 18.14 -4.82 16.00
CA SER C 316 16.85 -4.25 16.38
C SER C 316 16.66 -4.21 17.90
N GLY C 317 17.65 -4.63 18.67
CA GLY C 317 17.56 -4.59 20.12
C GLY C 317 16.84 -5.77 20.72
N ARG C 318 17.40 -6.97 20.57
CA ARG C 318 16.84 -8.18 21.14
C ARG C 318 17.94 -9.00 21.79
N THR C 319 17.53 -10.00 22.57
CA THR C 319 18.46 -10.90 23.25
C THR C 319 18.92 -12.03 22.34
N ILE C 320 19.14 -11.76 21.06
CA ILE C 320 19.61 -12.73 20.10
C ILE C 320 20.99 -12.32 19.62
N TYR C 321 21.94 -13.24 19.70
CA TYR C 321 23.32 -12.99 19.33
C TYR C 321 23.70 -13.83 18.12
N ARG C 322 24.29 -13.20 17.12
CA ARG C 322 24.72 -13.87 15.90
C ARG C 322 26.19 -13.57 15.65
N VAL C 323 26.74 -14.20 14.61
CA VAL C 323 28.11 -13.98 14.20
C VAL C 323 28.08 -13.14 12.92
N LEU C 324 28.57 -11.91 13.01
CA LEU C 324 28.57 -11.01 11.86
C LEU C 324 29.81 -11.29 11.01
N LEU C 325 29.59 -11.90 9.84
CA LEU C 325 30.69 -12.23 8.95
C LEU C 325 31.03 -11.07 8.03
N ALA C 337 27.94 -12.20 -1.24
CA ALA C 337 26.77 -12.77 -1.90
C ALA C 337 27.13 -14.07 -2.62
N THR C 338 28.35 -14.11 -3.17
CA THR C 338 28.79 -15.31 -3.86
C THR C 338 28.99 -16.47 -2.88
N LEU C 339 29.45 -16.17 -1.66
CA LEU C 339 29.65 -17.23 -0.67
C LEU C 339 28.31 -17.77 -0.16
N ALA C 340 27.26 -16.96 -0.20
CA ALA C 340 25.95 -17.42 0.24
C ALA C 340 25.45 -18.55 -0.66
N GLU C 341 25.56 -18.37 -1.98
CA GLU C 341 25.18 -19.42 -2.91
C GLU C 341 26.11 -20.62 -2.85
N GLU C 342 27.34 -20.43 -2.33
CA GLU C 342 28.27 -21.55 -2.23
C GLU C 342 27.97 -22.42 -1.02
N MET C 343 27.62 -21.82 0.12
CA MET C 343 27.34 -22.59 1.32
C MET C 343 26.03 -23.38 1.19
N ARG C 344 25.06 -22.86 0.44
CA ARG C 344 23.81 -23.57 0.24
C ARG C 344 23.92 -24.74 -0.73
N ALA C 345 25.06 -24.91 -1.39
CA ALA C 345 25.22 -25.94 -2.40
C ALA C 345 26.23 -27.02 -2.03
N GLY C 346 26.85 -26.94 -0.86
CA GLY C 346 27.79 -27.95 -0.42
C GLY C 346 27.10 -29.23 0.01
N ILE C 347 27.92 -30.18 0.47
CA ILE C 347 27.38 -31.45 0.94
C ILE C 347 26.46 -31.26 2.14
N PRO C 348 26.83 -30.47 3.17
CA PRO C 348 25.82 -30.05 4.15
C PRO C 348 25.28 -28.67 3.80
N SER C 349 24.15 -28.64 3.08
CA SER C 349 23.58 -27.38 2.61
C SER C 349 23.29 -26.44 3.77
N ILE C 350 24.12 -25.40 3.91
CA ILE C 350 24.02 -24.45 5.01
C ILE C 350 23.32 -23.20 4.50
N TYR C 351 22.20 -22.84 5.14
CA TYR C 351 21.45 -21.64 4.81
C TYR C 351 21.80 -20.56 5.83
N LEU C 352 22.54 -19.54 5.39
CA LEU C 352 22.89 -18.43 6.25
C LEU C 352 21.77 -17.39 6.25
N ARG C 353 21.94 -16.36 7.09
CA ARG C 353 20.98 -15.27 7.22
C ARG C 353 21.46 -14.10 6.36
N ASP C 354 20.71 -13.78 5.31
CA ASP C 354 21.13 -12.80 4.31
C ASP C 354 20.45 -11.45 4.51
N PHE C 355 19.86 -11.20 5.68
CA PHE C 355 19.22 -9.91 5.95
C PHE C 355 20.26 -8.84 6.25
N HIS C 358 21.12 -6.47 2.32
CA HIS C 358 21.69 -5.21 1.91
C HIS C 358 23.20 -5.31 1.74
N LEU C 359 23.66 -6.48 1.31
CA LEU C 359 25.09 -6.77 1.09
C LEU C 359 25.80 -6.56 2.43
N GLY C 360 26.91 -5.82 2.47
CA GLY C 360 27.61 -5.59 3.71
C GLY C 360 28.30 -6.83 4.25
N GLN C 361 27.68 -7.47 5.25
CA GLN C 361 28.21 -8.68 5.84
C GLN C 361 27.08 -9.69 6.01
N LEU C 362 27.46 -10.92 6.35
CA LEU C 362 26.51 -11.99 6.57
C LEU C 362 26.39 -12.29 8.06
N GLU C 363 25.39 -13.11 8.39
CA GLU C 363 25.08 -13.44 9.77
C GLU C 363 24.92 -14.95 9.93
N VAL C 364 25.25 -15.44 11.13
CA VAL C 364 25.11 -16.85 11.49
C VAL C 364 24.14 -16.89 12.67
N ASP C 365 22.91 -17.29 12.40
CA ASP C 365 21.90 -17.35 13.45
C ASP C 365 21.96 -18.69 14.16
N PRO C 366 22.09 -18.71 15.49
CA PRO C 366 22.21 -19.98 16.22
C PRO C 366 20.90 -20.61 16.67
N ARG C 367 19.75 -19.98 16.40
CA ARG C 367 18.49 -20.46 16.95
C ARG C 367 18.14 -21.86 16.44
N ALA C 368 18.62 -22.22 15.25
CA ALA C 368 18.36 -23.54 14.68
C ALA C 368 19.65 -24.30 14.38
N LEU C 369 20.77 -23.88 14.97
CA LEU C 369 22.06 -24.45 14.68
C LEU C 369 22.37 -25.56 15.68
N SER C 370 22.51 -26.78 15.18
CA SER C 370 22.88 -27.91 16.02
C SER C 370 24.37 -27.85 16.33
N PRO C 371 24.82 -28.53 17.40
CA PRO C 371 26.27 -28.64 17.62
C PRO C 371 27.00 -29.26 16.45
N ASP C 372 26.42 -30.30 15.83
CA ASP C 372 27.00 -30.83 14.61
C ASP C 372 26.93 -29.83 13.47
N GLY C 373 25.81 -29.12 13.36
CA GLY C 373 25.67 -28.10 12.33
C GLY C 373 26.61 -26.92 12.53
N GLU C 374 27.01 -26.67 13.78
CA GLU C 374 27.97 -25.59 14.04
C GLU C 374 29.37 -25.96 13.56
N GLU C 375 29.82 -27.18 13.88
CA GLU C 375 31.11 -27.64 13.38
C GLU C 375 31.08 -27.86 11.88
N SER C 376 29.92 -28.21 11.32
CA SER C 376 29.80 -28.36 9.88
C SER C 376 29.96 -27.02 9.16
N VAL C 377 29.56 -25.92 9.80
CA VAL C 377 29.72 -24.61 9.21
C VAL C 377 31.21 -24.25 9.12
N VAL C 378 31.96 -24.51 10.18
CA VAL C 378 33.38 -24.20 10.19
C VAL C 378 34.13 -25.10 9.22
N ARG C 379 33.72 -26.36 9.09
CA ARG C 379 34.40 -27.28 8.18
C ARG C 379 34.19 -26.89 6.73
N ARG C 380 33.02 -26.35 6.39
CA ARG C 380 32.77 -25.96 5.01
C ARG C 380 33.33 -24.58 4.69
N LEU C 381 33.35 -23.68 5.66
CA LEU C 381 33.89 -22.34 5.44
C LEU C 381 35.39 -22.35 5.19
N GLU C 382 36.10 -23.37 5.68
CA GLU C 382 37.53 -23.46 5.41
C GLU C 382 37.83 -23.69 3.94
N GLU C 383 36.87 -24.20 3.18
CA GLU C 383 37.04 -24.42 1.75
C GLU C 383 36.81 -23.15 0.96
N HIS D 17 12.70 51.24 3.50
CA HIS D 17 13.42 49.98 3.34
C HIS D 17 12.51 48.91 2.75
N THR D 18 13.06 48.08 1.86
CA THR D 18 12.29 47.01 1.26
C THR D 18 12.00 45.92 2.29
N MET D 19 11.12 45.01 1.92
CA MET D 19 10.71 43.94 2.83
C MET D 19 11.80 42.90 2.97
N GLU D 20 11.99 42.43 4.21
CA GLU D 20 12.93 41.37 4.52
C GLU D 20 12.34 40.52 5.65
N TYR D 21 13.05 39.47 6.03
CA TYR D 21 12.56 38.60 7.10
C TYR D 21 12.52 39.35 8.43
N GLN D 22 13.38 40.35 8.61
CA GLN D 22 13.37 41.13 9.84
C GLN D 22 12.07 41.92 10.00
N HIS D 23 11.48 42.36 8.89
CA HIS D 23 10.24 43.12 8.94
C HIS D 23 9.01 42.25 9.16
N LEU D 24 9.18 40.93 9.28
CA LEU D 24 8.07 40.02 9.53
C LEU D 24 8.19 39.29 10.86
N GLY D 25 9.25 39.54 11.63
CA GLY D 25 9.50 38.79 12.85
C GLY D 25 10.06 37.40 12.64
N VAL D 26 10.33 37.01 11.39
CA VAL D 26 10.85 35.68 11.10
C VAL D 26 12.37 35.73 11.16
N VAL D 27 12.95 34.95 12.06
CA VAL D 27 14.39 34.91 12.29
C VAL D 27 14.97 33.77 11.48
N PRO D 28 16.04 33.98 10.71
CA PRO D 28 16.63 32.89 9.92
C PRO D 28 17.10 31.76 10.82
N VAL D 29 17.14 30.56 10.25
CA VAL D 29 17.56 29.36 10.97
C VAL D 29 18.79 28.79 10.27
N VAL D 30 19.46 27.88 10.97
CA VAL D 30 20.63 27.18 10.45
C VAL D 30 20.22 25.76 10.09
N SER D 31 20.56 25.32 8.89
CA SER D 31 20.19 24.00 8.39
C SER D 31 21.42 23.11 8.37
N ALA D 32 21.43 22.09 9.22
CA ALA D 32 22.42 21.03 9.19
C ALA D 32 21.84 19.73 8.66
N GLN D 33 20.73 19.80 7.92
CA GLN D 33 20.02 18.64 7.40
C GLN D 33 19.67 18.85 5.93
N ALA D 34 20.63 19.36 5.15
CA ALA D 34 20.45 19.60 3.72
C ALA D 34 19.32 20.58 3.44
N ASN D 35 18.87 20.64 2.18
CA ASN D 35 17.94 21.67 1.73
C ASN D 35 16.50 21.21 1.91
N SER D 36 16.08 21.14 3.17
CA SER D 36 14.73 20.72 3.50
C SER D 36 13.72 21.75 3.00
N THR D 37 12.63 21.25 2.41
CA THR D 37 11.54 22.14 2.00
C THR D 37 10.93 22.93 3.15
N PRO D 38 10.68 22.36 4.34
CA PRO D 38 10.12 23.18 5.43
C PRO D 38 11.03 24.29 5.90
N LEU D 39 12.31 24.27 5.54
CA LEU D 39 13.26 25.32 5.92
C LEU D 39 13.55 26.28 4.78
N GLY D 40 12.76 26.24 3.71
CA GLY D 40 12.93 27.15 2.59
C GLY D 40 13.69 26.59 1.40
N GLY D 41 14.10 25.33 1.46
CA GLY D 41 14.89 24.75 0.38
C GLY D 41 16.37 25.07 0.55
N CYS D 42 16.96 25.72 -0.44
CA CYS D 42 18.37 26.08 -0.42
C CYS D 42 18.53 27.59 -0.57
N THR D 43 19.72 28.06 -0.27
CA THR D 43 20.10 29.44 -0.53
C THR D 43 20.71 29.54 -1.92
N LEU D 44 20.50 30.68 -2.56
CA LEU D 44 20.86 30.87 -3.96
C LEU D 44 22.15 31.66 -4.08
N SER D 45 22.96 31.31 -5.07
CA SER D 45 24.22 32.01 -5.31
C SER D 45 23.95 33.36 -5.96
N ASP D 46 24.99 34.21 -5.96
CA ASP D 46 24.87 35.54 -6.57
C ASP D 46 24.52 35.43 -8.05
N GLY D 47 25.08 34.44 -8.74
CA GLY D 47 24.78 34.27 -10.15
C GLY D 47 23.33 33.91 -10.40
N VAL D 48 22.79 32.99 -9.60
CA VAL D 48 21.39 32.60 -9.75
C VAL D 48 20.47 33.77 -9.41
N ILE D 49 20.82 34.56 -8.40
CA ILE D 49 20.01 35.72 -8.04
C ILE D 49 20.01 36.74 -9.17
N ARG D 50 21.17 36.96 -9.80
CA ARG D 50 21.24 37.89 -10.93
C ARG D 50 20.45 37.37 -12.13
N ALA D 51 20.34 36.04 -12.27
CA ALA D 51 19.56 35.49 -13.36
C ALA D 51 18.07 35.70 -13.14
N MET D 52 17.62 35.60 -11.89
CA MET D 52 16.22 35.85 -11.59
C MET D 52 15.87 37.32 -11.74
N GLY D 53 16.82 38.20 -11.37
CA GLY D 53 16.57 39.63 -11.51
C GLY D 53 16.45 40.07 -12.95
N ASP D 54 17.35 39.58 -13.81
CA ASP D 54 17.29 39.94 -15.23
C ASP D 54 16.08 39.31 -15.92
N ALA D 55 15.54 38.22 -15.39
CA ALA D 55 14.37 37.60 -16.00
C ALA D 55 13.09 38.38 -15.72
N ALA D 56 13.02 39.07 -14.59
CA ALA D 56 11.82 39.81 -14.20
C ALA D 56 11.74 41.20 -14.83
N ARG D 57 12.63 41.52 -15.77
CA ARG D 57 12.68 42.84 -16.38
C ARG D 57 12.09 42.89 -17.78
N PHE D 58 11.59 41.76 -18.29
CA PHE D 58 11.05 41.72 -19.64
C PHE D 58 9.87 40.76 -19.70
N HIS D 59 8.93 41.07 -20.59
CA HIS D 59 7.91 40.11 -20.99
C HIS D 59 8.45 39.27 -22.13
N VAL D 60 8.18 37.96 -22.08
CA VAL D 60 8.64 37.03 -23.10
C VAL D 60 7.51 36.05 -23.43
N ASP D 61 7.62 35.43 -24.59
CA ASP D 61 6.72 34.34 -24.97
C ASP D 61 7.13 33.09 -24.18
N MET D 62 6.32 32.74 -23.17
CA MET D 62 6.69 31.64 -22.28
C MET D 62 6.80 30.31 -23.02
N GLU D 63 6.03 30.13 -24.10
CA GLU D 63 6.17 28.92 -24.89
C GLU D 63 7.55 28.86 -25.55
N GLN D 64 8.03 30.00 -26.06
CA GLN D 64 9.38 30.04 -26.59
C GLN D 64 10.43 29.89 -25.49
N LEU D 65 10.10 30.31 -24.26
CA LEU D 65 11.03 30.13 -23.16
C LEU D 65 11.06 28.69 -22.68
N TRP D 66 9.90 28.04 -22.60
CA TRP D 66 9.86 26.63 -22.24
C TRP D 66 10.60 25.77 -23.25
N GLN D 67 10.53 26.14 -24.54
CA GLN D 67 11.21 25.38 -25.58
C GLN D 67 12.73 25.50 -25.43
N ALA D 68 13.22 26.72 -25.20
CA ALA D 68 14.66 26.91 -25.06
C ALA D 68 15.16 26.27 -23.77
N ALA D 69 14.39 26.38 -22.68
CA ALA D 69 14.78 25.75 -21.43
C ALA D 69 14.83 24.23 -21.57
N GLY D 70 13.95 23.67 -22.41
CA GLY D 70 13.95 22.22 -22.59
C GLY D 70 15.21 21.71 -23.24
N SER D 71 15.66 22.39 -24.30
CA SER D 71 16.89 21.97 -24.98
C SER D 71 18.09 22.08 -24.06
N PHE D 72 18.11 23.10 -23.19
CA PHE D 72 19.23 23.28 -22.26
C PHE D 72 19.26 22.16 -21.22
N LEU D 73 18.11 21.87 -20.61
CA LEU D 73 18.07 20.81 -19.60
C LEU D 73 18.27 19.43 -20.22
N ALA D 74 17.78 19.23 -21.44
CA ALA D 74 17.99 17.95 -22.12
C ALA D 74 19.48 17.73 -22.42
N GLU D 75 20.19 18.79 -22.81
CA GLU D 75 21.62 18.65 -23.05
C GLU D 75 22.36 18.31 -21.76
N ALA D 76 21.98 18.94 -20.65
CA ALA D 76 22.65 18.68 -19.39
C ALA D 76 22.34 17.30 -18.83
N THR D 77 21.23 16.69 -19.23
CA THR D 77 20.84 15.37 -18.74
C THR D 77 21.02 14.27 -19.77
N GLY D 78 21.40 14.60 -21.00
CA GLY D 78 21.51 13.59 -22.04
C GLY D 78 20.18 12.98 -22.42
N SER D 79 19.13 13.80 -22.53
CA SER D 79 17.80 13.36 -22.87
C SER D 79 17.32 14.06 -24.13
N GLU D 80 16.15 13.65 -24.61
CA GLU D 80 15.61 14.23 -25.84
C GLU D 80 15.00 15.60 -25.60
N ASP D 81 14.25 15.76 -24.51
CA ASP D 81 13.61 17.03 -24.19
C ASP D 81 13.47 17.13 -22.68
N ALA D 82 12.94 18.26 -22.23
CA ALA D 82 12.71 18.48 -20.80
C ALA D 82 11.64 19.53 -20.62
N CYS D 83 10.83 19.35 -19.58
CA CYS D 83 9.72 20.26 -19.27
C CYS D 83 9.87 20.79 -17.85
N PRO D 84 10.01 22.10 -17.65
CA PRO D 84 10.15 22.62 -16.30
C PRO D 84 8.86 22.45 -15.49
N VAL D 85 9.04 22.25 -14.19
CA VAL D 85 7.94 22.11 -13.23
C VAL D 85 8.34 22.85 -11.95
N THR D 86 7.41 22.89 -11.00
CA THR D 86 7.70 23.52 -9.70
C THR D 86 8.57 22.64 -8.82
N GLY D 87 8.58 21.32 -9.05
CA GLY D 87 9.33 20.43 -8.20
C GLY D 87 8.97 18.99 -8.51
N ALA D 88 9.46 18.09 -7.65
CA ALA D 88 9.27 16.66 -7.89
C ALA D 88 7.83 16.23 -7.64
N ALA D 89 7.14 16.84 -6.67
CA ALA D 89 5.75 16.48 -6.42
C ALA D 89 4.88 16.82 -7.63
N ALA D 90 5.05 18.03 -8.18
CA ALA D 90 4.35 18.36 -9.42
C ALA D 90 4.88 17.53 -10.58
N GLY D 91 6.18 17.26 -10.59
CA GLY D 91 6.76 16.44 -11.65
C GLY D 91 6.10 15.07 -11.75
N MET D 92 5.81 14.46 -10.60
CA MET D 92 5.16 13.14 -10.60
C MET D 92 3.72 13.25 -11.10
N ALA D 93 2.97 14.21 -10.57
CA ALA D 93 1.59 14.38 -11.00
C ALA D 93 1.50 14.67 -12.49
N ILE D 94 2.41 15.51 -13.01
CA ILE D 94 2.36 15.88 -14.42
C ILE D 94 2.81 14.72 -15.31
N ALA D 95 3.84 13.99 -14.88
CA ALA D 95 4.28 12.82 -15.65
C ALA D 95 3.17 11.78 -15.75
N VAL D 96 2.44 11.56 -14.66
CA VAL D 96 1.32 10.64 -14.70
C VAL D 96 0.21 11.17 -15.61
N ALA D 97 -0.09 12.46 -15.49
CA ALA D 97 -1.06 13.09 -16.38
C ALA D 97 -0.68 12.89 -17.84
N ALA D 98 0.61 13.06 -18.16
CA ALA D 98 1.06 12.92 -19.54
C ALA D 98 0.89 11.48 -20.04
N CYS D 99 1.12 10.50 -19.16
CA CYS D 99 0.98 9.11 -19.55
C CYS D 99 -0.47 8.66 -19.61
N VAL D 100 -1.39 9.37 -18.96
CA VAL D 100 -2.80 9.01 -18.94
C VAL D 100 -3.60 9.78 -19.99
N ALA D 101 -3.42 11.11 -20.04
CA ALA D 101 -4.19 11.94 -20.96
C ALA D 101 -3.47 12.20 -22.28
N GLY D 102 -2.14 12.23 -22.26
CA GLY D 102 -1.42 12.50 -23.49
C GLY D 102 -1.51 13.97 -23.87
N THR D 103 -1.55 14.23 -25.18
CA THR D 103 -1.59 15.58 -25.72
C THR D 103 -2.98 16.01 -26.15
N ASP D 104 -3.98 15.15 -25.99
CA ASP D 104 -5.36 15.50 -26.37
C ASP D 104 -5.88 16.56 -25.41
N GLY D 105 -6.16 17.75 -25.94
CA GLY D 105 -6.57 18.86 -25.10
C GLY D 105 -7.89 18.62 -24.38
N LEU D 106 -8.77 17.81 -24.96
CA LEU D 106 -10.04 17.52 -24.29
C LEU D 106 -9.82 16.64 -23.06
N ARG D 107 -8.92 15.66 -23.15
CA ARG D 107 -8.63 14.83 -21.99
C ARG D 107 -7.83 15.58 -20.94
N VAL D 108 -6.96 16.50 -21.37
CA VAL D 108 -6.20 17.31 -20.43
C VAL D 108 -7.13 18.10 -19.53
N GLN D 109 -8.14 18.74 -20.11
CA GLN D 109 -9.11 19.49 -19.33
C GLN D 109 -10.09 18.60 -18.58
N ARG D 110 -10.06 17.28 -18.82
CA ARG D 110 -10.96 16.36 -18.13
C ARG D 110 -10.33 15.73 -16.89
N LEU D 111 -9.01 15.72 -16.79
CA LEU D 111 -8.34 15.16 -15.63
C LEU D 111 -8.78 15.91 -14.36
N PRO D 112 -8.75 15.24 -13.19
CA PRO D 112 -8.19 13.91 -12.91
C PRO D 112 -9.12 12.74 -13.25
N ASP D 113 -10.18 13.00 -14.02
CA ASP D 113 -11.01 11.92 -14.54
C ASP D 113 -10.35 11.36 -15.79
N PRO D 114 -9.90 10.09 -15.76
CA PRO D 114 -9.18 9.54 -16.92
C PRO D 114 -10.07 9.20 -18.10
N GLY D 115 -11.38 9.19 -17.93
CA GLY D 115 -12.25 8.79 -19.03
C GLY D 115 -12.06 7.32 -19.33
N ASP D 116 -11.88 7.00 -20.60
CA ASP D 116 -11.70 5.62 -21.05
C ASP D 116 -10.24 5.26 -21.29
N GLN D 117 -9.30 6.08 -20.81
CA GLN D 117 -7.88 5.85 -21.00
C GLN D 117 -7.30 4.99 -19.88
N PRO D 118 -6.30 4.16 -20.19
CA PRO D 118 -5.60 3.44 -19.12
C PRO D 118 -4.97 4.41 -18.14
N ASN D 119 -5.10 4.09 -16.84
CA ASN D 119 -4.61 5.00 -15.81
C ASN D 119 -3.99 4.28 -14.62
N GLU D 120 -3.63 3.01 -14.75
CA GLU D 120 -3.02 2.31 -13.63
C GLU D 120 -1.52 2.58 -13.61
N ILE D 121 -1.01 2.92 -12.44
CA ILE D 121 0.39 3.30 -12.25
C ILE D 121 1.00 2.29 -11.28
N VAL D 122 1.86 1.42 -11.79
CA VAL D 122 2.39 0.30 -11.03
C VAL D 122 3.68 0.72 -10.34
N LEU D 123 3.82 0.36 -9.07
CA LEU D 123 5.04 0.59 -8.33
C LEU D 123 5.16 -0.46 -7.23
N GLN D 124 6.38 -0.66 -6.76
CA GLN D 124 6.61 -1.57 -5.65
C GLN D 124 6.08 -0.97 -4.35
N LYS D 125 5.63 -1.85 -3.45
CA LYS D 125 5.12 -1.40 -2.16
C LYS D 125 6.16 -0.62 -1.38
N GLY D 126 7.44 -0.97 -1.53
CA GLY D 126 8.50 -0.29 -0.81
C GLY D 126 8.77 1.13 -1.27
N HIS D 127 8.21 1.54 -2.41
CA HIS D 127 8.39 2.88 -2.93
C HIS D 127 7.19 3.78 -2.67
N SER D 128 6.26 3.35 -1.81
CA SER D 128 5.08 4.14 -1.49
C SER D 128 5.44 5.20 -0.43
N ILE D 129 6.16 6.22 -0.89
CA ILE D 129 6.68 7.24 0.01
C ILE D 129 5.71 8.42 0.10
N SER D 130 6.06 9.42 0.91
CA SER D 130 5.26 10.63 1.06
C SER D 130 6.11 11.84 0.72
N TYR D 131 5.57 12.73 -0.11
CA TYR D 131 6.27 13.94 -0.54
C TYR D 131 6.11 15.01 0.55
N GLY D 132 6.89 14.87 1.61
CA GLY D 132 6.81 15.78 2.73
C GLY D 132 5.42 15.79 3.35
N GLY D 133 4.90 14.62 3.68
CA GLY D 133 3.55 14.52 4.20
C GLY D 133 2.56 14.03 3.17
N ALA D 134 2.49 14.72 2.04
CA ALA D 134 1.58 14.31 0.97
C ALA D 134 2.09 13.02 0.34
N PRO D 135 1.26 11.98 0.24
CA PRO D 135 1.72 10.73 -0.36
C PRO D 135 1.98 10.89 -1.85
N LEU D 136 2.95 10.11 -2.35
CA LEU D 136 3.19 10.05 -3.78
C LEU D 136 1.96 9.54 -4.52
N ALA D 137 1.18 8.66 -3.88
CA ALA D 137 -0.03 8.15 -4.52
C ALA D 137 -1.04 9.26 -4.77
N GLN D 138 -1.03 10.32 -3.93
CA GLN D 138 -1.94 11.43 -4.17
C GLN D 138 -1.55 12.21 -5.42
N MET D 139 -0.24 12.34 -5.68
CA MET D 139 0.19 12.95 -6.93
C MET D 139 -0.24 12.13 -8.14
N ILE D 140 -0.26 10.80 -8.00
CA ILE D 140 -0.77 9.94 -9.06
C ILE D 140 -2.26 10.18 -9.26
N ALA D 141 -3.01 10.29 -8.16
CA ALA D 141 -4.44 10.57 -8.26
C ALA D 141 -4.71 11.92 -8.92
N LEU D 142 -3.91 12.95 -8.55
CA LEU D 142 -4.07 14.27 -9.17
C LEU D 142 -3.86 14.22 -10.67
N GLY D 143 -2.96 13.36 -11.14
CA GLY D 143 -2.71 13.22 -12.56
C GLY D 143 -3.68 12.35 -13.30
N GLY D 144 -4.77 11.93 -12.65
CA GLY D 144 -5.72 11.04 -13.27
C GLY D 144 -5.35 9.58 -13.22
N GLY D 145 -4.33 9.20 -12.46
CA GLY D 145 -3.91 7.82 -12.37
C GLY D 145 -4.39 7.14 -11.11
N ARG D 146 -4.34 5.81 -11.11
CA ARG D 146 -4.67 5.00 -9.96
C ARG D 146 -3.46 4.18 -9.56
N ALA D 147 -2.93 4.45 -8.37
CA ALA D 147 -1.74 3.76 -7.89
C ALA D 147 -2.04 2.29 -7.66
N VAL D 148 -1.19 1.42 -8.21
CA VAL D 148 -1.30 -0.03 -8.04
C VAL D 148 0.01 -0.50 -7.42
N GLU D 149 -0.02 -0.78 -6.12
CA GLU D 149 1.18 -1.17 -5.39
C GLU D 149 1.27 -2.69 -5.32
N VAL D 150 2.44 -3.21 -5.66
CA VAL D 150 2.67 -4.65 -5.76
C VAL D 150 3.78 -5.04 -4.79
N GLY D 151 3.61 -6.19 -4.14
CA GLY D 151 4.62 -6.69 -3.24
C GLY D 151 4.43 -6.24 -1.81
N ALA D 152 5.44 -6.51 -1.00
CA ALA D 152 5.48 -6.10 0.39
C ALA D 152 6.58 -5.06 0.59
N VAL D 153 6.55 -4.41 1.75
CA VAL D 153 7.54 -3.38 2.06
C VAL D 153 8.94 -3.96 2.18
N ASN D 154 9.07 -5.27 2.44
CA ASN D 154 10.35 -5.91 2.59
C ASN D 154 10.78 -6.74 1.40
N GLU D 155 9.87 -6.99 0.45
CA GLU D 155 10.18 -7.81 -0.72
C GLU D 155 9.14 -7.66 -1.82
N THR D 156 9.61 -7.47 -3.06
CA THR D 156 8.73 -7.43 -4.23
C THR D 156 9.40 -8.19 -5.37
N PRO D 157 8.84 -9.31 -5.82
CA PRO D 157 9.49 -10.07 -6.89
C PRO D 157 9.35 -9.36 -8.23
N ARG D 158 10.35 -9.57 -9.09
CA ARG D 158 10.33 -8.97 -10.42
C ARG D 158 9.09 -9.41 -11.20
N SER D 159 8.75 -10.70 -11.14
CA SER D 159 7.64 -11.22 -11.91
C SER D 159 6.31 -10.59 -11.50
N HIS D 160 6.19 -10.18 -10.24
CA HIS D 160 4.94 -9.57 -9.78
C HIS D 160 4.75 -8.18 -10.36
N VAL D 161 5.85 -7.47 -10.63
CA VAL D 161 5.73 -6.22 -11.38
C VAL D 161 5.37 -6.49 -12.83
N ALA D 162 5.99 -7.52 -13.42
CA ALA D 162 5.71 -7.86 -14.81
C ALA D 162 4.27 -8.35 -14.98
N SER D 163 3.78 -9.13 -14.01
CA SER D 163 2.40 -9.61 -14.08
C SER D 163 1.39 -8.49 -13.82
N ALA D 164 1.80 -7.42 -13.16
CA ALA D 164 0.88 -6.32 -12.86
C ALA D 164 0.55 -5.51 -14.11
N VAL D 165 1.46 -5.46 -15.08
CA VAL D 165 1.23 -4.68 -16.28
C VAL D 165 0.16 -5.35 -17.12
N THR D 166 -0.92 -4.61 -17.41
CA THR D 166 -1.99 -5.10 -18.27
C THR D 166 -2.35 -4.02 -19.30
N ARG D 167 -3.48 -4.21 -19.98
CA ARG D 167 -3.94 -3.20 -20.93
C ARG D 167 -4.40 -1.92 -20.23
N ARG D 168 -4.65 -1.98 -18.93
CA ARG D 168 -5.07 -0.81 -18.17
C ARG D 168 -3.89 -0.04 -17.58
N THR D 169 -2.66 -0.48 -17.83
CA THR D 169 -1.49 0.14 -17.23
C THR D 169 -1.06 1.37 -18.03
N ALA D 170 -0.87 2.49 -17.34
CA ALA D 170 -0.43 3.73 -17.97
C ALA D 170 1.07 3.96 -17.83
N ALA D 171 1.66 3.59 -16.70
CA ALA D 171 3.07 3.85 -16.47
C ALA D 171 3.58 2.99 -15.32
N LEU D 172 4.90 2.90 -15.22
CA LEU D 172 5.58 2.32 -14.07
C LEU D 172 6.36 3.43 -13.36
N VAL D 173 6.39 3.37 -12.03
CA VAL D 173 7.05 4.39 -11.22
C VAL D 173 8.16 3.73 -10.40
N TYR D 174 9.32 4.40 -10.36
CA TYR D 174 10.46 3.96 -9.59
C TYR D 174 10.99 5.14 -8.78
N VAL D 175 11.21 4.92 -7.49
CA VAL D 175 11.73 5.95 -6.59
C VAL D 175 13.17 5.61 -6.27
N THR D 176 14.08 6.55 -6.51
CA THR D 176 15.51 6.28 -6.34
C THR D 176 15.95 6.48 -4.90
N SER D 177 15.27 7.35 -4.14
CA SER D 177 15.71 7.74 -2.81
C SER D 177 15.82 6.56 -1.85
N ARG D 178 17.04 6.23 -1.44
CA ARG D 178 17.27 5.24 -0.40
C ARG D 178 17.00 5.79 1.00
N THR D 179 16.70 7.07 1.12
CA THR D 179 16.34 7.68 2.40
C THR D 179 14.85 7.53 2.71
N HIS D 180 14.00 7.62 1.69
CA HIS D 180 12.56 7.55 1.87
C HIS D 180 11.95 6.21 1.44
N ALA D 181 12.54 5.55 0.45
CA ALA D 181 12.05 4.27 -0.04
C ALA D 181 12.99 3.15 0.39
N VAL D 182 12.43 1.95 0.55
CA VAL D 182 13.19 0.76 0.91
C VAL D 182 13.37 -0.10 -0.35
N HIS D 183 14.61 -0.49 -0.63
CA HIS D 183 14.95 -1.25 -1.82
C HIS D 183 15.39 -2.68 -1.50
N ARG D 184 15.14 -3.15 -0.28
CA ARG D 184 15.58 -4.49 0.11
C ARG D 184 14.74 -5.54 -0.61
N LYS D 185 15.41 -6.38 -1.40
CA LYS D 185 14.77 -7.48 -2.12
C LYS D 185 13.65 -6.99 -3.04
N GLY D 186 13.82 -5.80 -3.59
CA GLY D 186 12.87 -5.21 -4.51
C GLY D 186 13.23 -5.43 -5.96
N VAL D 187 12.79 -4.52 -6.81
CA VAL D 187 13.02 -4.60 -8.26
C VAL D 187 13.86 -3.40 -8.68
N PRO D 188 15.08 -3.60 -9.17
CA PRO D 188 15.91 -2.46 -9.57
C PRO D 188 15.36 -1.77 -10.80
N LEU D 189 15.91 -0.58 -11.07
CA LEU D 189 15.42 0.24 -12.17
C LEU D 189 15.64 -0.45 -13.52
N ASP D 190 16.77 -1.14 -13.70
CA ASP D 190 17.05 -1.78 -14.98
C ASP D 190 16.02 -2.85 -15.30
N GLU D 191 15.51 -3.56 -14.29
CA GLU D 191 14.47 -4.55 -14.55
C GLU D 191 13.12 -3.89 -14.84
N LEU D 192 12.83 -2.76 -14.19
CA LEU D 192 11.62 -2.00 -14.53
C LEU D 192 11.66 -1.53 -15.97
N VAL D 193 12.80 -0.99 -16.41
CA VAL D 193 12.91 -0.53 -17.79
C VAL D 193 12.70 -1.68 -18.77
N ALA D 194 13.24 -2.86 -18.44
CA ALA D 194 13.00 -4.04 -19.27
C ALA D 194 11.51 -4.37 -19.33
N ILE D 195 10.82 -4.30 -18.19
CA ILE D 195 9.39 -4.54 -18.18
C ILE D 195 8.66 -3.47 -18.97
N GLY D 196 9.11 -2.21 -18.86
CA GLY D 196 8.49 -1.14 -19.64
C GLY D 196 8.65 -1.35 -21.13
N ARG D 197 9.86 -1.71 -21.56
CA ARG D 197 10.09 -1.95 -22.99
C ARG D 197 9.42 -3.22 -23.46
N GLU D 198 9.24 -4.21 -22.56
CA GLU D 198 8.61 -5.46 -22.96
C GLU D 198 7.12 -5.27 -23.26
N HIS D 199 6.45 -4.42 -22.49
CA HIS D 199 5.02 -4.18 -22.64
C HIS D 199 4.71 -2.86 -23.32
N GLY D 200 5.72 -2.05 -23.63
CA GLY D 200 5.47 -0.74 -24.21
C GLY D 200 4.78 0.19 -23.23
N VAL D 201 5.30 0.25 -22.02
CA VAL D 201 4.72 1.03 -20.93
C VAL D 201 5.78 2.01 -20.44
N PRO D 202 5.49 3.31 -20.39
CA PRO D 202 6.51 4.26 -19.95
C PRO D 202 6.94 4.02 -18.51
N VAL D 203 8.19 4.37 -18.23
CA VAL D 203 8.77 4.24 -16.89
C VAL D 203 9.06 5.65 -16.37
N ILE D 204 8.42 6.01 -15.26
CA ILE D 204 8.62 7.28 -14.59
C ILE D 204 9.58 7.06 -13.42
N VAL D 205 10.58 7.93 -13.29
CA VAL D 205 11.59 7.81 -12.25
C VAL D 205 11.56 9.07 -11.40
N ASP D 206 11.44 8.90 -10.08
CA ASP D 206 11.54 10.00 -9.13
C ASP D 206 12.98 10.06 -8.65
N ALA D 207 13.75 10.98 -9.22
CA ALA D 207 15.13 11.21 -8.82
C ALA D 207 15.27 12.61 -8.22
N ALA D 208 14.43 12.92 -7.23
CA ALA D 208 14.29 14.31 -6.77
C ALA D 208 15.61 14.86 -6.24
N GLY D 209 16.26 14.15 -5.33
CA GLY D 209 17.45 14.67 -4.69
C GLY D 209 18.75 14.04 -5.16
N GLU D 210 18.78 13.57 -6.41
CA GLU D 210 19.94 12.89 -6.94
C GLU D 210 20.91 13.89 -7.56
N GLY D 211 22.20 13.65 -7.36
CA GLY D 211 23.23 14.53 -7.88
C GLY D 211 23.66 14.20 -9.29
N GLY D 212 23.35 12.99 -9.75
CA GLY D 212 23.69 12.57 -11.09
C GLY D 212 22.68 13.02 -12.12
N LEU D 213 23.10 13.85 -13.06
CA LEU D 213 22.22 14.38 -14.09
C LEU D 213 22.06 13.47 -15.30
N ARG D 214 22.90 12.47 -15.46
CA ARG D 214 22.88 11.64 -16.66
C ARG D 214 22.65 10.15 -16.40
N ARG D 215 23.07 9.63 -15.23
CA ARG D 215 22.98 8.19 -14.99
C ARG D 215 21.53 7.71 -15.05
N TRP D 216 20.57 8.52 -14.60
CA TRP D 216 19.19 8.06 -14.54
C TRP D 216 18.52 8.06 -15.91
N VAL D 217 18.79 9.08 -16.72
CA VAL D 217 18.30 9.07 -18.09
C VAL D 217 18.96 7.94 -18.88
N ALA D 218 20.25 7.70 -18.62
CA ALA D 218 20.99 6.67 -19.35
C ALA D 218 20.49 5.26 -19.08
N SER D 219 19.68 5.07 -18.05
CA SER D 219 19.11 3.75 -17.78
C SER D 219 18.01 3.38 -18.76
N GLY D 220 17.65 4.27 -19.68
CA GLY D 220 16.59 4.03 -20.62
C GLY D 220 15.22 4.46 -20.15
N ALA D 221 15.10 4.98 -18.93
CA ALA D 221 13.81 5.42 -18.42
C ALA D 221 13.24 6.53 -19.29
N ASP D 222 11.91 6.56 -19.37
CA ASP D 222 11.24 7.48 -20.29
C ASP D 222 11.06 8.88 -19.72
N LEU D 223 10.85 9.00 -18.41
CA LEU D 223 10.72 10.30 -17.77
C LEU D 223 11.46 10.27 -16.44
N VAL D 224 12.28 11.28 -16.18
CA VAL D 224 13.07 11.38 -14.97
C VAL D 224 12.83 12.75 -14.35
N ILE D 225 12.54 12.78 -13.05
CA ILE D 225 12.09 13.98 -12.35
C ILE D 225 13.20 14.45 -11.43
N TYR D 226 13.52 15.73 -11.49
CA TYR D 226 14.53 16.35 -10.63
C TYR D 226 13.93 17.55 -9.90
N SER D 227 14.28 17.69 -8.63
CA SER D 227 13.86 18.84 -7.83
C SER D 227 14.99 19.86 -7.76
N GLY D 228 14.62 21.13 -7.93
CA GLY D 228 15.58 22.21 -8.01
C GLY D 228 16.40 22.45 -6.75
N PRO D 229 15.74 22.81 -5.64
CA PRO D 229 16.46 23.23 -4.42
C PRO D 229 17.33 22.17 -3.74
N MET D 231 19.70 19.75 -4.72
CA MET D 231 21.11 19.56 -5.00
C MET D 231 21.68 20.60 -5.96
N LEU D 232 20.86 21.05 -6.90
CA LEU D 232 21.32 21.90 -7.99
C LEU D 232 21.46 23.37 -7.61
N GLY D 233 21.09 23.75 -6.39
CA GLY D 233 21.18 25.15 -5.99
C GLY D 233 20.20 26.06 -6.71
N ALA D 234 18.99 25.57 -6.99
CA ALA D 234 17.99 26.33 -7.71
C ALA D 234 16.91 26.82 -6.77
N PRO D 235 16.16 27.86 -7.17
CA PRO D 235 14.96 28.22 -6.40
C PRO D 235 13.88 27.16 -6.54
N THR D 236 12.71 27.41 -5.95
CA THR D 236 11.60 26.47 -6.10
C THR D 236 11.32 26.22 -7.57
N SER D 237 11.75 25.07 -8.07
CA SER D 237 11.65 24.72 -9.48
C SER D 237 11.98 23.23 -9.63
N GLY D 238 11.98 22.77 -10.88
CA GLY D 238 12.28 21.39 -11.18
C GLY D 238 12.04 21.14 -12.65
N PHE D 239 12.25 19.89 -13.06
CA PHE D 239 11.99 19.55 -14.46
C PHE D 239 11.79 18.05 -14.60
N ILE D 240 11.23 17.69 -15.76
CA ILE D 240 11.02 16.30 -16.17
C ILE D 240 11.71 16.13 -17.52
N CYS D 241 12.67 15.22 -17.58
CA CYS D 241 13.43 14.99 -18.80
C CYS D 241 13.28 13.54 -19.25
N GLY D 242 13.39 13.33 -20.55
CA GLY D 242 13.32 12.00 -21.09
C GLY D 242 12.88 12.04 -22.55
N ARG D 243 12.02 11.09 -22.92
CA ARG D 243 11.57 10.97 -24.30
C ARG D 243 10.88 12.25 -24.77
N GLY D 244 11.08 12.58 -26.04
CA GLY D 244 10.53 13.81 -26.59
C GLY D 244 9.01 13.81 -26.63
N ASP D 245 8.41 12.69 -27.06
CA ASP D 245 6.96 12.66 -27.23
C ASP D 245 6.23 12.73 -25.90
N LEU D 246 6.81 12.16 -24.84
CA LEU D 246 6.15 12.23 -23.53
C LEU D 246 6.35 13.57 -22.85
N VAL D 247 7.53 14.20 -23.04
CA VAL D 247 7.76 15.52 -22.46
C VAL D 247 6.80 16.54 -23.06
N ALA D 248 6.53 16.43 -24.36
CA ALA D 248 5.51 17.28 -24.96
C ALA D 248 4.15 17.04 -24.33
N ALA D 249 3.86 15.81 -23.91
CA ALA D 249 2.61 15.55 -23.21
C ALA D 249 2.61 16.17 -21.82
N CYS D 250 3.77 16.22 -21.15
CA CYS D 250 3.88 16.95 -19.89
C CYS D 250 3.53 18.41 -20.09
N ARG D 251 4.11 19.04 -21.11
CA ARG D 251 3.88 20.44 -21.39
C ARG D 251 2.41 20.72 -21.67
N ALA D 252 1.71 19.78 -22.31
CA ALA D 252 0.30 19.97 -22.62
C ALA D 252 -0.57 20.02 -21.37
N GLN D 253 -0.09 19.48 -20.24
CA GLN D 253 -0.89 19.48 -19.02
C GLN D 253 -1.07 20.87 -18.43
N TYR D 254 -0.20 21.82 -18.80
CA TYR D 254 -0.34 23.17 -18.26
C TYR D 254 -1.63 23.85 -18.72
N SER D 255 -2.29 23.32 -19.75
CA SER D 255 -3.66 23.69 -20.06
C SER D 255 -4.68 22.93 -19.21
N GLY D 256 -4.24 22.25 -18.16
CA GLY D 256 -5.13 21.48 -17.32
C GLY D 256 -4.70 21.44 -15.86
N ILE D 257 -4.40 20.26 -15.35
CA ILE D 257 -4.10 20.11 -13.93
C ILE D 257 -2.76 20.76 -13.56
N ALA D 258 -1.89 21.00 -14.54
CA ALA D 258 -0.62 21.66 -14.29
C ALA D 258 -0.72 23.19 -14.32
N ARG D 259 -1.88 23.72 -14.70
CA ARG D 259 -2.06 25.18 -14.69
C ARG D 259 -1.93 25.78 -13.30
N PRO D 260 -2.51 25.23 -12.22
CA PRO D 260 -2.27 25.79 -10.89
C PRO D 260 -0.84 25.59 -10.39
N MET D 261 -0.05 24.74 -11.04
CA MET D 261 1.34 24.50 -10.65
C MET D 261 2.27 25.42 -11.42
N LYS D 262 2.02 26.73 -11.24
CA LYS D 262 2.64 27.73 -12.10
C LYS D 262 4.14 27.86 -11.81
N VAL D 263 4.92 28.03 -12.87
CA VAL D 263 6.36 28.22 -12.79
C VAL D 263 6.67 29.61 -13.34
N GLY D 264 7.02 30.54 -12.45
CA GLY D 264 7.34 31.88 -12.91
C GLY D 264 8.63 31.91 -13.71
N LYS D 265 8.72 32.91 -14.59
CA LYS D 265 9.92 33.09 -15.40
C LYS D 265 11.14 33.35 -14.52
N GLU D 266 10.94 33.91 -13.33
CA GLU D 266 12.05 34.14 -12.42
C GLU D 266 12.62 32.83 -11.90
N ASN D 267 11.76 31.88 -11.58
CA ASN D 267 12.23 30.60 -11.04
C ASN D 267 12.93 29.76 -12.10
N LEU D 268 12.46 29.84 -13.36
CA LEU D 268 13.04 29.00 -14.41
C LEU D 268 14.45 29.47 -14.78
N LEU D 269 14.63 30.78 -14.95
CA LEU D 269 15.96 31.29 -15.26
C LEU D 269 16.93 31.04 -14.11
N GLY D 270 16.44 31.10 -12.88
CA GLY D 270 17.28 30.71 -11.74
C GLY D 270 17.68 29.25 -11.81
N LEU D 271 16.78 28.39 -12.27
CA LEU D 271 17.10 26.96 -12.37
C LEU D 271 18.13 26.70 -13.46
N LEU D 272 17.97 27.35 -14.62
CA LEU D 272 18.92 27.14 -15.72
C LEU D 272 20.31 27.64 -15.34
N GLN D 273 20.39 28.82 -14.73
CA GLN D 273 21.68 29.32 -14.27
C GLN D 273 22.30 28.41 -13.22
N ALA D 274 21.47 27.79 -12.38
CA ALA D 274 21.98 26.87 -11.36
C ALA D 274 22.58 25.63 -12.00
N VAL D 275 21.87 25.06 -12.99
CA VAL D 275 22.40 23.90 -13.70
C VAL D 275 23.70 24.27 -14.41
N ARG D 276 23.77 25.46 -15.00
CA ARG D 276 24.99 25.91 -15.65
C ARG D 276 26.15 25.99 -14.67
N GLU D 277 25.88 26.37 -13.42
CA GLU D 277 26.94 26.40 -12.41
C GLU D 277 27.22 25.00 -11.85
N TYR D 278 26.20 24.14 -11.78
CA TYR D 278 26.40 22.81 -11.24
C TYR D 278 27.24 21.94 -12.18
N THR D 279 26.99 22.03 -13.48
CA THR D 279 27.71 21.20 -14.44
C THR D 279 29.17 21.63 -14.61
N ALA D 280 29.51 22.85 -14.20
CA ALA D 280 30.89 23.32 -14.38
C ALA D 280 31.82 22.76 -13.32
N VAL D 281 31.34 22.59 -12.10
CA VAL D 281 32.15 22.10 -10.99
C VAL D 281 32.08 20.56 -10.99
N PRO D 282 33.18 19.87 -11.21
CA PRO D 282 33.14 18.40 -11.19
C PRO D 282 32.84 17.87 -9.80
N GLU D 283 32.20 16.70 -9.77
CA GLU D 283 31.87 16.08 -8.49
C GLU D 283 33.11 15.63 -7.72
N GLU D 284 34.25 15.50 -8.40
CA GLU D 284 35.47 15.10 -7.72
C GLU D 284 35.97 16.20 -6.78
N GLN D 285 36.08 17.43 -7.28
CA GLN D 285 36.51 18.53 -6.43
C GLN D 285 35.43 18.90 -5.41
N ARG D 286 34.16 18.66 -5.73
CA ARG D 286 33.09 18.98 -4.79
C ARG D 286 33.10 18.01 -3.62
N ALA D 287 33.43 16.74 -3.86
CA ALA D 287 33.43 15.75 -2.79
C ALA D 287 34.68 15.86 -1.92
N ALA D 288 35.84 16.08 -2.54
CA ALA D 288 37.08 16.19 -1.77
C ALA D 288 37.05 17.42 -0.86
N GLU D 289 36.54 18.54 -1.36
CA GLU D 289 36.42 19.73 -0.52
C GLU D 289 35.40 19.53 0.59
N GLN D 290 34.35 18.73 0.33
CA GLN D 290 33.36 18.46 1.36
C GLN D 290 33.91 17.52 2.43
N LEU D 291 34.68 16.50 2.00
CA LEU D 291 35.27 15.58 2.97
C LEU D 291 36.32 16.28 3.82
N GLU D 292 37.15 17.13 3.21
CA GLU D 292 38.16 17.86 3.97
C GLU D 292 37.53 18.90 4.89
N ARG D 293 36.35 19.44 4.52
CA ARG D 293 35.67 20.39 5.39
C ARG D 293 35.00 19.68 6.56
N MET D 294 34.47 18.48 6.34
CA MET D 294 33.84 17.71 7.41
C MET D 294 34.86 17.01 8.29
N THR D 295 36.05 16.71 7.78
CA THR D 295 37.08 16.12 8.62
C THR D 295 37.60 17.13 9.64
N LYS D 296 37.87 18.36 9.19
CA LYS D 296 38.29 19.42 10.11
C LYS D 296 37.14 19.85 11.02
N LEU D 297 35.90 19.73 10.55
CA LEU D 297 34.76 20.06 11.40
C LEU D 297 34.54 18.99 12.46
N ALA D 298 34.70 17.72 12.09
CA ALA D 298 34.58 16.64 13.08
C ALA D 298 35.74 16.62 14.05
N ALA D 299 36.89 17.18 13.68
CA ALA D 299 38.04 17.22 14.58
C ALA D 299 37.76 18.14 15.77
N ARG D 300 37.31 19.36 15.50
CA ARG D 300 36.96 20.28 16.57
C ARG D 300 35.68 19.85 17.29
N LEU D 301 34.87 18.99 16.66
CA LEU D 301 33.66 18.48 17.30
C LEU D 301 33.93 17.26 18.17
N ASP D 302 34.98 16.50 17.87
CA ASP D 302 35.32 15.34 18.69
C ASP D 302 35.91 15.74 20.04
N LYS D 303 36.44 16.96 20.15
CA LYS D 303 36.99 17.44 21.41
C LYS D 303 35.92 17.75 22.44
N ILE D 304 34.64 17.75 22.05
CA ILE D 304 33.54 18.01 22.98
C ILE D 304 33.32 16.77 23.82
N PRO D 305 33.12 16.91 25.12
CA PRO D 305 32.89 15.72 25.96
C PRO D 305 31.51 15.13 25.72
N GLY D 306 31.45 13.80 25.80
CA GLY D 306 30.19 13.09 25.59
C GLY D 306 29.70 13.10 24.16
N LEU D 307 30.57 13.37 23.20
CA LEU D 307 30.20 13.41 21.79
C LEU D 307 31.21 12.59 21.00
N SER D 308 30.74 11.49 20.41
CA SER D 308 31.58 10.64 19.56
C SER D 308 31.46 11.14 18.12
N ALA D 309 32.14 12.25 17.85
CA ALA D 309 32.07 12.89 16.55
C ALA D 309 33.08 12.26 15.60
N ARG D 310 32.58 11.64 14.54
CA ARG D 310 33.42 11.05 13.49
C ARG D 310 32.90 11.51 12.13
N THR D 311 33.63 11.14 11.09
CA THR D 311 33.28 11.47 9.71
C THR D 311 32.87 10.17 9.01
N ALA D 312 31.58 10.08 8.65
CA ALA D 312 31.03 8.89 8.02
C ALA D 312 30.39 9.27 6.69
N GLN D 313 30.70 8.52 5.65
CA GLN D 313 30.09 8.75 4.35
C GLN D 313 28.62 8.33 4.39
N ASP D 314 27.93 8.59 3.27
CA ASP D 314 26.51 8.26 3.19
C ASP D 314 26.31 6.76 3.30
N ASP D 315 25.38 6.36 4.17
CA ASP D 315 25.12 4.94 4.40
C ASP D 315 24.50 4.24 3.20
N SER D 316 23.99 5.01 2.24
CA SER D 316 23.38 4.44 1.04
C SER D 316 24.35 4.36 -0.14
N GLY D 317 25.59 4.81 0.04
CA GLY D 317 26.57 4.74 -1.02
C GLY D 317 26.58 5.96 -1.92
N ARG D 318 26.67 7.15 -1.35
CA ARG D 318 26.72 8.39 -2.09
C ARG D 318 27.97 9.19 -1.74
N THR D 319 28.25 10.21 -2.54
CA THR D 319 29.43 11.04 -2.35
C THR D 319 29.17 12.15 -1.35
N ILE D 320 28.31 11.87 -0.36
CA ILE D 320 27.97 12.83 0.68
C ILE D 320 28.64 12.40 1.97
N TYR D 321 29.27 13.35 2.65
CA TYR D 321 30.00 13.10 3.89
C TYR D 321 29.40 13.97 5.00
N ARG D 322 29.03 13.33 6.10
CA ARG D 322 28.45 14.01 7.25
C ARG D 322 29.30 13.73 8.49
N VAL D 323 28.94 14.38 9.59
CA VAL D 323 29.63 14.22 10.86
C VAL D 323 28.74 13.35 11.75
N LEU D 324 29.14 12.11 11.97
CA LEU D 324 28.38 11.19 12.80
C LEU D 324 28.69 11.43 14.27
N LEU D 325 27.67 11.81 15.03
CA LEU D 325 27.84 12.09 16.45
C LEU D 325 27.35 10.93 17.30
N SER D 335 20.87 12.91 27.00
CA SER D 335 19.95 12.30 26.03
C SER D 335 20.17 12.86 24.64
N ALA D 336 20.28 11.95 23.65
CA ALA D 336 20.52 12.39 22.29
C ALA D 336 19.30 13.11 21.71
N ALA D 337 18.11 12.57 21.95
CA ALA D 337 16.90 13.20 21.43
C ALA D 337 16.62 14.54 22.10
N THR D 338 17.01 14.69 23.37
CA THR D 338 16.80 15.95 24.07
C THR D 338 17.70 17.04 23.50
N LEU D 339 18.87 16.69 23.00
CA LEU D 339 19.78 17.69 22.44
C LEU D 339 19.25 18.23 21.12
N ALA D 340 18.56 17.41 20.34
CA ALA D 340 18.00 17.88 19.07
C ALA D 340 16.98 18.98 19.30
N GLU D 341 16.07 18.77 20.26
CA GLU D 341 15.10 19.80 20.58
C GLU D 341 15.77 21.05 21.16
N GLU D 342 16.94 20.88 21.78
CA GLU D 342 17.66 22.03 22.33
C GLU D 342 18.35 22.82 21.22
N MET D 343 18.86 22.13 20.19
CA MET D 343 19.53 22.82 19.10
C MET D 343 18.52 23.61 18.26
N ARG D 344 17.32 23.08 18.07
CA ARG D 344 16.31 23.80 17.31
C ARG D 344 15.74 24.97 18.09
N ALA D 345 15.77 24.90 19.42
CA ALA D 345 15.21 25.94 20.29
C ALA D 345 16.29 26.84 20.88
N GLY D 346 17.28 27.23 20.07
CA GLY D 346 18.31 28.15 20.48
C GLY D 346 18.22 29.48 19.74
N ILE D 347 19.13 30.38 20.10
CA ILE D 347 19.20 31.67 19.41
C ILE D 347 19.48 31.50 17.92
N PRO D 348 20.45 30.68 17.50
CA PRO D 348 20.47 30.26 16.10
C PRO D 348 19.84 28.89 15.94
N SER D 349 18.57 28.84 15.54
CA SER D 349 17.84 27.59 15.45
C SER D 349 18.54 26.61 14.53
N ILE D 350 19.32 25.70 15.12
CA ILE D 350 20.10 24.72 14.35
C ILE D 350 19.25 23.47 14.17
N TYR D 351 18.91 23.17 12.92
CA TYR D 351 18.15 21.96 12.59
C TYR D 351 19.14 20.86 12.21
N LEU D 352 19.33 19.91 13.11
CA LEU D 352 20.20 18.77 12.83
C LEU D 352 19.44 17.71 12.04
N ARG D 353 20.20 16.80 11.43
CA ARG D 353 19.64 15.70 10.65
C ARG D 353 19.26 14.58 11.61
N ASP D 354 17.96 14.43 11.88
CA ASP D 354 17.46 13.46 12.85
C ASP D 354 16.92 12.21 12.15
N PHE D 355 17.73 11.60 11.29
CA PHE D 355 17.34 10.35 10.65
C PHE D 355 17.83 9.13 11.44
N LYS D 356 18.98 9.25 12.11
CA LYS D 356 19.51 8.18 12.95
C LYS D 356 19.25 8.43 14.43
N LEU D 357 18.28 9.29 14.76
CA LEU D 357 17.94 9.50 16.16
C LEU D 357 17.36 8.25 16.81
N HIS D 358 16.72 7.39 16.00
CA HIS D 358 16.23 6.12 16.52
C HIS D 358 17.38 5.17 16.82
N LEU D 359 18.52 5.34 16.13
CA LEU D 359 19.71 4.52 16.36
C LEU D 359 20.62 5.13 17.42
N GLY D 360 20.20 6.20 18.08
CA GLY D 360 21.01 6.80 19.12
C GLY D 360 22.17 7.64 18.64
N GLN D 361 22.11 8.16 17.41
CA GLN D 361 23.18 8.98 16.86
C GLN D 361 22.56 10.19 16.16
N LEU D 362 23.42 11.15 15.83
CA LEU D 362 23.01 12.36 15.13
C LEU D 362 24.06 12.71 14.09
N GLU D 363 23.60 13.30 12.98
CA GLU D 363 24.46 13.65 11.86
C GLU D 363 24.45 15.15 11.63
N VAL D 364 25.42 15.61 10.85
CA VAL D 364 25.57 17.02 10.48
C VAL D 364 25.77 17.06 8.97
N ASP D 365 24.73 17.47 8.24
CA ASP D 365 24.76 17.50 6.78
C ASP D 365 25.35 18.83 6.31
N PRO D 366 26.38 18.81 5.46
CA PRO D 366 27.01 20.05 5.00
C PRO D 366 26.41 20.67 3.74
N ARG D 367 25.45 20.00 3.10
CA ARG D 367 24.93 20.49 1.82
C ARG D 367 24.23 21.83 1.95
N ALA D 368 23.83 22.23 3.17
CA ALA D 368 23.19 23.52 3.39
C ALA D 368 23.83 24.34 4.49
N LEU D 369 24.91 23.85 5.10
CA LEU D 369 25.53 24.53 6.24
C LEU D 369 26.54 25.54 5.72
N SER D 370 26.24 26.83 5.90
CA SER D 370 27.19 27.87 5.57
C SER D 370 28.40 27.81 6.50
N PRO D 371 29.53 28.37 6.09
CA PRO D 371 30.68 28.45 7.02
C PRO D 371 30.35 29.23 8.28
N ASP D 372 29.48 30.25 8.18
CA ASP D 372 29.01 30.92 9.39
C ASP D 372 28.13 30.00 10.23
N GLY D 373 27.35 29.14 9.59
CA GLY D 373 26.56 28.17 10.31
C GLY D 373 27.37 27.06 10.94
N GLU D 374 28.54 26.77 10.39
CA GLU D 374 29.42 25.78 11.01
C GLU D 374 29.93 26.27 12.35
N GLU D 375 30.44 27.50 12.41
CA GLU D 375 30.88 28.07 13.68
C GLU D 375 29.71 28.26 14.64
N SER D 376 28.51 28.51 14.11
CA SER D 376 27.34 28.63 14.97
C SER D 376 26.94 27.28 15.55
N VAL D 377 27.12 26.20 14.78
CA VAL D 377 26.77 24.87 15.27
C VAL D 377 27.77 24.37 16.30
N VAL D 378 28.97 24.95 16.34
CA VAL D 378 29.96 24.52 17.32
C VAL D 378 29.71 25.21 18.67
N ARG D 379 29.44 26.51 18.65
CA ARG D 379 29.22 27.24 19.89
C ARG D 379 27.92 26.82 20.57
N ARG D 380 26.90 26.46 19.79
CA ARG D 380 25.64 26.04 20.39
C ARG D 380 25.73 24.64 20.97
N LEU D 381 26.52 23.76 20.36
CA LEU D 381 26.69 22.40 20.85
C LEU D 381 27.67 22.30 22.02
N GLU D 382 28.04 23.43 22.62
CA GLU D 382 28.93 23.41 23.78
C GLU D 382 28.18 23.21 25.09
N GLU D 383 26.91 23.63 25.15
CA GLU D 383 26.12 23.50 26.36
C GLU D 383 25.86 22.03 26.69
#